data_3SRN
# 
_entry.id   3SRN 
# 
_audit_conform.dict_name       mmcif_pdbx.dic 
_audit_conform.dict_version    5.397 
_audit_conform.dict_location   http://mmcif.pdb.org/dictionaries/ascii/mmcif_pdbx.dic 
# 
loop_
_database_2.database_id 
_database_2.database_code 
_database_2.pdbx_database_accession 
_database_2.pdbx_DOI 
PDB   3SRN         pdb_00003srn 10.2210/pdb3srn/pdb 
WWPDB D_1000179156 ?            ?                   
# 
loop_
_pdbx_audit_revision_history.ordinal 
_pdbx_audit_revision_history.data_content_type 
_pdbx_audit_revision_history.major_revision 
_pdbx_audit_revision_history.minor_revision 
_pdbx_audit_revision_history.revision_date 
1 'Structure model' 1 0 1994-12-20 
2 'Structure model' 1 1 2008-03-25 
3 'Structure model' 1 2 2011-07-13 
4 'Structure model' 1 3 2013-01-16 
5 'Structure model' 1 4 2019-07-17 
6 'Structure model' 1 5 2019-08-14 
7 'Structure model' 1 6 2024-10-23 
# 
_pdbx_audit_revision_details.ordinal             1 
_pdbx_audit_revision_details.revision_ordinal    1 
_pdbx_audit_revision_details.data_content_type   'Structure model' 
_pdbx_audit_revision_details.provider            repository 
_pdbx_audit_revision_details.type                'Initial release' 
_pdbx_audit_revision_details.description         ? 
_pdbx_audit_revision_details.details             ? 
# 
loop_
_pdbx_audit_revision_group.ordinal 
_pdbx_audit_revision_group.revision_ordinal 
_pdbx_audit_revision_group.data_content_type 
_pdbx_audit_revision_group.group 
1  2 'Structure model' 'Version format compliance' 
2  3 'Structure model' 'Version format compliance' 
3  4 'Structure model' 'Structure summary'         
4  5 'Structure model' 'Data collection'           
5  5 'Structure model' Other                       
6  5 'Structure model' 'Refinement description'    
7  6 'Structure model' 'Data collection'           
8  6 'Structure model' 'Refinement description'    
9  7 'Structure model' 'Data collection'           
10 7 'Structure model' 'Database references'       
11 7 'Structure model' 'Derived calculations'      
12 7 'Structure model' 'Structure summary'         
# 
loop_
_pdbx_audit_revision_category.ordinal 
_pdbx_audit_revision_category.revision_ordinal 
_pdbx_audit_revision_category.data_content_type 
_pdbx_audit_revision_category.category 
1  5 'Structure model' pdbx_database_status      
2  5 'Structure model' software                  
3  6 'Structure model' software                  
4  7 'Structure model' chem_comp_atom            
5  7 'Structure model' chem_comp_bond            
6  7 'Structure model' database_2                
7  7 'Structure model' pdbx_entry_details        
8  7 'Structure model' pdbx_modification_feature 
9  7 'Structure model' struct_ref_seq_dif        
10 7 'Structure model' struct_site               
# 
loop_
_pdbx_audit_revision_item.ordinal 
_pdbx_audit_revision_item.revision_ordinal 
_pdbx_audit_revision_item.data_content_type 
_pdbx_audit_revision_item.item 
1  5 'Structure model' '_pdbx_database_status.process_site'           
2  5 'Structure model' '_software.classification'                     
3  6 'Structure model' '_software.classification'                     
4  7 'Structure model' '_database_2.pdbx_DOI'                         
5  7 'Structure model' '_database_2.pdbx_database_accession'          
6  7 'Structure model' '_pdbx_entry_details.has_protein_modification' 
7  7 'Structure model' '_struct_ref_seq_dif.details'                  
8  7 'Structure model' '_struct_site.pdbx_auth_asym_id'               
9  7 'Structure model' '_struct_site.pdbx_auth_comp_id'               
10 7 'Structure model' '_struct_site.pdbx_auth_seq_id'                
# 
_pdbx_database_status.status_code                     REL 
_pdbx_database_status.entry_id                        3SRN 
_pdbx_database_status.recvd_initial_deposition_date   1991-05-20 
_pdbx_database_status.deposit_site                    ? 
_pdbx_database_status.process_site                    BNL 
_pdbx_database_status.SG_entry                        . 
_pdbx_database_status.status_code_sf                  ? 
_pdbx_database_status.status_code_mr                  ? 
_pdbx_database_status.status_code_cs                  ? 
_pdbx_database_status.methods_development_category    ? 
_pdbx_database_status.pdb_format_compatible           Y 
_pdbx_database_status.status_code_nmr_data            ? 
# 
loop_
_audit_author.name 
_audit_author.pdbx_ordinal 
'deMel, V.S.J.'   1 
'Martin, P.D.'    2 
'Doscher, M.S.'   3 
'Edwards, B.F.P.' 4 
# 
_citation.id                        primary 
_citation.title                     
'Structural changes that accompany the reduced catalytic efficiency of two semisynthetic ribonuclease analogs.' 
_citation.journal_abbrev            J.Biol.Chem. 
_citation.journal_volume            267 
_citation.page_first                247 
_citation.page_last                 256 
_citation.year                      1992 
_citation.journal_id_ASTM           JBCHA3 
_citation.country                   US 
_citation.journal_id_ISSN           0021-9258 
_citation.journal_id_CSD            0071 
_citation.book_publisher            ? 
_citation.pdbx_database_id_PubMed   1730593 
_citation.pdbx_database_id_DOI      ? 
# 
loop_
_citation_author.citation_id 
_citation_author.name 
_citation_author.ordinal 
_citation_author.identifier_ORCID 
primary 'deMel, V.S.'   1 ? 
primary 'Martin, P.D.'  2 ? 
primary 'Doscher, M.S.' 3 ? 
primary 'Edwards, B.F.' 4 ? 
# 
loop_
_entity.id 
_entity.type 
_entity.src_method 
_entity.pdbx_description 
_entity.formula_weight 
_entity.pdbx_number_of_molecules 
_entity.pdbx_ec 
_entity.pdbx_mutation 
_entity.pdbx_fragment 
_entity.details 
1 polymer     man 'RIBONUCLEASE A' 12494.965 1   3.1.27.5 ? ? ? 
2 polymer     syn 'RIBONUCLEASE A' 1230.390  1   ?        ? ? ? 
3 non-polymer syn 'SULFATE ION'    96.063    1   ?        ? ? ? 
4 water       nat water            18.015    133 ?        ? ? ? 
# 
loop_
_entity_poly.entity_id 
_entity_poly.type 
_entity_poly.nstd_linkage 
_entity_poly.nstd_monomer 
_entity_poly.pdbx_seq_one_letter_code 
_entity_poly.pdbx_seq_one_letter_code_can 
_entity_poly.pdbx_strand_id 
_entity_poly.pdbx_target_identifier 
1 'polypeptide(L)' no no 
;KETAAAKFERQHMDSSTSAASSSNYCNQMMKSRNLTKDRCKPVNTFVHESLADVQAVCSQKNVACKNGQTNCYQSYSTMS
ITDCRETGSSKYPNCAYKTTQANKHIIVACEGN
;
;KETAAAKFERQHMDSSTSAASSSNYCNQMMKSRNLTKDRCKPVNTFVHESLADVQAVCSQKNVACKNGQTNCYQSYSTMS
ITDCRETGSSKYPNCAYKTTQANKHIIVACEGN
;
A ? 
2 'polypeptide(L)' no no PYVPVHFNASV PYVPVHFNASV B ? 
# 
loop_
_pdbx_entity_nonpoly.entity_id 
_pdbx_entity_nonpoly.name 
_pdbx_entity_nonpoly.comp_id 
3 'SULFATE ION' SO4 
4 water         HOH 
# 
loop_
_entity_poly_seq.entity_id 
_entity_poly_seq.num 
_entity_poly_seq.mon_id 
_entity_poly_seq.hetero 
1 1   LYS n 
1 2   GLU n 
1 3   THR n 
1 4   ALA n 
1 5   ALA n 
1 6   ALA n 
1 7   LYS n 
1 8   PHE n 
1 9   GLU n 
1 10  ARG n 
1 11  GLN n 
1 12  HIS n 
1 13  MET n 
1 14  ASP n 
1 15  SER n 
1 16  SER n 
1 17  THR n 
1 18  SER n 
1 19  ALA n 
1 20  ALA n 
1 21  SER n 
1 22  SER n 
1 23  SER n 
1 24  ASN n 
1 25  TYR n 
1 26  CYS n 
1 27  ASN n 
1 28  GLN n 
1 29  MET n 
1 30  MET n 
1 31  LYS n 
1 32  SER n 
1 33  ARG n 
1 34  ASN n 
1 35  LEU n 
1 36  THR n 
1 37  LYS n 
1 38  ASP n 
1 39  ARG n 
1 40  CYS n 
1 41  LYS n 
1 42  PRO n 
1 43  VAL n 
1 44  ASN n 
1 45  THR n 
1 46  PHE n 
1 47  VAL n 
1 48  HIS n 
1 49  GLU n 
1 50  SER n 
1 51  LEU n 
1 52  ALA n 
1 53  ASP n 
1 54  VAL n 
1 55  GLN n 
1 56  ALA n 
1 57  VAL n 
1 58  CYS n 
1 59  SER n 
1 60  GLN n 
1 61  LYS n 
1 62  ASN n 
1 63  VAL n 
1 64  ALA n 
1 65  CYS n 
1 66  LYS n 
1 67  ASN n 
1 68  GLY n 
1 69  GLN n 
1 70  THR n 
1 71  ASN n 
1 72  CYS n 
1 73  TYR n 
1 74  GLN n 
1 75  SER n 
1 76  TYR n 
1 77  SER n 
1 78  THR n 
1 79  MET n 
1 80  SER n 
1 81  ILE n 
1 82  THR n 
1 83  ASP n 
1 84  CYS n 
1 85  ARG n 
1 86  GLU n 
1 87  THR n 
1 88  GLY n 
1 89  SER n 
1 90  SER n 
1 91  LYS n 
1 92  TYR n 
1 93  PRO n 
1 94  ASN n 
1 95  CYS n 
1 96  ALA n 
1 97  TYR n 
1 98  LYS n 
1 99  THR n 
1 100 THR n 
1 101 GLN n 
1 102 ALA n 
1 103 ASN n 
1 104 LYS n 
1 105 HIS n 
1 106 ILE n 
1 107 ILE n 
1 108 VAL n 
1 109 ALA n 
1 110 CYS n 
1 111 GLU n 
1 112 GLY n 
1 113 ASN n 
2 1   PRO n 
2 2   TYR n 
2 3   VAL n 
2 4   PRO n 
2 5   VAL n 
2 6   HIS n 
2 7   PHE n 
2 8   ASN n 
2 9   ALA n 
2 10  SER n 
2 11  VAL n 
# 
_entity_src_gen.entity_id                          1 
_entity_src_gen.pdbx_src_id                        1 
_entity_src_gen.pdbx_alt_source_flag               sample 
_entity_src_gen.pdbx_seq_type                      ? 
_entity_src_gen.pdbx_beg_seq_num                   ? 
_entity_src_gen.pdbx_end_seq_num                   ? 
_entity_src_gen.gene_src_common_name               cattle 
_entity_src_gen.gene_src_genus                     Bos 
_entity_src_gen.pdbx_gene_src_gene                 ? 
_entity_src_gen.gene_src_species                   ? 
_entity_src_gen.gene_src_strain                    ? 
_entity_src_gen.gene_src_tissue                    ? 
_entity_src_gen.gene_src_tissue_fraction           ? 
_entity_src_gen.gene_src_details                   ? 
_entity_src_gen.pdbx_gene_src_fragment             ? 
_entity_src_gen.pdbx_gene_src_scientific_name      'Bos taurus' 
_entity_src_gen.pdbx_gene_src_ncbi_taxonomy_id     9913 
_entity_src_gen.pdbx_gene_src_variant              ? 
_entity_src_gen.pdbx_gene_src_cell_line            ? 
_entity_src_gen.pdbx_gene_src_atcc                 ? 
_entity_src_gen.pdbx_gene_src_organ                ? 
_entity_src_gen.pdbx_gene_src_organelle            ? 
_entity_src_gen.pdbx_gene_src_cell                 ? 
_entity_src_gen.pdbx_gene_src_cellular_location    ? 
_entity_src_gen.host_org_common_name               ? 
_entity_src_gen.pdbx_host_org_scientific_name      ? 
_entity_src_gen.pdbx_host_org_ncbi_taxonomy_id     ? 
_entity_src_gen.host_org_genus                     ? 
_entity_src_gen.pdbx_host_org_gene                 ? 
_entity_src_gen.pdbx_host_org_organ                ? 
_entity_src_gen.host_org_species                   ? 
_entity_src_gen.pdbx_host_org_tissue               ? 
_entity_src_gen.pdbx_host_org_tissue_fraction      ? 
_entity_src_gen.pdbx_host_org_strain               ? 
_entity_src_gen.pdbx_host_org_variant              ? 
_entity_src_gen.pdbx_host_org_cell_line            ? 
_entity_src_gen.pdbx_host_org_atcc                 ? 
_entity_src_gen.pdbx_host_org_culture_collection   ? 
_entity_src_gen.pdbx_host_org_cell                 ? 
_entity_src_gen.pdbx_host_org_organelle            ? 
_entity_src_gen.pdbx_host_org_cellular_location    ? 
_entity_src_gen.pdbx_host_org_vector_type          ? 
_entity_src_gen.pdbx_host_org_vector               ? 
_entity_src_gen.host_org_details                   ? 
_entity_src_gen.expression_system_id               ? 
_entity_src_gen.plasmid_name                       ? 
_entity_src_gen.plasmid_details                    ? 
_entity_src_gen.pdbx_description                   ? 
# 
loop_
_chem_comp.id 
_chem_comp.type 
_chem_comp.mon_nstd_flag 
_chem_comp.name 
_chem_comp.pdbx_synonyms 
_chem_comp.formula 
_chem_comp.formula_weight 
ALA 'L-peptide linking' y ALANINE         ? 'C3 H7 N O2'     89.093  
ARG 'L-peptide linking' y ARGININE        ? 'C6 H15 N4 O2 1' 175.209 
ASN 'L-peptide linking' y ASPARAGINE      ? 'C4 H8 N2 O3'    132.118 
ASP 'L-peptide linking' y 'ASPARTIC ACID' ? 'C4 H7 N O4'     133.103 
CYS 'L-peptide linking' y CYSTEINE        ? 'C3 H7 N O2 S'   121.158 
GLN 'L-peptide linking' y GLUTAMINE       ? 'C5 H10 N2 O3'   146.144 
GLU 'L-peptide linking' y 'GLUTAMIC ACID' ? 'C5 H9 N O4'     147.129 
GLY 'peptide linking'   y GLYCINE         ? 'C2 H5 N O2'     75.067  
HIS 'L-peptide linking' y HISTIDINE       ? 'C6 H10 N3 O2 1' 156.162 
HOH non-polymer         . WATER           ? 'H2 O'           18.015  
ILE 'L-peptide linking' y ISOLEUCINE      ? 'C6 H13 N O2'    131.173 
LEU 'L-peptide linking' y LEUCINE         ? 'C6 H13 N O2'    131.173 
LYS 'L-peptide linking' y LYSINE          ? 'C6 H15 N2 O2 1' 147.195 
MET 'L-peptide linking' y METHIONINE      ? 'C5 H11 N O2 S'  149.211 
PHE 'L-peptide linking' y PHENYLALANINE   ? 'C9 H11 N O2'    165.189 
PRO 'L-peptide linking' y PROLINE         ? 'C5 H9 N O2'     115.130 
SER 'L-peptide linking' y SERINE          ? 'C3 H7 N O3'     105.093 
SO4 non-polymer         . 'SULFATE ION'   ? 'O4 S -2'        96.063  
THR 'L-peptide linking' y THREONINE       ? 'C4 H9 N O3'     119.119 
TYR 'L-peptide linking' y TYROSINE        ? 'C9 H11 N O3'    181.189 
VAL 'L-peptide linking' y VALINE          ? 'C5 H11 N O2'    117.146 
# 
loop_
_pdbx_poly_seq_scheme.asym_id 
_pdbx_poly_seq_scheme.entity_id 
_pdbx_poly_seq_scheme.seq_id 
_pdbx_poly_seq_scheme.mon_id 
_pdbx_poly_seq_scheme.ndb_seq_num 
_pdbx_poly_seq_scheme.pdb_seq_num 
_pdbx_poly_seq_scheme.auth_seq_num 
_pdbx_poly_seq_scheme.pdb_mon_id 
_pdbx_poly_seq_scheme.auth_mon_id 
_pdbx_poly_seq_scheme.pdb_strand_id 
_pdbx_poly_seq_scheme.pdb_ins_code 
_pdbx_poly_seq_scheme.hetero 
A 1 1   LYS 1   1   1   LYS LYS A . n 
A 1 2   GLU 2   2   2   GLU GLU A . n 
A 1 3   THR 3   3   3   THR THR A . n 
A 1 4   ALA 4   4   4   ALA ALA A . n 
A 1 5   ALA 5   5   5   ALA ALA A . n 
A 1 6   ALA 6   6   6   ALA ALA A . n 
A 1 7   LYS 7   7   7   LYS LYS A . n 
A 1 8   PHE 8   8   8   PHE PHE A . n 
A 1 9   GLU 9   9   9   GLU GLU A . n 
A 1 10  ARG 10  10  10  ARG ARG A . n 
A 1 11  GLN 11  11  11  GLN GLN A . n 
A 1 12  HIS 12  12  12  HIS HIS A . n 
A 1 13  MET 13  13  13  MET MET A . n 
A 1 14  ASP 14  14  14  ASP ASP A . n 
A 1 15  SER 15  15  15  SER SER A . n 
A 1 16  SER 16  16  16  SER SER A . n 
A 1 17  THR 17  17  17  THR THR A . n 
A 1 18  SER 18  18  18  SER SER A . n 
A 1 19  ALA 19  19  19  ALA ALA A . n 
A 1 20  ALA 20  20  20  ALA ALA A . n 
A 1 21  SER 21  21  21  SER SER A . n 
A 1 22  SER 22  22  22  SER SER A . n 
A 1 23  SER 23  23  23  SER SER A . n 
A 1 24  ASN 24  24  24  ASN ASN A . n 
A 1 25  TYR 25  25  25  TYR TYR A . n 
A 1 26  CYS 26  26  26  CYS CYS A . n 
A 1 27  ASN 27  27  27  ASN ASN A . n 
A 1 28  GLN 28  28  28  GLN GLN A . n 
A 1 29  MET 29  29  29  MET MET A . n 
A 1 30  MET 30  30  30  MET MET A . n 
A 1 31  LYS 31  31  31  LYS LYS A . n 
A 1 32  SER 32  32  32  SER SER A . n 
A 1 33  ARG 33  33  33  ARG ARG A . n 
A 1 34  ASN 34  34  34  ASN ASN A . n 
A 1 35  LEU 35  35  35  LEU LEU A . n 
A 1 36  THR 36  36  36  THR THR A . n 
A 1 37  LYS 37  37  37  LYS LYS A . n 
A 1 38  ASP 38  38  38  ASP ASP A . n 
A 1 39  ARG 39  39  39  ARG ARG A . n 
A 1 40  CYS 40  40  40  CYS CYS A . n 
A 1 41  LYS 41  41  41  LYS LYS A . n 
A 1 42  PRO 42  42  42  PRO PRO A . n 
A 1 43  VAL 43  43  43  VAL VAL A . n 
A 1 44  ASN 44  44  44  ASN ASN A . n 
A 1 45  THR 45  45  45  THR THR A . n 
A 1 46  PHE 46  46  46  PHE PHE A . n 
A 1 47  VAL 47  47  47  VAL VAL A . n 
A 1 48  HIS 48  48  48  HIS HIS A . n 
A 1 49  GLU 49  49  49  GLU GLU A . n 
A 1 50  SER 50  50  50  SER SER A . n 
A 1 51  LEU 51  51  51  LEU LEU A . n 
A 1 52  ALA 52  52  52  ALA ALA A . n 
A 1 53  ASP 53  53  53  ASP ASP A . n 
A 1 54  VAL 54  54  54  VAL VAL A . n 
A 1 55  GLN 55  55  55  GLN GLN A . n 
A 1 56  ALA 56  56  56  ALA ALA A . n 
A 1 57  VAL 57  57  57  VAL VAL A . n 
A 1 58  CYS 58  58  58  CYS CYS A . n 
A 1 59  SER 59  59  59  SER SER A . n 
A 1 60  GLN 60  60  60  GLN GLN A . n 
A 1 61  LYS 61  61  61  LYS LYS A . n 
A 1 62  ASN 62  62  62  ASN ASN A . n 
A 1 63  VAL 63  63  63  VAL VAL A . n 
A 1 64  ALA 64  64  64  ALA ALA A . n 
A 1 65  CYS 65  65  65  CYS CYS A . n 
A 1 66  LYS 66  66  66  LYS LYS A . n 
A 1 67  ASN 67  67  67  ASN ASN A . n 
A 1 68  GLY 68  68  68  GLY GLY A . n 
A 1 69  GLN 69  69  69  GLN GLN A . n 
A 1 70  THR 70  70  70  THR THR A . n 
A 1 71  ASN 71  71  71  ASN ASN A . n 
A 1 72  CYS 72  72  72  CYS CYS A . n 
A 1 73  TYR 73  73  73  TYR TYR A . n 
A 1 74  GLN 74  74  74  GLN GLN A . n 
A 1 75  SER 75  75  75  SER SER A . n 
A 1 76  TYR 76  76  76  TYR TYR A . n 
A 1 77  SER 77  77  77  SER SER A . n 
A 1 78  THR 78  78  78  THR THR A . n 
A 1 79  MET 79  79  79  MET MET A . n 
A 1 80  SER 80  80  80  SER SER A . n 
A 1 81  ILE 81  81  81  ILE ILE A . n 
A 1 82  THR 82  82  82  THR THR A . n 
A 1 83  ASP 83  83  83  ASP ASP A . n 
A 1 84  CYS 84  84  84  CYS CYS A . n 
A 1 85  ARG 85  85  85  ARG ARG A . n 
A 1 86  GLU 86  86  86  GLU GLU A . n 
A 1 87  THR 87  87  87  THR THR A . n 
A 1 88  GLY 88  88  88  GLY GLY A . n 
A 1 89  SER 89  89  89  SER SER A . n 
A 1 90  SER 90  90  90  SER SER A . n 
A 1 91  LYS 91  91  91  LYS LYS A . n 
A 1 92  TYR 92  92  92  TYR TYR A . n 
A 1 93  PRO 93  93  93  PRO PRO A . n 
A 1 94  ASN 94  94  94  ASN ASN A . n 
A 1 95  CYS 95  95  95  CYS CYS A . n 
A 1 96  ALA 96  96  96  ALA ALA A . n 
A 1 97  TYR 97  97  97  TYR TYR A . n 
A 1 98  LYS 98  98  98  LYS LYS A . n 
A 1 99  THR 99  99  99  THR THR A . n 
A 1 100 THR 100 100 100 THR THR A . n 
A 1 101 GLN 101 101 101 GLN GLN A . n 
A 1 102 ALA 102 102 102 ALA ALA A . n 
A 1 103 ASN 103 103 103 ASN ASN A . n 
A 1 104 LYS 104 104 104 LYS LYS A . n 
A 1 105 HIS 105 105 105 HIS HIS A . n 
A 1 106 ILE 106 106 106 ILE ILE A . n 
A 1 107 ILE 107 107 107 ILE ILE A . n 
A 1 108 VAL 108 108 108 VAL VAL A . n 
A 1 109 ALA 109 109 109 ALA ALA A . n 
A 1 110 CYS 110 110 110 CYS CYS A . n 
A 1 111 GLU 111 111 111 GLU GLU A . n 
A 1 112 GLY 112 112 112 GLY GLY A . n 
A 1 113 ASN 113 113 113 ASN ASN A . n 
B 2 1   PRO 1   114 114 PRO PRO B . n 
B 2 2   TYR 2   115 115 TYR TYR B . n 
B 2 3   VAL 3   116 116 VAL VAL B . n 
B 2 4   PRO 4   117 117 PRO PRO B . n 
B 2 5   VAL 5   118 118 VAL VAL B . n 
B 2 6   HIS 6   119 119 HIS HIS B . n 
B 2 7   PHE 7   120 120 PHE PHE B . n 
B 2 8   ASN 8   121 121 ASN ASN B . n 
B 2 9   ALA 9   122 122 ALA ALA B . n 
B 2 10  SER 10  123 123 SER SER B . n 
B 2 11  VAL 11  124 124 VAL VAL B . n 
# 
loop_
_pdbx_nonpoly_scheme.asym_id 
_pdbx_nonpoly_scheme.entity_id 
_pdbx_nonpoly_scheme.mon_id 
_pdbx_nonpoly_scheme.ndb_seq_num 
_pdbx_nonpoly_scheme.pdb_seq_num 
_pdbx_nonpoly_scheme.auth_seq_num 
_pdbx_nonpoly_scheme.pdb_mon_id 
_pdbx_nonpoly_scheme.auth_mon_id 
_pdbx_nonpoly_scheme.pdb_strand_id 
_pdbx_nonpoly_scheme.pdb_ins_code 
C 3 SO4 1   125 125 SO4 SO4 B . 
D 4 HOH 1   126 126 HOH HOH A . 
D 4 HOH 2   127 127 HOH HOH A . 
D 4 HOH 3   128 128 HOH HOH A . 
D 4 HOH 4   129 129 HOH HOH A . 
D 4 HOH 5   130 130 HOH HOH A . 
D 4 HOH 6   131 131 HOH HOH A . 
D 4 HOH 7   132 132 HOH HOH A . 
D 4 HOH 8   133 133 HOH HOH A . 
D 4 HOH 9   134 134 HOH HOH A . 
D 4 HOH 10  135 135 HOH HOH A . 
D 4 HOH 11  136 136 HOH HOH A . 
D 4 HOH 12  137 137 HOH HOH A . 
D 4 HOH 13  138 138 HOH HOH A . 
D 4 HOH 14  139 139 HOH HOH A . 
D 4 HOH 15  140 140 HOH HOH A . 
D 4 HOH 16  142 142 HOH HOH A . 
D 4 HOH 17  143 143 HOH HOH A . 
D 4 HOH 18  144 144 HOH HOH A . 
D 4 HOH 19  145 145 HOH HOH A . 
D 4 HOH 20  146 146 HOH HOH A . 
D 4 HOH 21  147 147 HOH HOH A . 
D 4 HOH 22  148 148 HOH HOH A . 
D 4 HOH 23  149 149 HOH HOH A . 
D 4 HOH 24  151 151 HOH HOH A . 
D 4 HOH 25  152 152 HOH HOH A . 
D 4 HOH 26  153 153 HOH HOH A . 
D 4 HOH 27  155 155 HOH HOH A . 
D 4 HOH 28  156 156 HOH HOH A . 
D 4 HOH 29  157 157 HOH HOH A . 
D 4 HOH 30  158 158 HOH HOH A . 
D 4 HOH 31  159 159 HOH HOH A . 
D 4 HOH 32  160 160 HOH HOH A . 
D 4 HOH 33  161 161 HOH HOH A . 
D 4 HOH 34  162 162 HOH HOH A . 
D 4 HOH 35  163 163 HOH HOH A . 
D 4 HOH 36  164 164 HOH HOH A . 
D 4 HOH 37  165 165 HOH HOH A . 
D 4 HOH 38  166 166 HOH HOH A . 
D 4 HOH 39  167 167 HOH HOH A . 
D 4 HOH 40  168 168 HOH HOH A . 
D 4 HOH 41  170 170 HOH HOH A . 
D 4 HOH 42  171 171 HOH HOH A . 
D 4 HOH 43  172 172 HOH HOH A . 
D 4 HOH 44  173 173 HOH HOH A . 
D 4 HOH 45  174 174 HOH HOH A . 
D 4 HOH 46  175 175 HOH HOH A . 
D 4 HOH 47  176 176 HOH HOH A . 
D 4 HOH 48  178 178 HOH HOH A . 
D 4 HOH 49  179 179 HOH HOH A . 
D 4 HOH 50  180 180 HOH HOH A . 
D 4 HOH 51  181 181 HOH HOH A . 
D 4 HOH 52  182 182 HOH HOH A . 
D 4 HOH 53  183 183 HOH HOH A . 
D 4 HOH 54  184 184 HOH HOH A . 
D 4 HOH 55  185 185 HOH HOH A . 
D 4 HOH 56  186 186 HOH HOH A . 
D 4 HOH 57  187 187 HOH HOH A . 
D 4 HOH 58  188 188 HOH HOH A . 
D 4 HOH 59  189 189 HOH HOH A . 
D 4 HOH 60  190 190 HOH HOH A . 
D 4 HOH 61  193 193 HOH HOH A . 
D 4 HOH 62  194 194 HOH HOH A . 
D 4 HOH 63  195 195 HOH HOH A . 
D 4 HOH 64  196 196 HOH HOH A . 
D 4 HOH 65  197 197 HOH HOH A . 
D 4 HOH 66  198 198 HOH HOH A . 
D 4 HOH 67  199 199 HOH HOH A . 
D 4 HOH 68  200 200 HOH HOH A . 
D 4 HOH 69  201 201 HOH HOH A . 
D 4 HOH 70  202 202 HOH HOH A . 
D 4 HOH 71  203 203 HOH HOH A . 
D 4 HOH 72  204 204 HOH HOH A . 
D 4 HOH 73  205 205 HOH HOH A . 
D 4 HOH 74  206 206 HOH HOH A . 
D 4 HOH 75  207 207 HOH HOH A . 
D 4 HOH 76  208 208 HOH HOH A . 
D 4 HOH 77  209 209 HOH HOH A . 
D 4 HOH 78  210 210 HOH HOH A . 
D 4 HOH 79  211 211 HOH HOH A . 
D 4 HOH 80  212 212 HOH HOH A . 
D 4 HOH 81  213 213 HOH HOH A . 
D 4 HOH 82  214 214 HOH HOH A . 
D 4 HOH 83  217 217 HOH HOH A . 
D 4 HOH 84  219 219 HOH HOH A . 
D 4 HOH 85  221 221 HOH HOH A . 
D 4 HOH 86  222 222 HOH HOH A . 
D 4 HOH 87  224 224 HOH HOH A . 
D 4 HOH 88  225 225 HOH HOH A . 
D 4 HOH 89  226 226 HOH HOH A . 
D 4 HOH 90  227 227 HOH HOH A . 
D 4 HOH 91  228 228 HOH HOH A . 
D 4 HOH 92  229 229 HOH HOH A . 
D 4 HOH 93  231 231 HOH HOH A . 
D 4 HOH 94  232 232 HOH HOH A . 
D 4 HOH 95  233 233 HOH HOH A . 
D 4 HOH 96  234 234 HOH HOH A . 
D 4 HOH 97  236 236 HOH HOH A . 
D 4 HOH 98  241 241 HOH HOH A . 
D 4 HOH 99  242 242 HOH HOH A . 
D 4 HOH 100 255 255 HOH HOH A . 
D 4 HOH 101 259 259 HOH HOH A . 
D 4 HOH 102 264 264 HOH HOH A . 
D 4 HOH 103 266 266 HOH HOH A . 
D 4 HOH 104 269 269 HOH HOH A . 
D 4 HOH 105 276 276 HOH HOH A . 
D 4 HOH 106 277 277 HOH HOH A . 
D 4 HOH 107 280 280 HOH HOH A . 
D 4 HOH 108 283 283 HOH HOH A . 
D 4 HOH 109 288 288 HOH HOH A . 
D 4 HOH 110 297 297 HOH HOH A . 
D 4 HOH 111 302 302 HOH HOH A . 
D 4 HOH 112 306 306 HOH HOH A . 
D 4 HOH 113 311 311 HOH HOH A . 
D 4 HOH 114 314 314 HOH HOH A . 
D 4 HOH 115 315 315 HOH HOH A . 
D 4 HOH 116 316 316 HOH HOH A . 
D 4 HOH 117 332 332 HOH HOH A . 
D 4 HOH 118 333 333 HOH HOH A . 
D 4 HOH 119 335 335 HOH HOH A . 
D 4 HOH 120 339 339 HOH HOH A . 
D 4 HOH 121 347 347 HOH HOH A . 
D 4 HOH 122 350 350 HOH HOH A . 
D 4 HOH 123 351 351 HOH HOH A . 
D 4 HOH 124 352 352 HOH HOH A . 
E 4 HOH 1   150 150 HOH HOH B . 
E 4 HOH 2   154 154 HOH HOH B . 
E 4 HOH 3   191 191 HOH HOH B . 
E 4 HOH 4   216 216 HOH HOH B . 
E 4 HOH 5   218 218 HOH HOH B . 
E 4 HOH 6   223 223 HOH HOH B . 
E 4 HOH 7   293 293 HOH HOH B . 
E 4 HOH 8   301 301 HOH HOH B . 
E 4 HOH 9   346 346 HOH HOH B . 
# 
loop_
_software.name 
_software.classification 
_software.version 
_software.citation_id 
_software.pdbx_ordinal 
X-PLOR 'model building' . ? 1 
PROLSQ refinement       . ? 2 
X-PLOR refinement       . ? 3 
X-PLOR phasing          . ? 4 
# 
_cell.entry_id           3SRN 
_cell.length_a           64.700 
_cell.length_b           64.700 
_cell.length_c           64.900 
_cell.angle_alpha        90.00 
_cell.angle_beta         90.00 
_cell.angle_gamma        120.00 
_cell.Z_PDB              6 
_cell.pdbx_unique_axis   ? 
_cell.length_a_esd       ? 
_cell.length_b_esd       ? 
_cell.length_c_esd       ? 
_cell.angle_alpha_esd    ? 
_cell.angle_beta_esd     ? 
_cell.angle_gamma_esd    ? 
# 
_symmetry.entry_id                         3SRN 
_symmetry.space_group_name_H-M             'P 32 2 1' 
_symmetry.pdbx_full_space_group_name_H-M   ? 
_symmetry.cell_setting                     ? 
_symmetry.Int_Tables_number                154 
_symmetry.space_group_name_Hall            ? 
# 
_exptl.entry_id          3SRN 
_exptl.method            'X-RAY DIFFRACTION' 
_exptl.crystals_number   ? 
# 
_exptl_crystal.id                    1 
_exptl_crystal.density_meas          ? 
_exptl_crystal.density_Matthews      2.86 
_exptl_crystal.density_percent_sol   56.93 
_exptl_crystal.description           ? 
_exptl_crystal.F_000                 ? 
_exptl_crystal.preparation           ? 
# 
_exptl_crystal_grow.crystal_id      1 
_exptl_crystal_grow.method          ? 
_exptl_crystal_grow.temp            ? 
_exptl_crystal_grow.temp_details    ? 
_exptl_crystal_grow.pH              ? 
_exptl_crystal_grow.pdbx_pH_range   ? 
_exptl_crystal_grow.pdbx_details    
;THE MOTHER LIQUOR WAS 80 PERCENT SATURATED AMMONIUM
SULFATE, PH 5.2.
;
# 
_diffrn.id                     1 
_diffrn.ambient_temp           ? 
_diffrn.ambient_temp_details   ? 
_diffrn.crystal_id             1 
# 
_diffrn_radiation.diffrn_id                        1 
_diffrn_radiation.wavelength_id                    1 
_diffrn_radiation.monochromator                    ? 
_diffrn_radiation.pdbx_monochromatic_or_laue_m_l   ? 
_diffrn_radiation.pdbx_diffrn_protocol             ? 
_diffrn_radiation.pdbx_scattering_type             x-ray 
# 
_diffrn_radiation_wavelength.id           1 
_diffrn_radiation_wavelength.wavelength   . 
_diffrn_radiation_wavelength.wt           1.0 
# 
_reflns.entry_id                     3SRN 
_reflns.observed_criterion_sigma_I   ? 
_reflns.observed_criterion_sigma_F   2. 
_reflns.d_resolution_low             ? 
_reflns.d_resolution_high            ? 
_reflns.number_obs                   ? 
_reflns.number_all                   ? 
_reflns.percent_possible_obs         ? 
_reflns.pdbx_Rmerge_I_obs            ? 
_reflns.pdbx_Rsym_value              ? 
_reflns.pdbx_netI_over_sigmaI        ? 
_reflns.B_iso_Wilson_estimate        ? 
_reflns.pdbx_redundancy              ? 
_reflns.R_free_details               ? 
_reflns.limit_h_max                  ? 
_reflns.limit_h_min                  ? 
_reflns.limit_k_max                  ? 
_reflns.limit_k_min                  ? 
_reflns.limit_l_max                  ? 
_reflns.limit_l_min                  ? 
_reflns.observed_criterion_F_max     ? 
_reflns.observed_criterion_F_min     ? 
_reflns.pdbx_chi_squared             ? 
_reflns.pdbx_scaling_rejects         ? 
_reflns.pdbx_ordinal                 1 
_reflns.pdbx_diffrn_id               1 
# 
_refine.entry_id                                 3SRN 
_refine.ls_number_reflns_obs                     ? 
_refine.ls_number_reflns_all                     ? 
_refine.pdbx_ls_sigma_I                          ? 
_refine.pdbx_ls_sigma_F                          ? 
_refine.pdbx_data_cutoff_high_absF               ? 
_refine.pdbx_data_cutoff_low_absF                ? 
_refine.pdbx_data_cutoff_high_rms_absF           ? 
_refine.ls_d_res_low                             5.0 
_refine.ls_d_res_high                            2.0 
_refine.ls_percent_reflns_obs                    ? 
_refine.ls_R_factor_obs                          0.186 
_refine.ls_R_factor_all                          ? 
_refine.ls_R_factor_R_work                       0.186 
_refine.ls_R_factor_R_free                       ? 
_refine.ls_R_factor_R_free_error                 ? 
_refine.ls_R_factor_R_free_error_details         ? 
_refine.ls_percent_reflns_R_free                 ? 
_refine.ls_number_reflns_R_free                  ? 
_refine.ls_number_parameters                     ? 
_refine.ls_number_restraints                     ? 
_refine.occupancy_min                            ? 
_refine.occupancy_max                            ? 
_refine.B_iso_mean                               ? 
_refine.aniso_B[1][1]                            ? 
_refine.aniso_B[2][2]                            ? 
_refine.aniso_B[3][3]                            ? 
_refine.aniso_B[1][2]                            ? 
_refine.aniso_B[1][3]                            ? 
_refine.aniso_B[2][3]                            ? 
_refine.solvent_model_details                    ? 
_refine.solvent_model_param_ksol                 ? 
_refine.solvent_model_param_bsol                 ? 
_refine.pdbx_ls_cross_valid_method               ? 
_refine.details                                  ? 
_refine.pdbx_starting_model                      ? 
_refine.pdbx_method_to_determine_struct          ? 
_refine.pdbx_isotropic_thermal_model             ? 
_refine.pdbx_stereochemistry_target_values       ? 
_refine.pdbx_stereochem_target_val_spec_case     ? 
_refine.pdbx_R_Free_selection_details            ? 
_refine.pdbx_overall_ESU_R                       ? 
_refine.pdbx_overall_ESU_R_Free                  ? 
_refine.overall_SU_ML                            ? 
_refine.overall_SU_B                             ? 
_refine.pdbx_refine_id                           'X-RAY DIFFRACTION' 
_refine.ls_redundancy_reflns_obs                 ? 
_refine.pdbx_overall_phase_error                 ? 
_refine.B_iso_min                                ? 
_refine.B_iso_max                                ? 
_refine.correlation_coeff_Fo_to_Fc               ? 
_refine.correlation_coeff_Fo_to_Fc_free          ? 
_refine.pdbx_solvent_vdw_probe_radii             ? 
_refine.pdbx_solvent_ion_probe_radii             ? 
_refine.pdbx_solvent_shrinkage_radii             ? 
_refine.overall_SU_R_Cruickshank_DPI             ? 
_refine.overall_SU_R_free                        ? 
_refine.ls_wR_factor_R_free                      ? 
_refine.ls_wR_factor_R_work                      ? 
_refine.overall_FOM_free_R_set                   ? 
_refine.overall_FOM_work_R_set                   ? 
_refine.pdbx_diffrn_id                           1 
_refine.pdbx_TLS_residual_ADP_flag               ? 
_refine.pdbx_overall_SU_R_free_Cruickshank_DPI   ? 
_refine.pdbx_overall_SU_R_Blow_DPI               ? 
_refine.pdbx_overall_SU_R_free_Blow_DPI          ? 
# 
_refine_hist.pdbx_refine_id                   'X-RAY DIFFRACTION' 
_refine_hist.cycle_id                         LAST 
_refine_hist.pdbx_number_atoms_protein        951 
_refine_hist.pdbx_number_atoms_nucleic_acid   0 
_refine_hist.pdbx_number_atoms_ligand         5 
_refine_hist.number_atoms_solvent             133 
_refine_hist.number_atoms_total               1089 
_refine_hist.d_res_high                       2.0 
_refine_hist.d_res_low                        5.0 
# 
loop_
_refine_ls_restr.type 
_refine_ls_restr.dev_ideal 
_refine_ls_restr.dev_ideal_target 
_refine_ls_restr.weight 
_refine_ls_restr.number 
_refine_ls_restr.pdbx_refine_id 
_refine_ls_restr.pdbx_restraint_function 
x_bond_d                0.025 ? ? ? 'X-RAY DIFFRACTION' ? 
x_bond_d_na             ?     ? ? ? 'X-RAY DIFFRACTION' ? 
x_bond_d_prot           ?     ? ? ? 'X-RAY DIFFRACTION' ? 
x_angle_d               ?     ? ? ? 'X-RAY DIFFRACTION' ? 
x_angle_d_na            ?     ? ? ? 'X-RAY DIFFRACTION' ? 
x_angle_d_prot          ?     ? ? ? 'X-RAY DIFFRACTION' ? 
x_angle_deg             ?     ? ? ? 'X-RAY DIFFRACTION' ? 
x_angle_deg_na          ?     ? ? ? 'X-RAY DIFFRACTION' ? 
x_angle_deg_prot        ?     ? ? ? 'X-RAY DIFFRACTION' ? 
x_dihedral_angle_d      ?     ? ? ? 'X-RAY DIFFRACTION' ? 
x_dihedral_angle_d_na   ?     ? ? ? 'X-RAY DIFFRACTION' ? 
x_dihedral_angle_d_prot ?     ? ? ? 'X-RAY DIFFRACTION' ? 
x_improper_angle_d      ?     ? ? ? 'X-RAY DIFFRACTION' ? 
x_improper_angle_d_na   ?     ? ? ? 'X-RAY DIFFRACTION' ? 
x_improper_angle_d_prot ?     ? ? ? 'X-RAY DIFFRACTION' ? 
x_mcbond_it             ?     ? ? ? 'X-RAY DIFFRACTION' ? 
x_mcangle_it            ?     ? ? ? 'X-RAY DIFFRACTION' ? 
x_scbond_it             ?     ? ? ? 'X-RAY DIFFRACTION' ? 
x_scangle_it            ?     ? ? ? 'X-RAY DIFFRACTION' ? 
# 
_struct.entry_id                  3SRN 
_struct.title                     
'STRUCTURAL CHANGES THAT ACCOMPANY THE REDUCED CATALYTIC EFFICIENCY OF TWO SEMISYNTHETIC RIBONUCLEASE ANALOGS' 
_struct.pdbx_model_details        ? 
_struct.pdbx_CASP_flag            ? 
_struct.pdbx_model_type_details   ? 
# 
_struct_keywords.entry_id        3SRN 
_struct_keywords.pdbx_keywords   'HYDROLASE(NUCLEIC ACID,RNA)' 
_struct_keywords.text            'HYDROLASE(NUCLEIC ACID, RNA)' 
# 
loop_
_struct_asym.id 
_struct_asym.pdbx_blank_PDB_chainid_flag 
_struct_asym.pdbx_modified 
_struct_asym.entity_id 
_struct_asym.details 
A N N 1 ? 
B N N 2 ? 
C N N 3 ? 
D N N 4 ? 
E N N 4 ? 
# 
loop_
_struct_ref.id 
_struct_ref.db_name 
_struct_ref.db_code 
_struct_ref.entity_id 
_struct_ref.pdbx_db_accession 
_struct_ref.pdbx_align_begin 
_struct_ref.pdbx_seq_one_letter_code 
_struct_ref.pdbx_db_isoform 
1 UNP RNAS1_BOVIN 1 P61823 1 
;MALKSLVLLSLLVLVLLLVRVQPSLGKETAAAKFERQHMDSSTSAASSSNYCNQMMKSRNLTKDRCKPVNTFVHESLADV
QAVCSQKNVACKNGQTNCYQSYSTMSITDCRETGSSKYPNCAYKTTQANKHIIVACEGNPYVPVHFDASV
;
? 
2 UNP RNAS1_BOVIN 2 P61823 1 
;KETAAAKFERQHMDSSTSSASSSNYCNQMMKSRDMTKDRCKPVNTFVHZSLABVZAVCSZKBVACKBGZTBCYZSYSTMS
ITBCRZTGSSKYPBCAYKTTZAZKHIIVACZGBPYVPVHFBASV
;
? 
# 
loop_
_struct_ref_seq.align_id 
_struct_ref_seq.ref_id 
_struct_ref_seq.pdbx_PDB_id_code 
_struct_ref_seq.pdbx_strand_id 
_struct_ref_seq.seq_align_beg 
_struct_ref_seq.pdbx_seq_align_beg_ins_code 
_struct_ref_seq.seq_align_end 
_struct_ref_seq.pdbx_seq_align_end_ins_code 
_struct_ref_seq.pdbx_db_accession 
_struct_ref_seq.db_align_beg 
_struct_ref_seq.pdbx_db_align_beg_ins_code 
_struct_ref_seq.db_align_end 
_struct_ref_seq.pdbx_db_align_end_ins_code 
_struct_ref_seq.pdbx_auth_seq_align_beg 
_struct_ref_seq.pdbx_auth_seq_align_end 
1 1 3SRN A 1 ? 113 ? P61823 27 ? 139 ? 1   113 
2 2 3SRN B 1 ? 10  ? P61823 98 ? 106 ? 114 123 
# 
_struct_ref_seq_dif.align_id                     2 
_struct_ref_seq_dif.pdbx_pdb_id_code             3SRN 
_struct_ref_seq_dif.mon_id                       ASN 
_struct_ref_seq_dif.pdbx_pdb_strand_id           B 
_struct_ref_seq_dif.seq_num                      8 
_struct_ref_seq_dif.pdbx_pdb_ins_code            ? 
_struct_ref_seq_dif.pdbx_seq_db_name             UNP 
_struct_ref_seq_dif.pdbx_seq_db_accession_code   P61823 
_struct_ref_seq_dif.db_mon_id                    ? 
_struct_ref_seq_dif.pdbx_seq_db_seq_num          ? 
_struct_ref_seq_dif.details                      insertion 
_struct_ref_seq_dif.pdbx_auth_seq_num            121 
_struct_ref_seq_dif.pdbx_ordinal                 1 
# 
_pdbx_struct_assembly.id                   1 
_pdbx_struct_assembly.details              author_and_software_defined_assembly 
_pdbx_struct_assembly.method_details       PISA 
_pdbx_struct_assembly.oligomeric_details   dimeric 
_pdbx_struct_assembly.oligomeric_count     2 
# 
loop_
_pdbx_struct_assembly_prop.biol_id 
_pdbx_struct_assembly_prop.type 
_pdbx_struct_assembly_prop.value 
_pdbx_struct_assembly_prop.details 
1 'ABSA (A^2)' 1970 ? 
1 MORE         -26  ? 
1 'SSA (A^2)'  6820 ? 
# 
_pdbx_struct_assembly_gen.assembly_id       1 
_pdbx_struct_assembly_gen.oper_expression   1 
_pdbx_struct_assembly_gen.asym_id_list      A,B,C,D,E 
# 
_pdbx_struct_oper_list.id                   1 
_pdbx_struct_oper_list.type                 'identity operation' 
_pdbx_struct_oper_list.name                 1_555 
_pdbx_struct_oper_list.symmetry_operation   x,y,z 
_pdbx_struct_oper_list.matrix[1][1]         1.0000000000 
_pdbx_struct_oper_list.matrix[1][2]         0.0000000000 
_pdbx_struct_oper_list.matrix[1][3]         0.0000000000 
_pdbx_struct_oper_list.vector[1]            0.0000000000 
_pdbx_struct_oper_list.matrix[2][1]         0.0000000000 
_pdbx_struct_oper_list.matrix[2][2]         1.0000000000 
_pdbx_struct_oper_list.matrix[2][3]         0.0000000000 
_pdbx_struct_oper_list.vector[2]            0.0000000000 
_pdbx_struct_oper_list.matrix[3][1]         0.0000000000 
_pdbx_struct_oper_list.matrix[3][2]         0.0000000000 
_pdbx_struct_oper_list.matrix[3][3]         1.0000000000 
_pdbx_struct_oper_list.vector[3]            0.0000000000 
# 
_struct_biol.id        1 
_struct_biol.details   ? 
# 
loop_
_struct_conf.conf_type_id 
_struct_conf.id 
_struct_conf.pdbx_PDB_helix_id 
_struct_conf.beg_label_comp_id 
_struct_conf.beg_label_asym_id 
_struct_conf.beg_label_seq_id 
_struct_conf.pdbx_beg_PDB_ins_code 
_struct_conf.end_label_comp_id 
_struct_conf.end_label_asym_id 
_struct_conf.end_label_seq_id 
_struct_conf.pdbx_end_PDB_ins_code 
_struct_conf.beg_auth_comp_id 
_struct_conf.beg_auth_asym_id 
_struct_conf.beg_auth_seq_id 
_struct_conf.end_auth_comp_id 
_struct_conf.end_auth_asym_id 
_struct_conf.end_auth_seq_id 
_struct_conf.pdbx_PDB_helix_class 
_struct_conf.details 
_struct_conf.pdbx_PDB_helix_length 
HELX_P HELX_P1 H1 THR A 3  ? MET A 13 ? THR A 3  MET A 13 1 ? 11 
HELX_P HELX_P2 H2 ASN A 24 ? ASN A 34 ? ASN A 24 ASN A 34 1 ? 11 
HELX_P HELX_P3 H3 SER A 50 ? GLN A 60 ? SER A 50 GLN A 60 1 ? 11 
# 
_struct_conf_type.id          HELX_P 
_struct_conf_type.criteria    ? 
_struct_conf_type.reference   ? 
# 
loop_
_struct_conn.id 
_struct_conn.conn_type_id 
_struct_conn.pdbx_leaving_atom_flag 
_struct_conn.pdbx_PDB_id 
_struct_conn.ptnr1_label_asym_id 
_struct_conn.ptnr1_label_comp_id 
_struct_conn.ptnr1_label_seq_id 
_struct_conn.ptnr1_label_atom_id 
_struct_conn.pdbx_ptnr1_label_alt_id 
_struct_conn.pdbx_ptnr1_PDB_ins_code 
_struct_conn.pdbx_ptnr1_standard_comp_id 
_struct_conn.ptnr1_symmetry 
_struct_conn.ptnr2_label_asym_id 
_struct_conn.ptnr2_label_comp_id 
_struct_conn.ptnr2_label_seq_id 
_struct_conn.ptnr2_label_atom_id 
_struct_conn.pdbx_ptnr2_label_alt_id 
_struct_conn.pdbx_ptnr2_PDB_ins_code 
_struct_conn.ptnr1_auth_asym_id 
_struct_conn.ptnr1_auth_comp_id 
_struct_conn.ptnr1_auth_seq_id 
_struct_conn.ptnr2_auth_asym_id 
_struct_conn.ptnr2_auth_comp_id 
_struct_conn.ptnr2_auth_seq_id 
_struct_conn.ptnr2_symmetry 
_struct_conn.pdbx_ptnr3_label_atom_id 
_struct_conn.pdbx_ptnr3_label_seq_id 
_struct_conn.pdbx_ptnr3_label_comp_id 
_struct_conn.pdbx_ptnr3_label_asym_id 
_struct_conn.pdbx_ptnr3_label_alt_id 
_struct_conn.pdbx_ptnr3_PDB_ins_code 
_struct_conn.details 
_struct_conn.pdbx_dist_value 
_struct_conn.pdbx_value_order 
_struct_conn.pdbx_role 
disulf1 disulf ? ? A CYS 26 SG ? ? ? 1_555 A CYS 84  SG ? ? A CYS 26 A CYS 84  1_555 ? ? ? ? ? ? ? 1.995 ? ? 
disulf2 disulf ? ? A CYS 40 SG ? ? ? 1_555 A CYS 95  SG ? ? A CYS 40 A CYS 95  1_555 ? ? ? ? ? ? ? 2.012 ? ? 
disulf3 disulf ? ? A CYS 58 SG ? ? ? 1_555 A CYS 110 SG ? ? A CYS 58 A CYS 110 1_555 ? ? ? ? ? ? ? 2.080 ? ? 
disulf4 disulf ? ? A CYS 65 SG ? ? ? 1_555 A CYS 72  SG ? ? A CYS 65 A CYS 72  1_555 ? ? ? ? ? ? ? 2.077 ? ? 
# 
_struct_conn_type.id          disulf 
_struct_conn_type.criteria    ? 
_struct_conn_type.reference   ? 
# 
loop_
_pdbx_modification_feature.ordinal 
_pdbx_modification_feature.label_comp_id 
_pdbx_modification_feature.label_asym_id 
_pdbx_modification_feature.label_seq_id 
_pdbx_modification_feature.label_alt_id 
_pdbx_modification_feature.modified_residue_label_comp_id 
_pdbx_modification_feature.modified_residue_label_asym_id 
_pdbx_modification_feature.modified_residue_label_seq_id 
_pdbx_modification_feature.modified_residue_label_alt_id 
_pdbx_modification_feature.auth_comp_id 
_pdbx_modification_feature.auth_asym_id 
_pdbx_modification_feature.auth_seq_id 
_pdbx_modification_feature.PDB_ins_code 
_pdbx_modification_feature.symmetry 
_pdbx_modification_feature.modified_residue_auth_comp_id 
_pdbx_modification_feature.modified_residue_auth_asym_id 
_pdbx_modification_feature.modified_residue_auth_seq_id 
_pdbx_modification_feature.modified_residue_PDB_ins_code 
_pdbx_modification_feature.modified_residue_symmetry 
_pdbx_modification_feature.comp_id_linking_atom 
_pdbx_modification_feature.modified_residue_id_linking_atom 
_pdbx_modification_feature.modified_residue_id 
_pdbx_modification_feature.ref_pcm_id 
_pdbx_modification_feature.ref_comp_id 
_pdbx_modification_feature.type 
_pdbx_modification_feature.category 
1 CYS A 26 ? CYS A 84  ? CYS A 26 ? 1_555 CYS A 84  ? 1_555 SG SG . . . None 'Disulfide bridge' 
2 CYS A 40 ? CYS A 95  ? CYS A 40 ? 1_555 CYS A 95  ? 1_555 SG SG . . . None 'Disulfide bridge' 
3 CYS A 58 ? CYS A 110 ? CYS A 58 ? 1_555 CYS A 110 ? 1_555 SG SG . . . None 'Disulfide bridge' 
4 CYS A 65 ? CYS A 72  ? CYS A 65 ? 1_555 CYS A 72  ? 1_555 SG SG . . . None 'Disulfide bridge' 
# 
loop_
_struct_mon_prot_cis.pdbx_id 
_struct_mon_prot_cis.label_comp_id 
_struct_mon_prot_cis.label_seq_id 
_struct_mon_prot_cis.label_asym_id 
_struct_mon_prot_cis.label_alt_id 
_struct_mon_prot_cis.pdbx_PDB_ins_code 
_struct_mon_prot_cis.auth_comp_id 
_struct_mon_prot_cis.auth_seq_id 
_struct_mon_prot_cis.auth_asym_id 
_struct_mon_prot_cis.pdbx_label_comp_id_2 
_struct_mon_prot_cis.pdbx_label_seq_id_2 
_struct_mon_prot_cis.pdbx_label_asym_id_2 
_struct_mon_prot_cis.pdbx_PDB_ins_code_2 
_struct_mon_prot_cis.pdbx_auth_comp_id_2 
_struct_mon_prot_cis.pdbx_auth_seq_id_2 
_struct_mon_prot_cis.pdbx_auth_asym_id_2 
_struct_mon_prot_cis.pdbx_PDB_model_num 
_struct_mon_prot_cis.pdbx_omega_angle 
1 LYS 1  A . ? LYS 1  A GLU 2  A ? GLU 2  A 1 -13.67 
2 TYR 92 A . ? TYR 92 A PRO 93 A ? PRO 93 A 1 0.00   
# 
_struct_sheet.id               S1 
_struct_sheet.type             ? 
_struct_sheet.number_strands   3 
_struct_sheet.details          ? 
# 
loop_
_struct_sheet_order.sheet_id 
_struct_sheet_order.range_id_1 
_struct_sheet_order.range_id_2 
_struct_sheet_order.offset 
_struct_sheet_order.sense 
S1 1 2 ? anti-parallel 
S1 2 3 ? anti-parallel 
# 
loop_
_struct_sheet_range.sheet_id 
_struct_sheet_range.id 
_struct_sheet_range.beg_label_comp_id 
_struct_sheet_range.beg_label_asym_id 
_struct_sheet_range.beg_label_seq_id 
_struct_sheet_range.pdbx_beg_PDB_ins_code 
_struct_sheet_range.end_label_comp_id 
_struct_sheet_range.end_label_asym_id 
_struct_sheet_range.end_label_seq_id 
_struct_sheet_range.pdbx_end_PDB_ins_code 
_struct_sheet_range.beg_auth_comp_id 
_struct_sheet_range.beg_auth_asym_id 
_struct_sheet_range.beg_auth_seq_id 
_struct_sheet_range.end_auth_comp_id 
_struct_sheet_range.end_auth_asym_id 
_struct_sheet_range.end_auth_seq_id 
S1 1 PRO A 42 ? HIS A 48  ? PRO A 42 HIS A 48  
S1 2 ASN A 71 ? TYR A 92  ? ASN A 71 TYR A 92  
S1 3 ASN A 94 ? CYS A 110 ? ASN A 94 CYS A 110 
# 
loop_
_pdbx_struct_sheet_hbond.sheet_id 
_pdbx_struct_sheet_hbond.range_id_1 
_pdbx_struct_sheet_hbond.range_id_2 
_pdbx_struct_sheet_hbond.range_1_label_atom_id 
_pdbx_struct_sheet_hbond.range_1_label_comp_id 
_pdbx_struct_sheet_hbond.range_1_label_asym_id 
_pdbx_struct_sheet_hbond.range_1_label_seq_id 
_pdbx_struct_sheet_hbond.range_1_PDB_ins_code 
_pdbx_struct_sheet_hbond.range_1_auth_atom_id 
_pdbx_struct_sheet_hbond.range_1_auth_comp_id 
_pdbx_struct_sheet_hbond.range_1_auth_asym_id 
_pdbx_struct_sheet_hbond.range_1_auth_seq_id 
_pdbx_struct_sheet_hbond.range_2_label_atom_id 
_pdbx_struct_sheet_hbond.range_2_label_comp_id 
_pdbx_struct_sheet_hbond.range_2_label_asym_id 
_pdbx_struct_sheet_hbond.range_2_label_seq_id 
_pdbx_struct_sheet_hbond.range_2_PDB_ins_code 
_pdbx_struct_sheet_hbond.range_2_auth_atom_id 
_pdbx_struct_sheet_hbond.range_2_auth_comp_id 
_pdbx_struct_sheet_hbond.range_2_auth_asym_id 
_pdbx_struct_sheet_hbond.range_2_auth_seq_id 
S1 1 2 O PHE A 46 ? O PHE A 46 N THR A 82  ? N THR A 82  
S1 2 3 O ILE A 81 ? O ILE A 81 N ALA A 102 ? N ALA A 102 
# 
_struct_site.id                   AC1 
_struct_site.pdbx_evidence_code   Software 
_struct_site.pdbx_auth_asym_id    B 
_struct_site.pdbx_auth_comp_id    SO4 
_struct_site.pdbx_auth_seq_id     125 
_struct_site.pdbx_auth_ins_code   ? 
_struct_site.pdbx_num_residues    6 
_struct_site.details              'BINDING SITE FOR RESIDUE SO4 B 125' 
# 
loop_
_struct_site_gen.id 
_struct_site_gen.site_id 
_struct_site_gen.pdbx_num_res 
_struct_site_gen.label_comp_id 
_struct_site_gen.label_asym_id 
_struct_site_gen.label_seq_id 
_struct_site_gen.pdbx_auth_ins_code 
_struct_site_gen.auth_comp_id 
_struct_site_gen.auth_asym_id 
_struct_site_gen.auth_seq_id 
_struct_site_gen.label_atom_id 
_struct_site_gen.label_alt_id 
_struct_site_gen.symmetry 
_struct_site_gen.details 
1 AC1 6 GLN A 11 ? GLN A 11  . ? 1_555 ? 
2 AC1 6 HIS A 12 ? HIS A 12  . ? 1_555 ? 
3 AC1 6 HOH D .  ? HOH A 153 . ? 1_555 ? 
4 AC1 6 HIS B 6  ? HIS B 119 . ? 1_555 ? 
5 AC1 6 PHE B 7  ? PHE B 120 . ? 1_555 ? 
6 AC1 6 HOH E .  ? HOH B 223 . ? 1_555 ? 
# 
_pdbx_entry_details.entry_id                   3SRN 
_pdbx_entry_details.compound_details           
;FEATURES OF THE STRUCTURE:

 1. IN SPITE OF AN EIGHT-RESIDUE REDUNDANCY BETWEEN RNASE
    1 - 118 AND RNASE 111 - 124(D121N), NO REDUNDANT
    STRUCTURE IS SEEN IN THE CRYSTAL.  RESIDUES 114 - 118
    OF RNASE 1 - 118 AND RESIDUES 111 - 113 OF RNASE 111 -
    124(D121N) DO NOT APPEAR IN THE MAP.
 2. HIS 119 IS PREDOMINANTLY IN THE CONFORMATION REPORTED
    BY MARTIN FOR THE PARENT STRUCTURE.
;
_pdbx_entry_details.source_details             ? 
_pdbx_entry_details.nonpolymer_details         ? 
_pdbx_entry_details.sequence_details           ? 
_pdbx_entry_details.has_ligand_of_interest     ? 
_pdbx_entry_details.has_protein_modification   Y 
# 
loop_
_pdbx_validate_close_contact.id 
_pdbx_validate_close_contact.PDB_model_num 
_pdbx_validate_close_contact.auth_atom_id_1 
_pdbx_validate_close_contact.auth_asym_id_1 
_pdbx_validate_close_contact.auth_comp_id_1 
_pdbx_validate_close_contact.auth_seq_id_1 
_pdbx_validate_close_contact.PDB_ins_code_1 
_pdbx_validate_close_contact.label_alt_id_1 
_pdbx_validate_close_contact.auth_atom_id_2 
_pdbx_validate_close_contact.auth_asym_id_2 
_pdbx_validate_close_contact.auth_comp_id_2 
_pdbx_validate_close_contact.auth_seq_id_2 
_pdbx_validate_close_contact.PDB_ins_code_2 
_pdbx_validate_close_contact.label_alt_id_2 
_pdbx_validate_close_contact.dist 
1  1 CG  A LYS 1   ? ? O   A HOH 136 ? ? 0.79 
2  1 CD  A LYS 1   ? ? O   A HOH 136 ? ? 1.13 
3  1 O   A LYS 1   ? ? N   A GLU 2   ? ? 1.29 
4  1 CB  A LYS 1   ? ? O   A HOH 136 ? ? 1.66 
5  1 CB  A GLU 49  ? ? O   A HOH 335 ? ? 1.89 
6  1 OE1 A GLN 28  ? ? O   A HOH 130 ? ? 1.92 
7  1 O   A HOH 168 ? ? O   A HOH 222 ? ? 1.97 
8  1 O   A ALA 5   ? ? O   A HOH 151 ? ? 2.08 
9  1 O   A ASN 113 ? ? O   A HOH 347 ? ? 2.08 
10 1 N   A ASN 67  ? ? O   A HOH 175 ? ? 2.12 
11 1 ND2 A ASN 67  ? ? NE2 A GLN 69  ? ? 2.13 
12 1 NZ  A LYS 31  ? ? O   A HOH 210 ? ? 2.17 
13 1 OG  A SER 32  ? ? O   A HOH 227 ? ? 2.19 
# 
loop_
_pdbx_validate_rmsd_bond.id 
_pdbx_validate_rmsd_bond.PDB_model_num 
_pdbx_validate_rmsd_bond.auth_atom_id_1 
_pdbx_validate_rmsd_bond.auth_asym_id_1 
_pdbx_validate_rmsd_bond.auth_comp_id_1 
_pdbx_validate_rmsd_bond.auth_seq_id_1 
_pdbx_validate_rmsd_bond.PDB_ins_code_1 
_pdbx_validate_rmsd_bond.label_alt_id_1 
_pdbx_validate_rmsd_bond.auth_atom_id_2 
_pdbx_validate_rmsd_bond.auth_asym_id_2 
_pdbx_validate_rmsd_bond.auth_comp_id_2 
_pdbx_validate_rmsd_bond.auth_seq_id_2 
_pdbx_validate_rmsd_bond.PDB_ins_code_2 
_pdbx_validate_rmsd_bond.label_alt_id_2 
_pdbx_validate_rmsd_bond.bond_value 
_pdbx_validate_rmsd_bond.bond_target_value 
_pdbx_validate_rmsd_bond.bond_deviation 
_pdbx_validate_rmsd_bond.bond_standard_deviation 
_pdbx_validate_rmsd_bond.linker_flag 
1 1 C  A LYS 1  ? ? N  A GLU 2  ? ? 0.954 1.336 -0.382 0.023 Y 
2 1 CD A ARG 39 ? ? NE A ARG 39 ? ? 1.351 1.460 -0.109 0.017 N 
3 1 CB A SER 77 ? ? OG A SER 77 ? ? 1.336 1.418 -0.082 0.013 N 
# 
loop_
_pdbx_validate_rmsd_angle.id 
_pdbx_validate_rmsd_angle.PDB_model_num 
_pdbx_validate_rmsd_angle.auth_atom_id_1 
_pdbx_validate_rmsd_angle.auth_asym_id_1 
_pdbx_validate_rmsd_angle.auth_comp_id_1 
_pdbx_validate_rmsd_angle.auth_seq_id_1 
_pdbx_validate_rmsd_angle.PDB_ins_code_1 
_pdbx_validate_rmsd_angle.label_alt_id_1 
_pdbx_validate_rmsd_angle.auth_atom_id_2 
_pdbx_validate_rmsd_angle.auth_asym_id_2 
_pdbx_validate_rmsd_angle.auth_comp_id_2 
_pdbx_validate_rmsd_angle.auth_seq_id_2 
_pdbx_validate_rmsd_angle.PDB_ins_code_2 
_pdbx_validate_rmsd_angle.label_alt_id_2 
_pdbx_validate_rmsd_angle.auth_atom_id_3 
_pdbx_validate_rmsd_angle.auth_asym_id_3 
_pdbx_validate_rmsd_angle.auth_comp_id_3 
_pdbx_validate_rmsd_angle.auth_seq_id_3 
_pdbx_validate_rmsd_angle.PDB_ins_code_3 
_pdbx_validate_rmsd_angle.label_alt_id_3 
_pdbx_validate_rmsd_angle.angle_value 
_pdbx_validate_rmsd_angle.angle_target_value 
_pdbx_validate_rmsd_angle.angle_deviation 
_pdbx_validate_rmsd_angle.angle_standard_deviation 
_pdbx_validate_rmsd_angle.linker_flag 
1  1 CA  A LYS 1   ? ? C  A LYS 1   ? ? N   A GLU 2   ? ? 164.73 117.20 47.53  2.20 Y 
2  1 O   A LYS 1   ? ? C  A LYS 1   ? ? N   A GLU 2   ? ? 71.63  122.70 -51.07 1.60 Y 
3  1 NE  A ARG 10  ? ? CZ A ARG 10  ? ? NH2 A ARG 10  ? ? 125.56 120.30 5.26   0.50 N 
4  1 N   A ALA 20  ? ? CA A ALA 20  ? ? CB  A ALA 20  ? ? 119.01 110.10 8.91   1.40 N 
5  1 C   A SER 21  ? ? N  A SER 22  ? ? CA  A SER 22  ? ? 140.19 121.70 18.49  2.50 Y 
6  1 CA  A MET 30  ? ? CB A MET 30  ? ? CG  A MET 30  ? ? 125.74 113.30 12.44  1.70 N 
7  1 NH1 A ARG 33  ? ? CZ A ARG 33  ? ? NH2 A ARG 33  ? ? 111.19 119.40 -8.21  1.10 N 
8  1 NE  A ARG 33  ? ? CZ A ARG 33  ? ? NH1 A ARG 33  ? ? 133.88 120.30 13.58  0.50 N 
9  1 NE  A ARG 33  ? ? CZ A ARG 33  ? ? NH2 A ARG 33  ? ? 114.80 120.30 -5.50  0.50 N 
10 1 CD  A ARG 39  ? ? NE A ARG 39  ? ? CZ  A ARG 39  ? ? 177.75 123.60 54.15  1.40 N 
11 1 NE  A ARG 39  ? ? CZ A ARG 39  ? ? NH1 A ARG 39  ? ? 123.88 120.30 3.58   0.50 N 
12 1 CA  A LYS 61  ? ? CB A LYS 61  ? ? CG  A LYS 61  ? ? 134.38 113.40 20.98  2.20 N 
13 1 CB  A LYS 61  ? ? CG A LYS 61  ? ? CD  A LYS 61  ? ? 130.36 111.60 18.76  2.60 N 
14 1 CG  A ARG 85  ? ? CD A ARG 85  ? ? NE  A ARG 85  ? ? 128.65 111.80 16.85  2.10 N 
15 1 CD  A ARG 85  ? ? NE A ARG 85  ? ? CZ  A ARG 85  ? ? 133.35 123.60 9.75   1.40 N 
16 1 NE  A ARG 85  ? ? CZ A ARG 85  ? ? NH1 A ARG 85  ? ? 124.61 120.30 4.31   0.50 N 
17 1 CA  B TYR 115 ? ? CB B TYR 115 ? ? CG  B TYR 115 ? ? 131.42 113.40 18.02  1.90 N 
18 1 N   B TYR 115 ? ? CA B TYR 115 ? ? C   B TYR 115 ? ? 94.43  111.00 -16.57 2.70 N 
19 1 C   B SER 123 ? ? N  B VAL 124 ? ? CA  B VAL 124 ? ? 144.96 121.70 23.26  2.50 Y 
# 
loop_
_pdbx_validate_torsion.id 
_pdbx_validate_torsion.PDB_model_num 
_pdbx_validate_torsion.auth_comp_id 
_pdbx_validate_torsion.auth_asym_id 
_pdbx_validate_torsion.auth_seq_id 
_pdbx_validate_torsion.PDB_ins_code 
_pdbx_validate_torsion.label_alt_id 
_pdbx_validate_torsion.phi 
_pdbx_validate_torsion.psi 
1 1 SER A 21 ? ? -39.15  -88.99  
2 1 THR A 36 ? ? -143.01 24.68   
3 1 HIS A 48 ? ? -97.58  56.20   
4 1 CYS A 58 ? ? -69.07  4.18    
5 1 GLN A 60 ? ? -102.03 -143.67 
6 1 ASN A 67 ? ? 166.13  -26.58  
7 1 SER A 89 ? ? -108.84 62.19   
# 
_pdbx_validate_main_chain_plane.id                       1 
_pdbx_validate_main_chain_plane.PDB_model_num            1 
_pdbx_validate_main_chain_plane.auth_comp_id             LYS 
_pdbx_validate_main_chain_plane.auth_asym_id             A 
_pdbx_validate_main_chain_plane.auth_seq_id              1 
_pdbx_validate_main_chain_plane.PDB_ins_code             ? 
_pdbx_validate_main_chain_plane.label_alt_id             ? 
_pdbx_validate_main_chain_plane.improper_torsion_angle   10.99 
# 
_pdbx_validate_polymer_linkage.id               1 
_pdbx_validate_polymer_linkage.PDB_model_num    1 
_pdbx_validate_polymer_linkage.auth_atom_id_1   C 
_pdbx_validate_polymer_linkage.auth_asym_id_1   A 
_pdbx_validate_polymer_linkage.auth_comp_id_1   LYS 
_pdbx_validate_polymer_linkage.auth_seq_id_1    1 
_pdbx_validate_polymer_linkage.PDB_ins_code_1   ? 
_pdbx_validate_polymer_linkage.label_alt_id_1   ? 
_pdbx_validate_polymer_linkage.auth_atom_id_2   N 
_pdbx_validate_polymer_linkage.auth_asym_id_2   A 
_pdbx_validate_polymer_linkage.auth_comp_id_2   GLU 
_pdbx_validate_polymer_linkage.auth_seq_id_2    2 
_pdbx_validate_polymer_linkage.PDB_ins_code_2   ? 
_pdbx_validate_polymer_linkage.label_alt_id_2   ? 
_pdbx_validate_polymer_linkage.dist             0.95 
# 
loop_
_chem_comp_atom.comp_id 
_chem_comp_atom.atom_id 
_chem_comp_atom.type_symbol 
_chem_comp_atom.pdbx_aromatic_flag 
_chem_comp_atom.pdbx_stereo_config 
_chem_comp_atom.pdbx_ordinal 
ALA N    N N N 1   
ALA CA   C N S 2   
ALA C    C N N 3   
ALA O    O N N 4   
ALA CB   C N N 5   
ALA OXT  O N N 6   
ALA H    H N N 7   
ALA H2   H N N 8   
ALA HA   H N N 9   
ALA HB1  H N N 10  
ALA HB2  H N N 11  
ALA HB3  H N N 12  
ALA HXT  H N N 13  
ARG N    N N N 14  
ARG CA   C N S 15  
ARG C    C N N 16  
ARG O    O N N 17  
ARG CB   C N N 18  
ARG CG   C N N 19  
ARG CD   C N N 20  
ARG NE   N N N 21  
ARG CZ   C N N 22  
ARG NH1  N N N 23  
ARG NH2  N N N 24  
ARG OXT  O N N 25  
ARG H    H N N 26  
ARG H2   H N N 27  
ARG HA   H N N 28  
ARG HB2  H N N 29  
ARG HB3  H N N 30  
ARG HG2  H N N 31  
ARG HG3  H N N 32  
ARG HD2  H N N 33  
ARG HD3  H N N 34  
ARG HE   H N N 35  
ARG HH11 H N N 36  
ARG HH12 H N N 37  
ARG HH21 H N N 38  
ARG HH22 H N N 39  
ARG HXT  H N N 40  
ASN N    N N N 41  
ASN CA   C N S 42  
ASN C    C N N 43  
ASN O    O N N 44  
ASN CB   C N N 45  
ASN CG   C N N 46  
ASN OD1  O N N 47  
ASN ND2  N N N 48  
ASN OXT  O N N 49  
ASN H    H N N 50  
ASN H2   H N N 51  
ASN HA   H N N 52  
ASN HB2  H N N 53  
ASN HB3  H N N 54  
ASN HD21 H N N 55  
ASN HD22 H N N 56  
ASN HXT  H N N 57  
ASP N    N N N 58  
ASP CA   C N S 59  
ASP C    C N N 60  
ASP O    O N N 61  
ASP CB   C N N 62  
ASP CG   C N N 63  
ASP OD1  O N N 64  
ASP OD2  O N N 65  
ASP OXT  O N N 66  
ASP H    H N N 67  
ASP H2   H N N 68  
ASP HA   H N N 69  
ASP HB2  H N N 70  
ASP HB3  H N N 71  
ASP HD2  H N N 72  
ASP HXT  H N N 73  
CYS N    N N N 74  
CYS CA   C N R 75  
CYS C    C N N 76  
CYS O    O N N 77  
CYS CB   C N N 78  
CYS SG   S N N 79  
CYS OXT  O N N 80  
CYS H    H N N 81  
CYS H2   H N N 82  
CYS HA   H N N 83  
CYS HB2  H N N 84  
CYS HB3  H N N 85  
CYS HG   H N N 86  
CYS HXT  H N N 87  
GLN N    N N N 88  
GLN CA   C N S 89  
GLN C    C N N 90  
GLN O    O N N 91  
GLN CB   C N N 92  
GLN CG   C N N 93  
GLN CD   C N N 94  
GLN OE1  O N N 95  
GLN NE2  N N N 96  
GLN OXT  O N N 97  
GLN H    H N N 98  
GLN H2   H N N 99  
GLN HA   H N N 100 
GLN HB2  H N N 101 
GLN HB3  H N N 102 
GLN HG2  H N N 103 
GLN HG3  H N N 104 
GLN HE21 H N N 105 
GLN HE22 H N N 106 
GLN HXT  H N N 107 
GLU N    N N N 108 
GLU CA   C N S 109 
GLU C    C N N 110 
GLU O    O N N 111 
GLU CB   C N N 112 
GLU CG   C N N 113 
GLU CD   C N N 114 
GLU OE1  O N N 115 
GLU OE2  O N N 116 
GLU OXT  O N N 117 
GLU H    H N N 118 
GLU H2   H N N 119 
GLU HA   H N N 120 
GLU HB2  H N N 121 
GLU HB3  H N N 122 
GLU HG2  H N N 123 
GLU HG3  H N N 124 
GLU HE2  H N N 125 
GLU HXT  H N N 126 
GLY N    N N N 127 
GLY CA   C N N 128 
GLY C    C N N 129 
GLY O    O N N 130 
GLY OXT  O N N 131 
GLY H    H N N 132 
GLY H2   H N N 133 
GLY HA2  H N N 134 
GLY HA3  H N N 135 
GLY HXT  H N N 136 
HIS N    N N N 137 
HIS CA   C N S 138 
HIS C    C N N 139 
HIS O    O N N 140 
HIS CB   C N N 141 
HIS CG   C Y N 142 
HIS ND1  N Y N 143 
HIS CD2  C Y N 144 
HIS CE1  C Y N 145 
HIS NE2  N Y N 146 
HIS OXT  O N N 147 
HIS H    H N N 148 
HIS H2   H N N 149 
HIS HA   H N N 150 
HIS HB2  H N N 151 
HIS HB3  H N N 152 
HIS HD1  H N N 153 
HIS HD2  H N N 154 
HIS HE1  H N N 155 
HIS HE2  H N N 156 
HIS HXT  H N N 157 
HOH O    O N N 158 
HOH H1   H N N 159 
HOH H2   H N N 160 
ILE N    N N N 161 
ILE CA   C N S 162 
ILE C    C N N 163 
ILE O    O N N 164 
ILE CB   C N S 165 
ILE CG1  C N N 166 
ILE CG2  C N N 167 
ILE CD1  C N N 168 
ILE OXT  O N N 169 
ILE H    H N N 170 
ILE H2   H N N 171 
ILE HA   H N N 172 
ILE HB   H N N 173 
ILE HG12 H N N 174 
ILE HG13 H N N 175 
ILE HG21 H N N 176 
ILE HG22 H N N 177 
ILE HG23 H N N 178 
ILE HD11 H N N 179 
ILE HD12 H N N 180 
ILE HD13 H N N 181 
ILE HXT  H N N 182 
LEU N    N N N 183 
LEU CA   C N S 184 
LEU C    C N N 185 
LEU O    O N N 186 
LEU CB   C N N 187 
LEU CG   C N N 188 
LEU CD1  C N N 189 
LEU CD2  C N N 190 
LEU OXT  O N N 191 
LEU H    H N N 192 
LEU H2   H N N 193 
LEU HA   H N N 194 
LEU HB2  H N N 195 
LEU HB3  H N N 196 
LEU HG   H N N 197 
LEU HD11 H N N 198 
LEU HD12 H N N 199 
LEU HD13 H N N 200 
LEU HD21 H N N 201 
LEU HD22 H N N 202 
LEU HD23 H N N 203 
LEU HXT  H N N 204 
LYS N    N N N 205 
LYS CA   C N S 206 
LYS C    C N N 207 
LYS O    O N N 208 
LYS CB   C N N 209 
LYS CG   C N N 210 
LYS CD   C N N 211 
LYS CE   C N N 212 
LYS NZ   N N N 213 
LYS OXT  O N N 214 
LYS H    H N N 215 
LYS H2   H N N 216 
LYS HA   H N N 217 
LYS HB2  H N N 218 
LYS HB3  H N N 219 
LYS HG2  H N N 220 
LYS HG3  H N N 221 
LYS HD2  H N N 222 
LYS HD3  H N N 223 
LYS HE2  H N N 224 
LYS HE3  H N N 225 
LYS HZ1  H N N 226 
LYS HZ2  H N N 227 
LYS HZ3  H N N 228 
LYS HXT  H N N 229 
MET N    N N N 230 
MET CA   C N S 231 
MET C    C N N 232 
MET O    O N N 233 
MET CB   C N N 234 
MET CG   C N N 235 
MET SD   S N N 236 
MET CE   C N N 237 
MET OXT  O N N 238 
MET H    H N N 239 
MET H2   H N N 240 
MET HA   H N N 241 
MET HB2  H N N 242 
MET HB3  H N N 243 
MET HG2  H N N 244 
MET HG3  H N N 245 
MET HE1  H N N 246 
MET HE2  H N N 247 
MET HE3  H N N 248 
MET HXT  H N N 249 
PHE N    N N N 250 
PHE CA   C N S 251 
PHE C    C N N 252 
PHE O    O N N 253 
PHE CB   C N N 254 
PHE CG   C Y N 255 
PHE CD1  C Y N 256 
PHE CD2  C Y N 257 
PHE CE1  C Y N 258 
PHE CE2  C Y N 259 
PHE CZ   C Y N 260 
PHE OXT  O N N 261 
PHE H    H N N 262 
PHE H2   H N N 263 
PHE HA   H N N 264 
PHE HB2  H N N 265 
PHE HB3  H N N 266 
PHE HD1  H N N 267 
PHE HD2  H N N 268 
PHE HE1  H N N 269 
PHE HE2  H N N 270 
PHE HZ   H N N 271 
PHE HXT  H N N 272 
PRO N    N N N 273 
PRO CA   C N S 274 
PRO C    C N N 275 
PRO O    O N N 276 
PRO CB   C N N 277 
PRO CG   C N N 278 
PRO CD   C N N 279 
PRO OXT  O N N 280 
PRO H    H N N 281 
PRO HA   H N N 282 
PRO HB2  H N N 283 
PRO HB3  H N N 284 
PRO HG2  H N N 285 
PRO HG3  H N N 286 
PRO HD2  H N N 287 
PRO HD3  H N N 288 
PRO HXT  H N N 289 
SER N    N N N 290 
SER CA   C N S 291 
SER C    C N N 292 
SER O    O N N 293 
SER CB   C N N 294 
SER OG   O N N 295 
SER OXT  O N N 296 
SER H    H N N 297 
SER H2   H N N 298 
SER HA   H N N 299 
SER HB2  H N N 300 
SER HB3  H N N 301 
SER HG   H N N 302 
SER HXT  H N N 303 
SO4 S    S N N 304 
SO4 O1   O N N 305 
SO4 O2   O N N 306 
SO4 O3   O N N 307 
SO4 O4   O N N 308 
THR N    N N N 309 
THR CA   C N S 310 
THR C    C N N 311 
THR O    O N N 312 
THR CB   C N R 313 
THR OG1  O N N 314 
THR CG2  C N N 315 
THR OXT  O N N 316 
THR H    H N N 317 
THR H2   H N N 318 
THR HA   H N N 319 
THR HB   H N N 320 
THR HG1  H N N 321 
THR HG21 H N N 322 
THR HG22 H N N 323 
THR HG23 H N N 324 
THR HXT  H N N 325 
TYR N    N N N 326 
TYR CA   C N S 327 
TYR C    C N N 328 
TYR O    O N N 329 
TYR CB   C N N 330 
TYR CG   C Y N 331 
TYR CD1  C Y N 332 
TYR CD2  C Y N 333 
TYR CE1  C Y N 334 
TYR CE2  C Y N 335 
TYR CZ   C Y N 336 
TYR OH   O N N 337 
TYR OXT  O N N 338 
TYR H    H N N 339 
TYR H2   H N N 340 
TYR HA   H N N 341 
TYR HB2  H N N 342 
TYR HB3  H N N 343 
TYR HD1  H N N 344 
TYR HD2  H N N 345 
TYR HE1  H N N 346 
TYR HE2  H N N 347 
TYR HH   H N N 348 
TYR HXT  H N N 349 
VAL N    N N N 350 
VAL CA   C N S 351 
VAL C    C N N 352 
VAL O    O N N 353 
VAL CB   C N N 354 
VAL CG1  C N N 355 
VAL CG2  C N N 356 
VAL OXT  O N N 357 
VAL H    H N N 358 
VAL H2   H N N 359 
VAL HA   H N N 360 
VAL HB   H N N 361 
VAL HG11 H N N 362 
VAL HG12 H N N 363 
VAL HG13 H N N 364 
VAL HG21 H N N 365 
VAL HG22 H N N 366 
VAL HG23 H N N 367 
VAL HXT  H N N 368 
# 
loop_
_chem_comp_bond.comp_id 
_chem_comp_bond.atom_id_1 
_chem_comp_bond.atom_id_2 
_chem_comp_bond.value_order 
_chem_comp_bond.pdbx_aromatic_flag 
_chem_comp_bond.pdbx_stereo_config 
_chem_comp_bond.pdbx_ordinal 
ALA N   CA   sing N N 1   
ALA N   H    sing N N 2   
ALA N   H2   sing N N 3   
ALA CA  C    sing N N 4   
ALA CA  CB   sing N N 5   
ALA CA  HA   sing N N 6   
ALA C   O    doub N N 7   
ALA C   OXT  sing N N 8   
ALA CB  HB1  sing N N 9   
ALA CB  HB2  sing N N 10  
ALA CB  HB3  sing N N 11  
ALA OXT HXT  sing N N 12  
ARG N   CA   sing N N 13  
ARG N   H    sing N N 14  
ARG N   H2   sing N N 15  
ARG CA  C    sing N N 16  
ARG CA  CB   sing N N 17  
ARG CA  HA   sing N N 18  
ARG C   O    doub N N 19  
ARG C   OXT  sing N N 20  
ARG CB  CG   sing N N 21  
ARG CB  HB2  sing N N 22  
ARG CB  HB3  sing N N 23  
ARG CG  CD   sing N N 24  
ARG CG  HG2  sing N N 25  
ARG CG  HG3  sing N N 26  
ARG CD  NE   sing N N 27  
ARG CD  HD2  sing N N 28  
ARG CD  HD3  sing N N 29  
ARG NE  CZ   sing N N 30  
ARG NE  HE   sing N N 31  
ARG CZ  NH1  sing N N 32  
ARG CZ  NH2  doub N N 33  
ARG NH1 HH11 sing N N 34  
ARG NH1 HH12 sing N N 35  
ARG NH2 HH21 sing N N 36  
ARG NH2 HH22 sing N N 37  
ARG OXT HXT  sing N N 38  
ASN N   CA   sing N N 39  
ASN N   H    sing N N 40  
ASN N   H2   sing N N 41  
ASN CA  C    sing N N 42  
ASN CA  CB   sing N N 43  
ASN CA  HA   sing N N 44  
ASN C   O    doub N N 45  
ASN C   OXT  sing N N 46  
ASN CB  CG   sing N N 47  
ASN CB  HB2  sing N N 48  
ASN CB  HB3  sing N N 49  
ASN CG  OD1  doub N N 50  
ASN CG  ND2  sing N N 51  
ASN ND2 HD21 sing N N 52  
ASN ND2 HD22 sing N N 53  
ASN OXT HXT  sing N N 54  
ASP N   CA   sing N N 55  
ASP N   H    sing N N 56  
ASP N   H2   sing N N 57  
ASP CA  C    sing N N 58  
ASP CA  CB   sing N N 59  
ASP CA  HA   sing N N 60  
ASP C   O    doub N N 61  
ASP C   OXT  sing N N 62  
ASP CB  CG   sing N N 63  
ASP CB  HB2  sing N N 64  
ASP CB  HB3  sing N N 65  
ASP CG  OD1  doub N N 66  
ASP CG  OD2  sing N N 67  
ASP OD2 HD2  sing N N 68  
ASP OXT HXT  sing N N 69  
CYS N   CA   sing N N 70  
CYS N   H    sing N N 71  
CYS N   H2   sing N N 72  
CYS CA  C    sing N N 73  
CYS CA  CB   sing N N 74  
CYS CA  HA   sing N N 75  
CYS C   O    doub N N 76  
CYS C   OXT  sing N N 77  
CYS CB  SG   sing N N 78  
CYS CB  HB2  sing N N 79  
CYS CB  HB3  sing N N 80  
CYS SG  HG   sing N N 81  
CYS OXT HXT  sing N N 82  
GLN N   CA   sing N N 83  
GLN N   H    sing N N 84  
GLN N   H2   sing N N 85  
GLN CA  C    sing N N 86  
GLN CA  CB   sing N N 87  
GLN CA  HA   sing N N 88  
GLN C   O    doub N N 89  
GLN C   OXT  sing N N 90  
GLN CB  CG   sing N N 91  
GLN CB  HB2  sing N N 92  
GLN CB  HB3  sing N N 93  
GLN CG  CD   sing N N 94  
GLN CG  HG2  sing N N 95  
GLN CG  HG3  sing N N 96  
GLN CD  OE1  doub N N 97  
GLN CD  NE2  sing N N 98  
GLN NE2 HE21 sing N N 99  
GLN NE2 HE22 sing N N 100 
GLN OXT HXT  sing N N 101 
GLU N   CA   sing N N 102 
GLU N   H    sing N N 103 
GLU N   H2   sing N N 104 
GLU CA  C    sing N N 105 
GLU CA  CB   sing N N 106 
GLU CA  HA   sing N N 107 
GLU C   O    doub N N 108 
GLU C   OXT  sing N N 109 
GLU CB  CG   sing N N 110 
GLU CB  HB2  sing N N 111 
GLU CB  HB3  sing N N 112 
GLU CG  CD   sing N N 113 
GLU CG  HG2  sing N N 114 
GLU CG  HG3  sing N N 115 
GLU CD  OE1  doub N N 116 
GLU CD  OE2  sing N N 117 
GLU OE2 HE2  sing N N 118 
GLU OXT HXT  sing N N 119 
GLY N   CA   sing N N 120 
GLY N   H    sing N N 121 
GLY N   H2   sing N N 122 
GLY CA  C    sing N N 123 
GLY CA  HA2  sing N N 124 
GLY CA  HA3  sing N N 125 
GLY C   O    doub N N 126 
GLY C   OXT  sing N N 127 
GLY OXT HXT  sing N N 128 
HIS N   CA   sing N N 129 
HIS N   H    sing N N 130 
HIS N   H2   sing N N 131 
HIS CA  C    sing N N 132 
HIS CA  CB   sing N N 133 
HIS CA  HA   sing N N 134 
HIS C   O    doub N N 135 
HIS C   OXT  sing N N 136 
HIS CB  CG   sing N N 137 
HIS CB  HB2  sing N N 138 
HIS CB  HB3  sing N N 139 
HIS CG  ND1  sing Y N 140 
HIS CG  CD2  doub Y N 141 
HIS ND1 CE1  doub Y N 142 
HIS ND1 HD1  sing N N 143 
HIS CD2 NE2  sing Y N 144 
HIS CD2 HD2  sing N N 145 
HIS CE1 NE2  sing Y N 146 
HIS CE1 HE1  sing N N 147 
HIS NE2 HE2  sing N N 148 
HIS OXT HXT  sing N N 149 
HOH O   H1   sing N N 150 
HOH O   H2   sing N N 151 
ILE N   CA   sing N N 152 
ILE N   H    sing N N 153 
ILE N   H2   sing N N 154 
ILE CA  C    sing N N 155 
ILE CA  CB   sing N N 156 
ILE CA  HA   sing N N 157 
ILE C   O    doub N N 158 
ILE C   OXT  sing N N 159 
ILE CB  CG1  sing N N 160 
ILE CB  CG2  sing N N 161 
ILE CB  HB   sing N N 162 
ILE CG1 CD1  sing N N 163 
ILE CG1 HG12 sing N N 164 
ILE CG1 HG13 sing N N 165 
ILE CG2 HG21 sing N N 166 
ILE CG2 HG22 sing N N 167 
ILE CG2 HG23 sing N N 168 
ILE CD1 HD11 sing N N 169 
ILE CD1 HD12 sing N N 170 
ILE CD1 HD13 sing N N 171 
ILE OXT HXT  sing N N 172 
LEU N   CA   sing N N 173 
LEU N   H    sing N N 174 
LEU N   H2   sing N N 175 
LEU CA  C    sing N N 176 
LEU CA  CB   sing N N 177 
LEU CA  HA   sing N N 178 
LEU C   O    doub N N 179 
LEU C   OXT  sing N N 180 
LEU CB  CG   sing N N 181 
LEU CB  HB2  sing N N 182 
LEU CB  HB3  sing N N 183 
LEU CG  CD1  sing N N 184 
LEU CG  CD2  sing N N 185 
LEU CG  HG   sing N N 186 
LEU CD1 HD11 sing N N 187 
LEU CD1 HD12 sing N N 188 
LEU CD1 HD13 sing N N 189 
LEU CD2 HD21 sing N N 190 
LEU CD2 HD22 sing N N 191 
LEU CD2 HD23 sing N N 192 
LEU OXT HXT  sing N N 193 
LYS N   CA   sing N N 194 
LYS N   H    sing N N 195 
LYS N   H2   sing N N 196 
LYS CA  C    sing N N 197 
LYS CA  CB   sing N N 198 
LYS CA  HA   sing N N 199 
LYS C   O    doub N N 200 
LYS C   OXT  sing N N 201 
LYS CB  CG   sing N N 202 
LYS CB  HB2  sing N N 203 
LYS CB  HB3  sing N N 204 
LYS CG  CD   sing N N 205 
LYS CG  HG2  sing N N 206 
LYS CG  HG3  sing N N 207 
LYS CD  CE   sing N N 208 
LYS CD  HD2  sing N N 209 
LYS CD  HD3  sing N N 210 
LYS CE  NZ   sing N N 211 
LYS CE  HE2  sing N N 212 
LYS CE  HE3  sing N N 213 
LYS NZ  HZ1  sing N N 214 
LYS NZ  HZ2  sing N N 215 
LYS NZ  HZ3  sing N N 216 
LYS OXT HXT  sing N N 217 
MET N   CA   sing N N 218 
MET N   H    sing N N 219 
MET N   H2   sing N N 220 
MET CA  C    sing N N 221 
MET CA  CB   sing N N 222 
MET CA  HA   sing N N 223 
MET C   O    doub N N 224 
MET C   OXT  sing N N 225 
MET CB  CG   sing N N 226 
MET CB  HB2  sing N N 227 
MET CB  HB3  sing N N 228 
MET CG  SD   sing N N 229 
MET CG  HG2  sing N N 230 
MET CG  HG3  sing N N 231 
MET SD  CE   sing N N 232 
MET CE  HE1  sing N N 233 
MET CE  HE2  sing N N 234 
MET CE  HE3  sing N N 235 
MET OXT HXT  sing N N 236 
PHE N   CA   sing N N 237 
PHE N   H    sing N N 238 
PHE N   H2   sing N N 239 
PHE CA  C    sing N N 240 
PHE CA  CB   sing N N 241 
PHE CA  HA   sing N N 242 
PHE C   O    doub N N 243 
PHE C   OXT  sing N N 244 
PHE CB  CG   sing N N 245 
PHE CB  HB2  sing N N 246 
PHE CB  HB3  sing N N 247 
PHE CG  CD1  doub Y N 248 
PHE CG  CD2  sing Y N 249 
PHE CD1 CE1  sing Y N 250 
PHE CD1 HD1  sing N N 251 
PHE CD2 CE2  doub Y N 252 
PHE CD2 HD2  sing N N 253 
PHE CE1 CZ   doub Y N 254 
PHE CE1 HE1  sing N N 255 
PHE CE2 CZ   sing Y N 256 
PHE CE2 HE2  sing N N 257 
PHE CZ  HZ   sing N N 258 
PHE OXT HXT  sing N N 259 
PRO N   CA   sing N N 260 
PRO N   CD   sing N N 261 
PRO N   H    sing N N 262 
PRO CA  C    sing N N 263 
PRO CA  CB   sing N N 264 
PRO CA  HA   sing N N 265 
PRO C   O    doub N N 266 
PRO C   OXT  sing N N 267 
PRO CB  CG   sing N N 268 
PRO CB  HB2  sing N N 269 
PRO CB  HB3  sing N N 270 
PRO CG  CD   sing N N 271 
PRO CG  HG2  sing N N 272 
PRO CG  HG3  sing N N 273 
PRO CD  HD2  sing N N 274 
PRO CD  HD3  sing N N 275 
PRO OXT HXT  sing N N 276 
SER N   CA   sing N N 277 
SER N   H    sing N N 278 
SER N   H2   sing N N 279 
SER CA  C    sing N N 280 
SER CA  CB   sing N N 281 
SER CA  HA   sing N N 282 
SER C   O    doub N N 283 
SER C   OXT  sing N N 284 
SER CB  OG   sing N N 285 
SER CB  HB2  sing N N 286 
SER CB  HB3  sing N N 287 
SER OG  HG   sing N N 288 
SER OXT HXT  sing N N 289 
SO4 S   O1   doub N N 290 
SO4 S   O2   doub N N 291 
SO4 S   O3   sing N N 292 
SO4 S   O4   sing N N 293 
THR N   CA   sing N N 294 
THR N   H    sing N N 295 
THR N   H2   sing N N 296 
THR CA  C    sing N N 297 
THR CA  CB   sing N N 298 
THR CA  HA   sing N N 299 
THR C   O    doub N N 300 
THR C   OXT  sing N N 301 
THR CB  OG1  sing N N 302 
THR CB  CG2  sing N N 303 
THR CB  HB   sing N N 304 
THR OG1 HG1  sing N N 305 
THR CG2 HG21 sing N N 306 
THR CG2 HG22 sing N N 307 
THR CG2 HG23 sing N N 308 
THR OXT HXT  sing N N 309 
TYR N   CA   sing N N 310 
TYR N   H    sing N N 311 
TYR N   H2   sing N N 312 
TYR CA  C    sing N N 313 
TYR CA  CB   sing N N 314 
TYR CA  HA   sing N N 315 
TYR C   O    doub N N 316 
TYR C   OXT  sing N N 317 
TYR CB  CG   sing N N 318 
TYR CB  HB2  sing N N 319 
TYR CB  HB3  sing N N 320 
TYR CG  CD1  doub Y N 321 
TYR CG  CD2  sing Y N 322 
TYR CD1 CE1  sing Y N 323 
TYR CD1 HD1  sing N N 324 
TYR CD2 CE2  doub Y N 325 
TYR CD2 HD2  sing N N 326 
TYR CE1 CZ   doub Y N 327 
TYR CE1 HE1  sing N N 328 
TYR CE2 CZ   sing Y N 329 
TYR CE2 HE2  sing N N 330 
TYR CZ  OH   sing N N 331 
TYR OH  HH   sing N N 332 
TYR OXT HXT  sing N N 333 
VAL N   CA   sing N N 334 
VAL N   H    sing N N 335 
VAL N   H2   sing N N 336 
VAL CA  C    sing N N 337 
VAL CA  CB   sing N N 338 
VAL CA  HA   sing N N 339 
VAL C   O    doub N N 340 
VAL C   OXT  sing N N 341 
VAL CB  CG1  sing N N 342 
VAL CB  CG2  sing N N 343 
VAL CB  HB   sing N N 344 
VAL CG1 HG11 sing N N 345 
VAL CG1 HG12 sing N N 346 
VAL CG1 HG13 sing N N 347 
VAL CG2 HG21 sing N N 348 
VAL CG2 HG22 sing N N 349 
VAL CG2 HG23 sing N N 350 
VAL OXT HXT  sing N N 351 
# 
_atom_sites.entry_id                    3SRN 
_atom_sites.fract_transf_matrix[1][1]   0.01781026 
_atom_sites.fract_transf_matrix[1][2]   0.00091621 
_atom_sites.fract_transf_matrix[1][3]   -0.00068037 
_atom_sites.fract_transf_matrix[2][1]   0.00798734 
_atom_sites.fract_transf_matrix[2][2]   0.00852861 
_atom_sites.fract_transf_matrix[2][3]   -0.01349002 
_atom_sites.fract_transf_matrix[3][1]   -0.00036626 
_atom_sites.fract_transf_matrix[3][2]   0.01311690 
_atom_sites.fract_transf_matrix[3][3]   0.00807585 
_atom_sites.fract_transf_vector[1]      0.489331 
_atom_sites.fract_transf_vector[2]      0.329031 
_atom_sites.fract_transf_vector[3]      0.407347 
# 
_atom_sites_footnote.id     1 
_atom_sites_footnote.text   'CIS PROLINE - PRO A    93' 
# 
loop_
_atom_type.symbol 
C 
N 
O 
S 
# 
loop_
_atom_site.group_PDB 
_atom_site.id 
_atom_site.type_symbol 
_atom_site.label_atom_id 
_atom_site.label_alt_id 
_atom_site.label_comp_id 
_atom_site.label_asym_id 
_atom_site.label_entity_id 
_atom_site.label_seq_id 
_atom_site.pdbx_PDB_ins_code 
_atom_site.Cartn_x 
_atom_site.Cartn_y 
_atom_site.Cartn_z 
_atom_site.occupancy 
_atom_site.B_iso_or_equiv 
_atom_site.pdbx_formal_charge 
_atom_site.auth_seq_id 
_atom_site.auth_comp_id 
_atom_site.auth_asym_id 
_atom_site.auth_atom_id 
_atom_site.pdbx_PDB_model_num 
ATOM   1    N N   . LYS A 1 1   ? -3.696  -13.786 13.850  1.00 35.78 ? 1   LYS A N   1 
ATOM   2    C CA  . LYS A 1 1   ? -4.103  -14.355 12.549  1.00 33.29 ? 1   LYS A CA  1 
ATOM   3    C C   . LYS A 1 1   ? -4.853  -13.131 12.098  1.00 28.63 ? 1   LYS A C   1 
ATOM   4    O O   . LYS A 1 1   ? -5.945  -12.822 12.529  1.00 24.76 ? 1   LYS A O   1 
ATOM   5    C CB  . LYS A 1 1   ? -5.098  -15.538 12.661  1.00 35.38 ? 1   LYS A CB  1 
ATOM   6    C CG  . LYS A 1 1   ? -5.289  -16.557 11.544  1.00 37.07 ? 1   LYS A CG  1 
ATOM   7    C CD  . LYS A 1 1   ? -6.140  -17.611 12.229  1.00 39.24 ? 1   LYS A CD  1 
ATOM   8    C CE  . LYS A 1 1   ? -6.439  -18.855 11.380  1.00 43.09 ? 1   LYS A CE  1 
ATOM   9    N NZ  . LYS A 1 1   ? -7.538  -18.624 10.426  1.00 46.28 ? 1   LYS A NZ  1 
ATOM   10   N N   . GLU A 1 2   ? -5.103  -12.296 11.712  1.00 21.99 ? 2   GLU A N   1 
ATOM   11   C CA  . GLU A 1 2   ? -4.291  -11.264 11.204  1.00 18.49 ? 2   GLU A CA  1 
ATOM   12   C C   . GLU A 1 2   ? -4.445  -9.968  11.977  1.00 16.21 ? 2   GLU A C   1 
ATOM   13   O O   . GLU A 1 2   ? -5.480  -9.331  12.019  1.00 16.20 ? 2   GLU A O   1 
ATOM   14   C CB  . GLU A 1 2   ? -4.460  -11.084 9.697   1.00 17.94 ? 2   GLU A CB  1 
ATOM   15   C CG  . GLU A 1 2   ? -3.164  -10.667 8.969   1.00 16.67 ? 2   GLU A CG  1 
ATOM   16   C CD  . GLU A 1 2   ? -3.381  -10.660 7.475   1.00 20.52 ? 2   GLU A CD  1 
ATOM   17   O OE1 . GLU A 1 2   ? -4.501  -10.486 6.965   1.00 16.02 ? 2   GLU A OE1 1 
ATOM   18   O OE2 . GLU A 1 2   ? -2.271  -10.873 6.937   1.00 18.51 ? 2   GLU A OE2 1 
ATOM   19   N N   . THR A 1 3   ? -3.337  -9.582  12.620  1.00 15.04 ? 3   THR A N   1 
ATOM   20   C CA  . THR A 1 3   ? -3.334  -8.312  13.417  1.00 14.64 ? 3   THR A CA  1 
ATOM   21   C C   . THR A 1 3   ? -3.433  -7.196  12.383  1.00 15.27 ? 3   THR A C   1 
ATOM   22   O O   . THR A 1 3   ? -3.128  -7.490  11.202  1.00 15.23 ? 3   THR A O   1 
ATOM   23   C CB  . THR A 1 3   ? -2.140  -8.320  14.391  1.00 16.62 ? 3   THR A CB  1 
ATOM   24   O OG1 . THR A 1 3   ? -0.909  -8.250  13.625  1.00 16.30 ? 3   THR A OG1 1 
ATOM   25   C CG2 . THR A 1 3   ? -2.106  -9.625  15.254  1.00 17.44 ? 3   THR A CG2 1 
ATOM   26   N N   . ALA A 1 4   ? -3.859  -5.990  12.756  1.00 14.73 ? 4   ALA A N   1 
ATOM   27   C CA  . ALA A 1 4   ? -3.979  -4.912  11.776  1.00 13.52 ? 4   ALA A CA  1 
ATOM   28   C C   . ALA A 1 4   ? -2.587  -4.613  11.190  1.00 13.84 ? 4   ALA A C   1 
ATOM   29   O O   . ALA A 1 4   ? -2.527  -4.273  10.015  1.00 12.39 ? 4   ALA A O   1 
ATOM   30   C CB  . ALA A 1 4   ? -4.643  -3.667  12.291  1.00 12.94 ? 4   ALA A CB  1 
ATOM   31   N N   . ALA A 1 5   ? -1.554  -4.748  11.987  1.00 13.34 ? 5   ALA A N   1 
ATOM   32   C CA  . ALA A 1 5   ? -0.186  -4.468  11.502  1.00 12.59 ? 5   ALA A CA  1 
ATOM   33   C C   . ALA A 1 5   ? 0.320   -5.420  10.450  1.00 13.40 ? 5   ALA A C   1 
ATOM   34   O O   . ALA A 1 5   ? 0.900   -4.947  9.405   1.00 10.65 ? 5   ALA A O   1 
ATOM   35   C CB  . ALA A 1 5   ? 0.711   -4.259  12.714  1.00 12.74 ? 5   ALA A CB  1 
ATOM   36   N N   . ALA A 1 6   ? 0.144   -6.720  10.586  1.00 12.32 ? 6   ALA A N   1 
ATOM   37   C CA  . ALA A 1 6   ? 0.578   -7.721  9.612   1.00 10.24 ? 6   ALA A CA  1 
ATOM   38   C C   . ALA A 1 6   ? -0.271  -7.612  8.361   1.00 13.26 ? 6   ALA A C   1 
ATOM   39   O O   . ALA A 1 6   ? 0.170   -7.920  7.202   1.00 14.52 ? 6   ALA A O   1 
ATOM   40   C CB  . ALA A 1 6   ? 0.477   -9.104  10.294  1.00 14.15 ? 6   ALA A CB  1 
ATOM   41   N N   . LYS A 1 7   ? -1.547  -7.206  8.533   1.00 11.79 ? 7   LYS A N   1 
ATOM   42   C CA  . LYS A 1 7   ? -2.439  -7.047  7.353   1.00 10.94 ? 7   LYS A CA  1 
ATOM   43   C C   . LYS A 1 7   ? -1.820  -5.983  6.417   1.00 12.10 ? 7   LYS A C   1 
ATOM   44   O O   . LYS A 1 7   ? -1.714  -6.097  5.181   1.00 10.38 ? 7   LYS A O   1 
ATOM   45   C CB  . LYS A 1 7   ? -3.861  -6.640  7.736   1.00 9.33  ? 7   LYS A CB  1 
ATOM   46   C CG  . LYS A 1 7   ? -4.846  -6.921  6.606   1.00 11.27 ? 7   LYS A CG  1 
ATOM   47   C CD  . LYS A 1 7   ? -6.293  -6.759  6.927   1.00 14.60 ? 7   LYS A CD  1 
ATOM   48   C CE  . LYS A 1 7   ? -6.908  -7.755  7.879   1.00 14.90 ? 7   LYS A CE  1 
ATOM   49   N NZ  . LYS A 1 7   ? -6.822  -9.197  7.558   1.00 14.63 ? 7   LYS A NZ  1 
ATOM   50   N N   . PHE A 1 8   ? -1.388  -4.914  7.063   1.00 11.73 ? 8   PHE A N   1 
ATOM   51   C CA  . PHE A 1 8   ? -0.762  -3.747  6.488   1.00 11.84 ? 8   PHE A CA  1 
ATOM   52   C C   . PHE A 1 8   ? 0.519   -4.110  5.727   1.00 11.94 ? 8   PHE A C   1 
ATOM   53   O O   . PHE A 1 8   ? 0.724   -3.667  4.544   1.00 11.38 ? 8   PHE A O   1 
ATOM   54   C CB  . PHE A 1 8   ? -0.582  -2.603  7.537   1.00 12.56 ? 8   PHE A CB  1 
ATOM   55   C CG  . PHE A 1 8   ? 0.032   -1.419  6.836   1.00 13.43 ? 8   PHE A CG  1 
ATOM   56   C CD1 . PHE A 1 8   ? 1.428   -1.468  6.552   1.00 14.18 ? 8   PHE A CD1 1 
ATOM   57   C CD2 . PHE A 1 8   ? -0.705  -0.359  6.383   1.00 13.39 ? 8   PHE A CD2 1 
ATOM   58   C CE1 . PHE A 1 8   ? 2.032   -0.413  5.874   1.00 13.69 ? 8   PHE A CE1 1 
ATOM   59   C CE2 . PHE A 1 8   ? -0.139  0.679   5.694   1.00 15.00 ? 8   PHE A CE2 1 
ATOM   60   C CZ  . PHE A 1 8   ? 1.245   0.659   5.453   1.00 14.38 ? 8   PHE A CZ  1 
ATOM   61   N N   . GLU A 1 9   ? 1.360   -4.890  6.282   1.00 9.13  ? 9   GLU A N   1 
ATOM   62   C CA  . GLU A 1 9   ? 2.593   -5.364  5.737   1.00 9.47  ? 9   GLU A CA  1 
ATOM   63   C C   . GLU A 1 9   ? 2.293   -6.318  4.575   1.00 9.14  ? 9   GLU A C   1 
ATOM   64   O O   . GLU A 1 9   ? 2.907   -6.189  3.502   1.00 8.50  ? 9   GLU A O   1 
ATOM   65   C CB  . GLU A 1 9   ? 3.437   -6.163  6.771   1.00 7.40  ? 9   GLU A CB  1 
ATOM   66   C CG  . GLU A 1 9   ? 3.978   -5.235  7.908   1.00 8.68  ? 9   GLU A CG  1 
ATOM   67   C CD  . GLU A 1 9   ? 4.430   -5.858  9.191   1.00 9.13  ? 9   GLU A CD  1 
ATOM   68   O OE1 . GLU A 1 9   ? 4.370   -7.095  9.272   1.00 6.70  ? 9   GLU A OE1 1 
ATOM   69   O OE2 . GLU A 1 9   ? 4.811   -5.139  10.138  1.00 11.34 ? 9   GLU A OE2 1 
ATOM   70   N N   . ARG A 1 10  ? 1.368   -7.240  4.806   1.00 9.43  ? 10  ARG A N   1 
ATOM   71   C CA  . ARG A 1 10  ? 1.012   -8.203  3.761   1.00 10.24 ? 10  ARG A CA  1 
ATOM   72   C C   . ARG A 1 10  ? 0.528   -7.479  2.506   1.00 10.12 ? 10  ARG A C   1 
ATOM   73   O O   . ARG A 1 10  ? 0.950   -7.766  1.329   1.00 9.45  ? 10  ARG A O   1 
ATOM   74   C CB  . ARG A 1 10  ? -0.002  -9.269  4.246   1.00 9.27  ? 10  ARG A CB  1 
ATOM   75   C CG  . ARG A 1 10  ? -0.292  -10.285 3.088   1.00 8.76  ? 10  ARG A CG  1 
ATOM   76   C CD  . ARG A 1 10  ? -1.139  -11.402 3.608   1.00 9.46  ? 10  ARG A CD  1 
ATOM   77   N NE  . ARG A 1 10  ? -2.331  -10.914 4.313   1.00 10.73 ? 10  ARG A NE  1 
ATOM   78   C CZ  . ARG A 1 10  ? -3.404  -10.526 3.663   1.00 12.66 ? 10  ARG A CZ  1 
ATOM   79   N NH1 . ARG A 1 10  ? -3.405  -10.664 2.334   1.00 14.21 ? 10  ARG A NH1 1 
ATOM   80   N NH2 . ARG A 1 10  ? -4.497  -10.003 4.214   1.00 13.80 ? 10  ARG A NH2 1 
ATOM   81   N N   . GLN A 1 11  ? -0.314  -6.498  2.730   1.00 9.45  ? 11  GLN A N   1 
ATOM   82   C CA  . GLN A 1 11  ? -0.910  -5.746  1.594   1.00 10.77 ? 11  GLN A CA  1 
ATOM   83   C C   . GLN A 1 11  ? -0.045  -4.720  0.896   1.00 9.12  ? 11  GLN A C   1 
ATOM   84   O O   . GLN A 1 11  ? -0.015  -4.785  -0.356  1.00 12.17 ? 11  GLN A O   1 
ATOM   85   C CB  . GLN A 1 11  ? -2.248  -5.072  2.000   1.00 11.32 ? 11  GLN A CB  1 
ATOM   86   C CG  . GLN A 1 11  ? -3.262  -6.102  2.463   1.00 12.46 ? 11  GLN A CG  1 
ATOM   87   C CD  . GLN A 1 11  ? -4.633  -5.469  2.658   1.00 14.77 ? 11  GLN A CD  1 
ATOM   88   O OE1 . GLN A 1 11  ? -5.557  -5.841  1.948   1.00 18.14 ? 11  GLN A OE1 1 
ATOM   89   N NE2 . GLN A 1 11  ? -4.800  -4.516  3.534   1.00 14.09 ? 11  GLN A NE2 1 
ATOM   90   N N   . HIS A 1 12  ? 0.627   -3.856  1.553   1.00 8.74  ? 12  HIS A N   1 
ATOM   91   C CA  . HIS A 1 12  ? 1.403   -2.777  1.011   1.00 9.82  ? 12  HIS A CA  1 
ATOM   92   C C   . HIS A 1 12  ? 2.892   -2.800  1.040   1.00 10.68 ? 12  HIS A C   1 
ATOM   93   O O   . HIS A 1 12  ? 3.491   -1.835  0.460   1.00 12.22 ? 12  HIS A O   1 
ATOM   94   C CB  . HIS A 1 12  ? 0.928   -1.453  1.778   1.00 8.20  ? 12  HIS A CB  1 
ATOM   95   C CG  . HIS A 1 12  ? -0.595  -1.362  1.729   1.00 8.96  ? 12  HIS A CG  1 
ATOM   96   N ND1 . HIS A 1 12  ? -1.346  -1.154  0.621   1.00 6.43  ? 12  HIS A ND1 1 
ATOM   97   C CD2 . HIS A 1 12  ? -1.499  -1.507  2.779   1.00 8.18  ? 12  HIS A CD2 1 
ATOM   98   C CE1 . HIS A 1 12  ? -2.637  -1.108  0.965   1.00 6.94  ? 12  HIS A CE1 1 
ATOM   99   N NE2 . HIS A 1 12  ? -2.726  -1.306  2.200   1.00 6.01  ? 12  HIS A NE2 1 
ATOM   100  N N   . MET A 1 13  ? 3.541   -3.783  1.663   1.00 11.52 ? 13  MET A N   1 
ATOM   101  C CA  . MET A 1 13  ? 5.029   -3.710  1.700   1.00 9.93  ? 13  MET A CA  1 
ATOM   102  C C   . MET A 1 13  ? 5.726   -4.552  0.650   1.00 10.38 ? 13  MET A C   1 
ATOM   103  O O   . MET A 1 13  ? 5.440   -5.745  0.560   1.00 13.70 ? 13  MET A O   1 
ATOM   104  C CB  . MET A 1 13  ? 5.538   -4.084  3.089   1.00 9.92  ? 13  MET A CB  1 
ATOM   105  C CG  . MET A 1 13  ? 5.257   -3.272  4.238   1.00 5.87  ? 13  MET A CG  1 
ATOM   106  S SD  . MET A 1 13  ? 5.679   -1.534  4.025   1.00 8.47  ? 13  MET A SD  1 
ATOM   107  C CE  . MET A 1 13  ? 7.423   -1.668  3.515   1.00 4.19  ? 13  MET A CE  1 
ATOM   108  N N   . ASP A 1 14  ? 6.642   -3.968  -0.109  1.00 12.01 ? 14  ASP A N   1 
ATOM   109  C CA  . ASP A 1 14  ? 7.414   -4.708  -1.112  1.00 13.19 ? 14  ASP A CA  1 
ATOM   110  C C   . ASP A 1 14  ? 8.822   -4.067  -1.103  1.00 15.14 ? 14  ASP A C   1 
ATOM   111  O O   . ASP A 1 14  ? 9.144   -3.299  -2.016  1.00 15.07 ? 14  ASP A O   1 
ATOM   112  C CB  . ASP A 1 14  ? 6.786   -4.757  -2.487  1.00 13.94 ? 14  ASP A CB  1 
ATOM   113  C CG  . ASP A 1 14  ? 7.561   -5.656  -3.412  1.00 12.39 ? 14  ASP A CG  1 
ATOM   114  O OD1 . ASP A 1 14  ? 8.487   -6.351  -2.947  1.00 13.85 ? 14  ASP A OD1 1 
ATOM   115  O OD2 . ASP A 1 14  ? 7.247   -5.725  -4.597  1.00 12.99 ? 14  ASP A OD2 1 
ATOM   116  N N   . SER A 1 15  ? 9.590   -4.380  -0.062  1.00 14.50 ? 15  SER A N   1 
ATOM   117  C CA  . SER A 1 15  ? 10.928  -3.776  0.045   1.00 16.07 ? 15  SER A CA  1 
ATOM   118  C C   . SER A 1 15  ? 11.906  -4.562  -0.799  1.00 19.08 ? 15  SER A C   1 
ATOM   119  O O   . SER A 1 15  ? 13.108  -4.197  -0.831  1.00 20.57 ? 15  SER A O   1 
ATOM   120  C CB  . SER A 1 15  ? 11.436  -3.737  1.489   1.00 14.85 ? 15  SER A CB  1 
ATOM   121  O OG  . SER A 1 15  ? 10.403  -3.194  2.331   1.00 15.01 ? 15  SER A OG  1 
ATOM   122  N N   . SER A 1 16  ? 11.382  -5.592  -1.428  1.00 19.20 ? 16  SER A N   1 
ATOM   123  C CA  . SER A 1 16  ? 12.287  -6.452  -2.232  1.00 20.96 ? 16  SER A CA  1 
ATOM   124  C C   . SER A 1 16  ? 12.581  -5.964  -3.616  1.00 22.43 ? 16  SER A C   1 
ATOM   125  O O   . SER A 1 16  ? 13.314  -6.647  -4.371  1.00 24.08 ? 16  SER A O   1 
ATOM   126  C CB  . SER A 1 16  ? 11.685  -7.832  -2.127  1.00 18.88 ? 16  SER A CB  1 
ATOM   127  O OG  . SER A 1 16  ? 12.634  -8.825  -2.381  1.00 22.82 ? 16  SER A OG  1 
ATOM   128  N N   . THR A 1 17  ? 12.083  -4.841  -4.008  1.00 23.52 ? 17  THR A N   1 
ATOM   129  C CA  . THR A 1 17  ? 12.220  -4.178  -5.311  1.00 22.09 ? 17  THR A CA  1 
ATOM   130  C C   . THR A 1 17  ? 12.303  -2.670  -5.114  1.00 21.84 ? 17  THR A C   1 
ATOM   131  O O   . THR A 1 17  ? 11.608  -2.145  -4.180  1.00 22.34 ? 17  THR A O   1 
ATOM   132  C CB  . THR A 1 17  ? 10.979  -4.632  -6.176  1.00 22.55 ? 17  THR A CB  1 
ATOM   133  O OG1 . THR A 1 17  ? 11.457  -5.668  -7.094  1.00 23.63 ? 17  THR A OG1 1 
ATOM   134  C CG2 . THR A 1 17  ? 10.267  -3.533  -6.910  1.00 25.75 ? 17  THR A CG2 1 
ATOM   135  N N   . SER A 1 18  ? 13.116  -1.956  -5.904  1.00 18.22 ? 18  SER A N   1 
ATOM   136  C CA  . SER A 1 18  ? 13.152  -0.497  -5.668  1.00 19.75 ? 18  SER A CA  1 
ATOM   137  C C   . SER A 1 18  ? 11.970  0.145   -6.397  1.00 18.53 ? 18  SER A C   1 
ATOM   138  O O   . SER A 1 18  ? 11.564  1.246   -5.997  1.00 19.01 ? 18  SER A O   1 
ATOM   139  C CB  . SER A 1 18  ? 14.451  0.202   -5.996  1.00 19.42 ? 18  SER A CB  1 
ATOM   140  O OG  . SER A 1 18  ? 14.927  -0.112  -7.280  1.00 20.10 ? 18  SER A OG  1 
ATOM   141  N N   . ALA A 1 19  ? 11.475  -0.528  -7.420  1.00 19.26 ? 19  ALA A N   1 
ATOM   142  C CA  . ALA A 1 19  ? 10.354  -0.056  -8.231  1.00 18.64 ? 19  ALA A CA  1 
ATOM   143  C C   . ALA A 1 19  ? 9.710   -1.149  -9.060  1.00 19.98 ? 19  ALA A C   1 
ATOM   144  O O   . ALA A 1 19  ? 10.381  -2.156  -9.349  1.00 20.97 ? 19  ALA A O   1 
ATOM   145  C CB  . ALA A 1 19  ? 10.872  0.967   -9.271  1.00 18.91 ? 19  ALA A CB  1 
ATOM   146  N N   . ALA A 1 20  ? 8.485   -0.907  -9.529  1.00 20.99 ? 20  ALA A N   1 
ATOM   147  C CA  . ALA A 1 20  ? 7.766   -1.859  -10.341 1.00 23.12 ? 20  ALA A CA  1 
ATOM   148  C C   . ALA A 1 20  ? 8.544   -2.341  -11.591 1.00 26.27 ? 20  ALA A C   1 
ATOM   149  O O   . ALA A 1 20  ? 9.077   -1.682  -12.494 1.00 26.21 ? 20  ALA A O   1 
ATOM   150  C CB  . ALA A 1 20  ? 6.417   -1.470  -10.908 1.00 22.14 ? 20  ALA A CB  1 
ATOM   151  N N   . SER A 1 21  ? 8.462   -3.670  -11.572 1.00 27.63 ? 21  SER A N   1 
ATOM   152  C CA  . SER A 1 21  ? 9.042   -4.544  -12.564 1.00 29.37 ? 21  SER A CA  1 
ATOM   153  C C   . SER A 1 21  ? 8.883   -3.937  -13.974 1.00 30.36 ? 21  SER A C   1 
ATOM   154  O O   . SER A 1 21  ? 9.707   -3.214  -14.528 1.00 31.94 ? 21  SER A O   1 
ATOM   155  C CB  . SER A 1 21  ? 8.334   -5.900  -12.494 1.00 29.18 ? 21  SER A CB  1 
ATOM   156  O OG  . SER A 1 21  ? 7.513   -6.043  -13.654 1.00 29.33 ? 21  SER A OG  1 
ATOM   157  N N   . SER A 1 22  ? 7.799   -4.264  -14.552 1.00 26.86 ? 22  SER A N   1 
ATOM   158  C CA  . SER A 1 22  ? 7.146   -4.096  -15.763 1.00 25.84 ? 22  SER A CA  1 
ATOM   159  C C   . SER A 1 22  ? 5.615   -4.131  -15.579 1.00 24.85 ? 22  SER A C   1 
ATOM   160  O O   . SER A 1 22  ? 5.179   -4.312  -14.430 1.00 24.87 ? 22  SER A O   1 
ATOM   161  C CB  . SER A 1 22  ? 7.411   -5.457  -16.496 1.00 26.67 ? 22  SER A CB  1 
ATOM   162  O OG  . SER A 1 22  ? 6.713   -6.429  -15.714 1.00 25.49 ? 22  SER A OG  1 
ATOM   163  N N   . SER A 1 23  ? 4.895   -4.048  -16.652 1.00 22.84 ? 23  SER A N   1 
ATOM   164  C CA  . SER A 1 23  ? 3.471   -4.030  -16.740 1.00 20.94 ? 23  SER A CA  1 
ATOM   165  C C   . SER A 1 23  ? 2.746   -5.168  -16.034 1.00 19.72 ? 23  SER A C   1 
ATOM   166  O O   . SER A 1 23  ? 1.525   -4.957  -15.908 1.00 19.16 ? 23  SER A O   1 
ATOM   167  C CB  . SER A 1 23  ? 2.924   -4.027  -18.175 1.00 21.51 ? 23  SER A CB  1 
ATOM   168  O OG  . SER A 1 23  ? 3.372   -5.178  -18.865 1.00 22.78 ? 23  SER A OG  1 
ATOM   169  N N   . ASN A 1 24  ? 3.400   -6.204  -15.648 1.00 19.32 ? 24  ASN A N   1 
ATOM   170  C CA  . ASN A 1 24  ? 2.731   -7.356  -14.984 1.00 18.92 ? 24  ASN A CA  1 
ATOM   171  C C   . ASN A 1 24  ? 2.937   -7.404  -13.483 1.00 17.23 ? 24  ASN A C   1 
ATOM   172  O O   . ASN A 1 24  ? 2.371   -8.314  -12.835 1.00 18.20 ? 24  ASN A O   1 
ATOM   173  C CB  . ASN A 1 24  ? 3.275   -8.617  -15.681 1.00 22.26 ? 24  ASN A CB  1 
ATOM   174  C CG  . ASN A 1 24  ? 2.205   -9.463  -16.297 1.00 25.60 ? 24  ASN A CG  1 
ATOM   175  O OD1 . ASN A 1 24  ? 1.996   -9.391  -17.534 1.00 26.20 ? 24  ASN A OD1 1 
ATOM   176  N ND2 . ASN A 1 24  ? 1.489   -10.247 -15.478 1.00 27.10 ? 24  ASN A ND2 1 
ATOM   177  N N   . TYR A 1 25  ? 3.674   -6.500  -12.905 1.00 15.45 ? 25  TYR A N   1 
ATOM   178  C CA  . TYR A 1 25  ? 3.939   -6.445  -11.491 1.00 15.33 ? 25  TYR A CA  1 
ATOM   179  C C   . TYR A 1 25  ? 2.631   -6.575  -10.690 1.00 17.35 ? 25  TYR A C   1 
ATOM   180  O O   . TYR A 1 25  ? 2.590   -7.391  -9.715  1.00 16.39 ? 25  TYR A O   1 
ATOM   181  C CB  . TYR A 1 25  ? 4.682   -5.179  -11.071 1.00 16.42 ? 25  TYR A CB  1 
ATOM   182  C CG  . TYR A 1 25  ? 4.929   -5.007  -9.576  1.00 13.43 ? 25  TYR A CG  1 
ATOM   183  C CD1 . TYR A 1 25  ? 3.989   -4.409  -8.753  1.00 11.05 ? 25  TYR A CD1 1 
ATOM   184  C CD2 . TYR A 1 25  ? 6.134   -5.460  -8.981  1.00 12.53 ? 25  TYR A CD2 1 
ATOM   185  C CE1 . TYR A 1 25  ? 4.173   -4.244  -7.414  1.00 8.26  ? 25  TYR A CE1 1 
ATOM   186  C CE2 . TYR A 1 25  ? 6.348   -5.296  -7.616  1.00 11.30 ? 25  TYR A CE2 1 
ATOM   187  C CZ  . TYR A 1 25  ? 5.383   -4.708  -6.825  1.00 12.20 ? 25  TYR A CZ  1 
ATOM   188  O OH  . TYR A 1 25  ? 5.511   -4.483  -5.477  1.00 9.52  ? 25  TYR A OH  1 
ATOM   189  N N   . CYS A 1 26  ? 1.625   -5.826  -11.093 1.00 15.60 ? 26  CYS A N   1 
ATOM   190  C CA  . CYS A 1 26  ? 0.346   -5.885  -10.336 1.00 13.70 ? 26  CYS A CA  1 
ATOM   191  C C   . CYS A 1 26  ? -0.333  -7.223  -10.429 1.00 16.19 ? 26  CYS A C   1 
ATOM   192  O O   . CYS A 1 26  ? -1.033  -7.564  -9.439  1.00 15.55 ? 26  CYS A O   1 
ATOM   193  C CB  . CYS A 1 26  ? -0.505  -4.676  -10.594 1.00 11.16 ? 26  CYS A CB  1 
ATOM   194  S SG  . CYS A 1 26  ? 0.195   -3.169  -9.877  1.00 12.76 ? 26  CYS A SG  1 
ATOM   195  N N   . ASN A 1 27  ? -0.165  -7.954  -11.508 1.00 17.00 ? 27  ASN A N   1 
ATOM   196  C CA  . ASN A 1 27  ? -0.775  -9.266  -11.696 1.00 16.75 ? 27  ASN A CA  1 
ATOM   197  C C   . ASN A 1 27  ? -0.157  -10.269 -10.735 1.00 18.79 ? 27  ASN A C   1 
ATOM   198  O O   . ASN A 1 27  ? -0.912  -10.995 -10.024 1.00 17.40 ? 27  ASN A O   1 
ATOM   199  C CB  . ASN A 1 27  ? -0.736  -9.684  -13.167 1.00 17.48 ? 27  ASN A CB  1 
ATOM   200  C CG  . ASN A 1 27  ? -1.719  -8.883  -13.999 1.00 20.44 ? 27  ASN A CG  1 
ATOM   201  O OD1 . ASN A 1 27  ? -1.602  -8.816  -15.280 1.00 22.01 ? 27  ASN A OD1 1 
ATOM   202  N ND2 . ASN A 1 27  ? -2.704  -8.241  -13.363 1.00 19.00 ? 27  ASN A ND2 1 
ATOM   203  N N   . GLN A 1 28  ? 1.174   -10.312 -10.687 1.00 18.20 ? 28  GLN A N   1 
ATOM   204  C CA  . GLN A 1 28  ? 1.880   -11.242 -9.816  1.00 20.22 ? 28  GLN A CA  1 
ATOM   205  C C   . GLN A 1 28  ? 1.757   -10.895 -8.336  1.00 21.26 ? 28  GLN A C   1 
ATOM   206  O O   . GLN A 1 28  ? 1.444   -11.800 -7.513  1.00 22.38 ? 28  GLN A O   1 
ATOM   207  C CB  . GLN A 1 28  ? 3.397   -11.260 -10.145 1.00 21.54 ? 28  GLN A CB  1 
ATOM   208  C CG  . GLN A 1 28  ? 3.564   -10.614 -11.525 1.00 24.24 ? 28  GLN A CG  1 
ATOM   209  C CD  . GLN A 1 28  ? 4.948   -10.831 -12.084 1.00 25.76 ? 28  GLN A CD  1 
ATOM   210  O OE1 . GLN A 1 28  ? 5.844   -9.970  -12.007 1.00 25.79 ? 28  GLN A OE1 1 
ATOM   211  N NE2 . GLN A 1 28  ? 5.063   -12.040 -12.672 1.00 26.40 ? 28  GLN A NE2 1 
ATOM   212  N N   . MET A 1 29  ? 2.047   -9.632  -8.051  1.00 19.05 ? 29  MET A N   1 
ATOM   213  C CA  . MET A 1 29  ? 2.011   -9.139  -6.676  1.00 17.77 ? 29  MET A CA  1 
ATOM   214  C C   . MET A 1 29  ? 0.635   -9.240  -6.025  1.00 16.08 ? 29  MET A C   1 
ATOM   215  O O   . MET A 1 29  ? 0.545   -9.629  -4.847  1.00 15.42 ? 29  MET A O   1 
ATOM   216  C CB  . MET A 1 29  ? 2.637   -7.740  -6.573  1.00 15.32 ? 29  MET A CB  1 
ATOM   217  C CG  . MET A 1 29  ? 4.142   -7.908  -6.804  1.00 17.52 ? 29  MET A CG  1 
ATOM   218  S SD  . MET A 1 29  ? 4.800   -8.723  -5.292  1.00 16.13 ? 29  MET A SD  1 
ATOM   219  C CE  . MET A 1 29  ? 4.586   -7.432  -4.100  1.00 13.99 ? 29  MET A CE  1 
ATOM   220  N N   . MET A 1 30  ? -0.402  -8.890  -6.733  1.00 16.08 ? 30  MET A N   1 
ATOM   221  C CA  . MET A 1 30  ? -1.767  -8.947  -6.144  1.00 14.24 ? 30  MET A CA  1 
ATOM   222  C C   . MET A 1 30  ? -2.055  -10.413 -5.834  1.00 16.27 ? 30  MET A C   1 
ATOM   223  O O   . MET A 1 30  ? -2.714  -10.754 -4.829  1.00 19.41 ? 30  MET A O   1 
ATOM   224  C CB  . MET A 1 30  ? -2.793  -8.343  -7.043  1.00 14.62 ? 30  MET A CB  1 
ATOM   225  C CG  . MET A 1 30  ? -3.058  -6.927  -7.194  1.00 10.75 ? 30  MET A CG  1 
ATOM   226  S SD  . MET A 1 30  ? -3.146  -5.933  -5.714  1.00 10.44 ? 30  MET A SD  1 
ATOM   227  C CE  . MET A 1 30  ? -4.835  -6.156  -5.114  1.00 8.83  ? 30  MET A CE  1 
ATOM   228  N N   . LYS A 1 31  ? -1.556  -11.271 -6.716  1.00 15.90 ? 31  LYS A N   1 
ATOM   229  C CA  . LYS A 1 31  ? -1.756  -12.704 -6.627  1.00 17.95 ? 31  LYS A CA  1 
ATOM   230  C C   . LYS A 1 31  ? -1.078  -13.301 -5.374  1.00 17.84 ? 31  LYS A C   1 
ATOM   231  O O   . LYS A 1 31  ? -1.778  -13.953 -4.567  1.00 18.45 ? 31  LYS A O   1 
ATOM   232  C CB  . LYS A 1 31  ? -1.346  -13.408 -7.903  1.00 16.88 ? 31  LYS A CB  1 
ATOM   233  C CG  . LYS A 1 31  ? -1.875  -14.845 -7.975  1.00 18.17 ? 31  LYS A CG  1 
ATOM   234  C CD  . LYS A 1 31  ? -2.167  -15.272 -9.397  1.00 21.24 ? 31  LYS A CD  1 
ATOM   235  C CE  . LYS A 1 31  ? -3.112  -14.177 -10.030 1.00 25.08 ? 31  LYS A CE  1 
ATOM   236  N NZ  . LYS A 1 31  ? -4.496  -14.398 -9.448  1.00 25.53 ? 31  LYS A NZ  1 
ATOM   237  N N   . SER A 1 32  ? 0.167   -13.071 -5.224  1.00 18.45 ? 32  SER A N   1 
ATOM   238  C CA  . SER A 1 32  ? 1.144   -13.408 -4.239  1.00 19.32 ? 32  SER A CA  1 
ATOM   239  C C   . SER A 1 32  ? 0.754   -13.115 -2.782  1.00 19.60 ? 32  SER A C   1 
ATOM   240  O O   . SER A 1 32  ? 0.938   -13.913 -1.864  1.00 20.07 ? 32  SER A O   1 
ATOM   241  C CB  . SER A 1 32  ? 2.426   -12.526 -4.419  1.00 18.83 ? 32  SER A CB  1 
ATOM   242  O OG  . SER A 1 32  ? 3.181   -12.887 -5.537  1.00 21.00 ? 32  SER A OG  1 
ATOM   243  N N   . ARG A 1 33  ? 0.262   -11.930 -2.601  1.00 18.99 ? 33  ARG A N   1 
ATOM   244  C CA  . ARG A 1 33  ? -0.173  -11.354 -1.342  1.00 18.50 ? 33  ARG A CA  1 
ATOM   245  C C   . ARG A 1 33  ? -1.593  -11.718 -1.002  1.00 19.20 ? 33  ARG A C   1 
ATOM   246  O O   . ARG A 1 33  ? -2.261  -11.187 -0.083  1.00 18.50 ? 33  ARG A O   1 
ATOM   247  C CB  . ARG A 1 33  ? 0.063   -9.831  -1.496  1.00 17.84 ? 33  ARG A CB  1 
ATOM   248  C CG  . ARG A 1 33  ? 1.518   -9.472  -1.642  1.00 15.87 ? 33  ARG A CG  1 
ATOM   249  C CD  . ARG A 1 33  ? 2.343   -10.313 -0.637  1.00 15.55 ? 33  ARG A CD  1 
ATOM   250  N NE  . ARG A 1 33  ? 3.727   -9.891  -0.697  1.00 10.05 ? 33  ARG A NE  1 
ATOM   251  C CZ  . ARG A 1 33  ? 4.224   -8.836  -0.081  1.00 11.09 ? 33  ARG A CZ  1 
ATOM   252  N NH1 . ARG A 1 33  ? 3.731   -7.957  0.745   1.00 11.43 ? 33  ARG A NH1 1 
ATOM   253  N NH2 . ARG A 1 33  ? 5.506   -8.529  -0.420  1.00 12.04 ? 33  ARG A NH2 1 
ATOM   254  N N   . ASN A 1 34  ? -2.087  -12.651 -1.780  1.00 21.36 ? 34  ASN A N   1 
ATOM   255  C CA  . ASN A 1 34  ? -3.401  -13.250 -1.759  1.00 22.18 ? 34  ASN A CA  1 
ATOM   256  C C   . ASN A 1 34  ? -4.563  -12.267 -1.712  1.00 22.35 ? 34  ASN A C   1 
ATOM   257  O O   . ASN A 1 34  ? -5.502  -12.552 -0.959  1.00 18.72 ? 34  ASN A O   1 
ATOM   258  C CB  . ASN A 1 34  ? -3.509  -14.211 -0.515  1.00 23.23 ? 34  ASN A CB  1 
ATOM   259  C CG  . ASN A 1 34  ? -2.325  -15.209 -0.660  1.00 23.07 ? 34  ASN A CG  1 
ATOM   260  O OD1 . ASN A 1 34  ? -1.530  -15.250 0.262   1.00 23.33 ? 34  ASN A OD1 1 
ATOM   261  N ND2 . ASN A 1 34  ? -2.295  -15.883 -1.793  1.00 23.13 ? 34  ASN A ND2 1 
ATOM   262  N N   . LEU A 1 35  ? -4.440  -11.241 -2.497  1.00 22.24 ? 35  LEU A N   1 
ATOM   263  C CA  . LEU A 1 35  ? -5.390  -10.135 -2.625  1.00 22.43 ? 35  LEU A CA  1 
ATOM   264  C C   . LEU A 1 35  ? -6.416  -10.365 -3.715  1.00 23.40 ? 35  LEU A C   1 
ATOM   265  O O   . LEU A 1 35  ? -7.159  -9.441  -4.131  1.00 23.51 ? 35  LEU A O   1 
ATOM   266  C CB  . LEU A 1 35  ? -4.489  -8.907  -2.806  1.00 22.43 ? 35  LEU A CB  1 
ATOM   267  C CG  . LEU A 1 35  ? -3.563  -8.464  -1.703  1.00 21.42 ? 35  LEU A CG  1 
ATOM   268  C CD1 . LEU A 1 35  ? -2.383  -7.622  -2.177  1.00 21.19 ? 35  LEU A CD1 1 
ATOM   269  C CD2 . LEU A 1 35  ? -4.398  -7.573  -0.767  1.00 23.92 ? 35  LEU A CD2 1 
ATOM   270  N N   . THR A 1 36  ? -6.465  -11.596 -4.188  1.00 23.30 ? 36  THR A N   1 
ATOM   271  C CA  . THR A 1 36  ? -7.373  -12.063 -5.205  1.00 24.36 ? 36  THR A CA  1 
ATOM   272  C C   . THR A 1 36  ? -7.870  -13.488 -4.975  1.00 27.21 ? 36  THR A C   1 
ATOM   273  O O   . THR A 1 36  ? -8.222  -14.129 -5.979  1.00 29.44 ? 36  THR A O   1 
ATOM   274  C CB  . THR A 1 36  ? -6.702  -12.025 -6.640  1.00 21.88 ? 36  THR A CB  1 
ATOM   275  O OG1 . THR A 1 36  ? -5.865  -13.213 -6.698  1.00 19.78 ? 36  THR A OG1 1 
ATOM   276  C CG2 . THR A 1 36  ? -5.954  -10.748 -6.933  1.00 23.00 ? 36  THR A CG2 1 
ATOM   277  N N   . LYS A 1 37  ? -7.887  -13.989 -3.761  1.00 29.21 ? 37  LYS A N   1 
ATOM   278  C CA  . LYS A 1 37  ? -8.339  -15.371 -3.490  1.00 30.81 ? 37  LYS A CA  1 
ATOM   279  C C   . LYS A 1 37  ? -9.834  -15.535 -3.583  1.00 30.15 ? 37  LYS A C   1 
ATOM   280  O O   . LYS A 1 37  ? -10.289 -16.404 -4.370  1.00 29.22 ? 37  LYS A O   1 
ATOM   281  C CB  . LYS A 1 37  ? -7.733  -15.895 -2.173  1.00 31.21 ? 37  LYS A CB  1 
ATOM   282  C CG  . LYS A 1 37  ? -6.531  -16.831 -2.426  1.00 32.28 ? 37  LYS A CG  1 
ATOM   283  C CD  . LYS A 1 37  ? -5.724  -16.375 -3.663  1.00 33.87 ? 37  LYS A CD  1 
ATOM   284  C CE  . LYS A 1 37  ? -5.135  -14.983 -3.416  1.00 33.59 ? 37  LYS A CE  1 
ATOM   285  N NZ  . LYS A 1 37  ? -4.526  -14.365 -4.616  1.00 27.87 ? 37  LYS A NZ  1 
ATOM   286  N N   . ASP A 1 38  ? -10.598 -14.769 -2.834  1.00 32.05 ? 38  ASP A N   1 
ATOM   287  C CA  . ASP A 1 38  ? -12.084 -14.886 -2.899  1.00 34.51 ? 38  ASP A CA  1 
ATOM   288  C C   . ASP A 1 38  ? -12.626 -14.005 -4.028  1.00 34.11 ? 38  ASP A C   1 
ATOM   289  O O   . ASP A 1 38  ? -13.530 -14.404 -4.795  1.00 32.89 ? 38  ASP A O   1 
ATOM   290  C CB  . ASP A 1 38  ? -12.732 -14.579 -1.534  1.00 37.64 ? 38  ASP A CB  1 
ATOM   291  C CG  . ASP A 1 38  ? -12.859 -15.931 -0.783  1.00 39.59 ? 38  ASP A CG  1 
ATOM   292  O OD1 . ASP A 1 38  ? -13.429 -16.838 -1.410  1.00 39.76 ? 38  ASP A OD1 1 
ATOM   293  O OD2 . ASP A 1 38  ? -12.363 -15.982 0.367   1.00 40.81 ? 38  ASP A OD2 1 
ATOM   294  N N   . ARG A 1 39  ? -12.020 -12.817 -4.088  1.00 32.99 ? 39  ARG A N   1 
ATOM   295  C CA  . ARG A 1 39  ? -12.354 -11.795 -5.078  1.00 30.96 ? 39  ARG A CA  1 
ATOM   296  C C   . ARG A 1 39  ? -11.101 -10.999 -5.490  1.00 30.76 ? 39  ARG A C   1 
ATOM   297  O O   . ARG A 1 39  ? -9.988  -11.171 -4.956  1.00 30.43 ? 39  ARG A O   1 
ATOM   298  C CB  . ARG A 1 39  ? -13.407 -10.853 -4.561  1.00 29.78 ? 39  ARG A CB  1 
ATOM   299  C CG  . ARG A 1 39  ? -13.001 -10.021 -3.355  1.00 30.72 ? 39  ARG A CG  1 
ATOM   300  C CD  . ARG A 1 39  ? -13.764 -8.749  -3.315  1.00 31.63 ? 39  ARG A CD  1 
ATOM   301  N NE  . ARG A 1 39  ? -13.296 -7.624  -2.732  1.00 31.68 ? 39  ARG A NE  1 
ATOM   302  C CZ  . ARG A 1 39  ? -12.836 -6.600  -2.150  1.00 32.70 ? 39  ARG A CZ  1 
ATOM   303  N NH1 . ARG A 1 39  ? -12.068 -6.645  -1.021  1.00 34.28 ? 39  ARG A NH1 1 
ATOM   304  N NH2 . ARG A 1 39  ? -13.095 -5.363  -2.589  1.00 31.51 ? 39  ARG A NH2 1 
ATOM   305  N N   . CYS A 1 40  ? -11.343 -10.135 -6.477  1.00 27.25 ? 40  CYS A N   1 
ATOM   306  C CA  . CYS A 1 40  ? -10.279 -9.282  -7.017  1.00 25.79 ? 40  CYS A CA  1 
ATOM   307  C C   . CYS A 1 40  ? -10.274 -7.965  -6.255  1.00 24.72 ? 40  CYS A C   1 
ATOM   308  O O   . CYS A 1 40  ? -11.153 -7.155  -6.674  1.00 26.52 ? 40  CYS A O   1 
ATOM   309  C CB  . CYS A 1 40  ? -10.472 -8.922  -8.474  1.00 23.47 ? 40  CYS A CB  1 
ATOM   310  S SG  . CYS A 1 40  ? -10.629 -10.218 -9.634  1.00 22.67 ? 40  CYS A SG  1 
ATOM   311  N N   . LYS A 1 41  ? -9.388  -7.814  -5.293  1.00 22.29 ? 41  LYS A N   1 
ATOM   312  C CA  . LYS A 1 41  ? -9.422  -6.478  -4.591  1.00 20.74 ? 41  LYS A CA  1 
ATOM   313  C C   . LYS A 1 41  ? -9.252  -5.491  -5.764  1.00 19.64 ? 41  LYS A C   1 
ATOM   314  O O   . LYS A 1 41  ? -8.367  -5.771  -6.611  1.00 19.97 ? 41  LYS A O   1 
ATOM   315  C CB  . LYS A 1 41  ? -8.371  -6.289  -3.562  1.00 19.67 ? 41  LYS A CB  1 
ATOM   316  C CG  . LYS A 1 41  ? -8.457  -5.007  -2.735  1.00 18.12 ? 41  LYS A CG  1 
ATOM   317  C CD  . LYS A 1 41  ? -7.310  -5.027  -1.672  1.00 16.34 ? 41  LYS A CD  1 
ATOM   318  C CE  . LYS A 1 41  ? -7.321  -3.752  -0.890  1.00 16.69 ? 41  LYS A CE  1 
ATOM   319  N NZ  . LYS A 1 41  ? -6.199  -3.502  0.003   1.00 17.79 ? 41  LYS A NZ  1 
ATOM   320  N N   . PRO A 1 42  ? -10.074 -4.470  -5.773  1.00 17.95 ? 42  PRO A N   1 
ATOM   321  C CA  . PRO A 1 42  ? -10.051 -3.461  -6.824  1.00 16.43 ? 42  PRO A CA  1 
ATOM   322  C C   . PRO A 1 42  ? -8.915  -2.485  -6.843  1.00 16.24 ? 42  PRO A C   1 
ATOM   323  O O   . PRO A 1 42  ? -8.522  -2.083  -7.979  1.00 18.30 ? 42  PRO A O   1 
ATOM   324  C CB  . PRO A 1 42  ? -11.388 -2.735  -6.655  1.00 14.57 ? 42  PRO A CB  1 
ATOM   325  C CG  . PRO A 1 42  ? -11.608 -2.778  -5.185  1.00 16.03 ? 42  PRO A CG  1 
ATOM   326  C CD  . PRO A 1 42  ? -11.145 -4.188  -4.780  1.00 17.33 ? 42  PRO A CD  1 
ATOM   327  N N   . VAL A 1 43  ? -8.380  -2.075  -5.711  1.00 15.00 ? 43  VAL A N   1 
ATOM   328  C CA  . VAL A 1 43  ? -7.282  -1.106  -5.692  1.00 14.46 ? 43  VAL A CA  1 
ATOM   329  C C   . VAL A 1 43  ? -6.294  -1.404  -4.562  1.00 13.18 ? 43  VAL A C   1 
ATOM   330  O O   . VAL A 1 43  ? -6.816  -1.580  -3.468  1.00 12.15 ? 43  VAL A O   1 
ATOM   331  C CB  . VAL A 1 43  ? -7.855  0.333   -5.493  1.00 14.10 ? 43  VAL A CB  1 
ATOM   332  C CG1 . VAL A 1 43  ? -6.716  1.296   -5.224  1.00 12.64 ? 43  VAL A CG1 1 
ATOM   333  C CG2 . VAL A 1 43  ? -8.722  0.698   -6.672  1.00 11.49 ? 43  VAL A CG2 1 
ATOM   334  N N   . ASN A 1 44  ? -5.023  -1.437  -4.945  1.00 10.67 ? 44  ASN A N   1 
ATOM   335  C CA  . ASN A 1 44  ? -3.993  -1.700  -3.862  1.00 10.66 ? 44  ASN A CA  1 
ATOM   336  C C   . ASN A 1 44  ? -2.647  -1.120  -4.308  1.00 10.62 ? 44  ASN A C   1 
ATOM   337  O O   . ASN A 1 44  ? -2.286  -1.244  -5.483  1.00 11.27 ? 44  ASN A O   1 
ATOM   338  C CB  . ASN A 1 44  ? -4.069  -3.169  -3.433  1.00 7.33  ? 44  ASN A CB  1 
ATOM   339  C CG  . ASN A 1 44  ? -3.182  -3.289  -2.169  1.00 6.48  ? 44  ASN A CG  1 
ATOM   340  O OD1 . ASN A 1 44  ? -3.619  -2.717  -1.119  1.00 8.57  ? 44  ASN A OD1 1 
ATOM   341  N ND2 . ASN A 1 44  ? -2.092  -3.924  -2.380  1.00 5.22  ? 44  ASN A ND2 1 
ATOM   342  N N   . THR A 1 45  ? -1.982  -0.402  -3.389  1.00 7.17  ? 45  THR A N   1 
ATOM   343  C CA  . THR A 1 45  ? -0.734  0.248   -3.491  1.00 6.18  ? 45  THR A CA  1 
ATOM   344  C C   . THR A 1 45  ? 0.401   -0.515  -2.705  1.00 6.42  ? 45  THR A C   1 
ATOM   345  O O   . THR A 1 45  ? 0.153   -0.841  -1.535  1.00 3.21  ? 45  THR A O   1 
ATOM   346  C CB  . THR A 1 45  ? -0.709  1.668   -2.806  1.00 7.49  ? 45  THR A CB  1 
ATOM   347  O OG1 . THR A 1 45  ? -1.827  2.436   -3.273  1.00 9.00  ? 45  THR A OG1 1 
ATOM   348  C CG2 . THR A 1 45  ? 0.600   2.476   -3.054  1.00 5.52  ? 45  THR A CG2 1 
ATOM   349  N N   . PHE A 1 46  ? 1.481   -0.692  -3.333  1.00 6.95  ? 46  PHE A N   1 
ATOM   350  C CA  . PHE A 1 46  ? 2.733   -1.356  -2.814  1.00 7.78  ? 46  PHE A CA  1 
ATOM   351  C C   . PHE A 1 46  ? 3.764   -0.273  -2.583  1.00 8.88  ? 46  PHE A C   1 
ATOM   352  O O   . PHE A 1 46  ? 3.853   0.640   -3.448  1.00 10.84 ? 46  PHE A O   1 
ATOM   353  C CB  . PHE A 1 46  ? 3.212   -2.425  -3.793  1.00 6.94  ? 46  PHE A CB  1 
ATOM   354  C CG  . PHE A 1 46  ? 2.362   -3.658  -3.656  1.00 8.00  ? 46  PHE A CG  1 
ATOM   355  C CD1 . PHE A 1 46  ? 2.519   -4.483  -2.540  1.00 5.36  ? 46  PHE A CD1 1 
ATOM   356  C CD2 . PHE A 1 46  ? 1.378   -3.914  -4.649  1.00 7.22  ? 46  PHE A CD2 1 
ATOM   357  C CE1 . PHE A 1 46  ? 1.677   -5.581  -2.379  1.00 7.18  ? 46  PHE A CE1 1 
ATOM   358  C CE2 . PHE A 1 46  ? 0.554   -5.050  -4.510  1.00 6.11  ? 46  PHE A CE2 1 
ATOM   359  C CZ  . PHE A 1 46  ? 0.714   -5.886  -3.372  1.00 6.55  ? 46  PHE A CZ  1 
ATOM   360  N N   . VAL A 1 47  ? 4.508   -0.318  -1.504  1.00 8.24  ? 47  VAL A N   1 
ATOM   361  C CA  . VAL A 1 47  ? 5.525   0.670   -1.121  1.00 7.60  ? 47  VAL A CA  1 
ATOM   362  C C   . VAL A 1 47  ? 6.883   -0.062  -1.261  1.00 8.94  ? 47  VAL A C   1 
ATOM   363  O O   . VAL A 1 47  ? 6.994   -1.132  -0.711  1.00 5.84  ? 47  VAL A O   1 
ATOM   364  C CB  . VAL A 1 47  ? 5.284   1.149   0.290   1.00 7.94  ? 47  VAL A CB  1 
ATOM   365  C CG1 . VAL A 1 47  ? 6.259   2.174   0.770   1.00 8.91  ? 47  VAL A CG1 1 
ATOM   366  C CG2 . VAL A 1 47  ? 3.839   1.652   0.456   1.00 7.53  ? 47  VAL A CG2 1 
ATOM   367  N N   . HIS A 1 48  ? 7.746   0.534   -2.076  1.00 7.85  ? 48  HIS A N   1 
ATOM   368  C CA  . HIS A 1 48  ? 9.044   -0.123  -2.331  1.00 10.16 ? 48  HIS A CA  1 
ATOM   369  C C   . HIS A 1 48  ? 10.047  0.506   -1.424  1.00 10.40 ? 48  HIS A C   1 
ATOM   370  O O   . HIS A 1 48  ? 11.025  1.081   -2.010  1.00 15.09 ? 48  HIS A O   1 
ATOM   371  C CB  . HIS A 1 48  ? 9.459   -0.026  -3.848  1.00 9.92  ? 48  HIS A CB  1 
ATOM   372  C CG  . HIS A 1 48  ? 8.394   -0.603  -4.795  1.00 8.34  ? 48  HIS A CG  1 
ATOM   373  N ND1 . HIS A 1 48  ? 8.427   -1.874  -5.314  1.00 8.99  ? 48  HIS A ND1 1 
ATOM   374  C CD2 . HIS A 1 48  ? 7.283   -0.039  -5.320  1.00 4.75  ? 48  HIS A CD2 1 
ATOM   375  C CE1 . HIS A 1 48  ? 7.351   -2.018  -6.116  1.00 8.73  ? 48  HIS A CE1 1 
ATOM   376  N NE2 . HIS A 1 48  ? 6.662   -0.912  -6.107  1.00 4.65  ? 48  HIS A NE2 1 
ATOM   377  N N   . GLU A 1 49  ? 9.889   0.539   -0.166  1.00 6.91  ? 49  GLU A N   1 
ATOM   378  C CA  . GLU A 1 49  ? 10.791  1.099   0.853   1.00 7.95  ? 49  GLU A CA  1 
ATOM   379  C C   . GLU A 1 49  ? 10.955  0.107   2.000   1.00 7.19  ? 49  GLU A C   1 
ATOM   380  O O   . GLU A 1 49  ? 10.150  -0.807  2.044   1.00 8.65  ? 49  GLU A O   1 
ATOM   381  C CB  . GLU A 1 49  ? 10.309  2.389   1.500   1.00 5.50  ? 49  GLU A CB  1 
ATOM   382  C CG  . GLU A 1 49  ? 9.901   3.474   0.501   1.00 9.29  ? 49  GLU A CG  1 
ATOM   383  C CD  . GLU A 1 49  ? 11.009  4.107   -0.309  1.00 12.81 ? 49  GLU A CD  1 
ATOM   384  O OE1 . GLU A 1 49  ? 12.141  4.078   0.223   1.00 10.86 ? 49  GLU A OE1 1 
ATOM   385  O OE2 . GLU A 1 49  ? 10.752  4.657   -1.407  1.00 12.99 ? 49  GLU A OE2 1 
ATOM   386  N N   . SER A 1 50  ? 12.005  0.327   2.838   1.00 7.61  ? 50  SER A N   1 
ATOM   387  C CA  . SER A 1 50  ? 12.148  -0.639  3.938   1.00 9.46  ? 50  SER A CA  1 
ATOM   388  C C   . SER A 1 50  ? 11.087  -0.451  4.993   1.00 8.67  ? 50  SER A C   1 
ATOM   389  O O   . SER A 1 50  ? 10.673  0.677   5.376   1.00 12.97 ? 50  SER A O   1 
ATOM   390  C CB  . SER A 1 50  ? 13.521  -0.519  4.673   1.00 6.98  ? 50  SER A CB  1 
ATOM   391  O OG  . SER A 1 50  ? 13.423  0.743   5.397   1.00 7.09  ? 50  SER A OG  1 
ATOM   392  N N   . LEU A 1 51  ? 10.724  -1.572  5.594   1.00 11.64 ? 51  LEU A N   1 
ATOM   393  C CA  . LEU A 1 51  ? 9.740   -1.625  6.648   1.00 10.94 ? 51  LEU A CA  1 
ATOM   394  C C   . LEU A 1 51  ? 9.929   -0.487  7.607   1.00 10.25 ? 51  LEU A C   1 
ATOM   395  O O   . LEU A 1 51  ? 8.991   0.212   7.988   1.00 11.81 ? 51  LEU A O   1 
ATOM   396  C CB  . LEU A 1 51  ? 9.838   -3.039  7.291   1.00 11.81 ? 51  LEU A CB  1 
ATOM   397  C CG  . LEU A 1 51  ? 8.711   -3.237  8.312   1.00 14.15 ? 51  LEU A CG  1 
ATOM   398  C CD1 . LEU A 1 51  ? 7.402   -2.750  7.768   1.00 12.63 ? 51  LEU A CD1 1 
ATOM   399  C CD2 . LEU A 1 51  ? 8.647   -4.742  8.605   1.00 17.22 ? 51  LEU A CD2 1 
ATOM   400  N N   . ALA A 1 52  ? 11.189  -0.319  8.104   1.00 9.10  ? 52  ALA A N   1 
ATOM   401  C CA  . ALA A 1 52  ? 11.513  0.732   9.058   1.00 5.28  ? 52  ALA A CA  1 
ATOM   402  C C   . ALA A 1 52  ? 11.279  2.099   8.448   1.00 5.15  ? 52  ALA A C   1 
ATOM   403  O O   . ALA A 1 52  ? 10.882  3.054   9.115   1.00 7.06  ? 52  ALA A O   1 
ATOM   404  C CB  . ALA A 1 52  ? 13.034  0.606   9.365   1.00 5.34  ? 52  ALA A CB  1 
ATOM   405  N N   . ASP A 1 53  ? 11.606  2.182   7.157   1.00 5.05  ? 53  ASP A N   1 
ATOM   406  C CA  . ASP A 1 53  ? 11.373  3.577   6.589   1.00 8.79  ? 53  ASP A CA  1 
ATOM   407  C C   . ASP A 1 53  ? 9.852   3.876   6.687   1.00 7.98  ? 53  ASP A C   1 
ATOM   408  O O   . ASP A 1 53  ? 9.520   5.050   7.024   1.00 10.05 ? 53  ASP A O   1 
ATOM   409  C CB  . ASP A 1 53  ? 11.944  3.763   5.280   1.00 9.10  ? 53  ASP A CB  1 
ATOM   410  C CG  . ASP A 1 53  ? 13.361  4.288   5.163   1.00 9.65  ? 53  ASP A CG  1 
ATOM   411  O OD1 . ASP A 1 53  ? 14.102  4.374   6.131   1.00 11.01 ? 53  ASP A OD1 1 
ATOM   412  O OD2 . ASP A 1 53  ? 13.668  4.617   4.014   1.00 9.23  ? 53  ASP A OD2 1 
ATOM   413  N N   . VAL A 1 54  ? 9.049   2.892   6.412   1.00 6.93  ? 54  VAL A N   1 
ATOM   414  C CA  . VAL A 1 54  ? 7.569   3.151   6.421   1.00 6.74  ? 54  VAL A CA  1 
ATOM   415  C C   . VAL A 1 54  ? 7.028   3.308   7.807   1.00 8.45  ? 54  VAL A C   1 
ATOM   416  O O   . VAL A 1 54  ? 6.119   4.111   8.032   1.00 4.88  ? 54  VAL A O   1 
ATOM   417  C CB  . VAL A 1 54  ? 6.903   2.023   5.580   1.00 8.01  ? 54  VAL A CB  1 
ATOM   418  C CG1 . VAL A 1 54  ? 5.373   2.048   5.685   1.00 7.69  ? 54  VAL A CG1 1 
ATOM   419  C CG2 . VAL A 1 54  ? 7.347   2.072   4.141   1.00 4.63  ? 54  VAL A CG2 1 
ATOM   420  N N   . GLN A 1 55  ? 7.648   2.530   8.762   1.00 8.37  ? 55  GLN A N   1 
ATOM   421  C CA  . GLN A 1 55  ? 7.086   2.682   10.144  1.00 10.44 ? 55  GLN A CA  1 
ATOM   422  C C   . GLN A 1 55  ? 7.356   4.095   10.611  1.00 10.23 ? 55  GLN A C   1 
ATOM   423  O O   . GLN A 1 55  ? 6.464   4.649   11.288  1.00 14.24 ? 55  GLN A O   1 
ATOM   424  C CB  . GLN A 1 55  ? 7.557   1.625   11.130  1.00 10.26 ? 55  GLN A CB  1 
ATOM   425  C CG  . GLN A 1 55  ? 6.893   0.290   10.832  1.00 10.80 ? 55  GLN A CG  1 
ATOM   426  C CD  . GLN A 1 55  ? 7.695   -0.872  11.303  1.00 10.28 ? 55  GLN A CD  1 
ATOM   427  O OE1 . GLN A 1 55  ? 8.872   -0.683  11.676  1.00 12.59 ? 55  GLN A OE1 1 
ATOM   428  N NE2 . GLN A 1 55  ? 7.107   -2.040  11.260  1.00 11.76 ? 55  GLN A NE2 1 
ATOM   429  N N   . ALA A 1 56  ? 8.488   4.630   10.276  1.00 10.58 ? 56  ALA A N   1 
ATOM   430  C CA  . ALA A 1 56  ? 8.936   5.967   10.614  1.00 11.19 ? 56  ALA A CA  1 
ATOM   431  C C   . ALA A 1 56  ? 7.966   7.078   10.159  1.00 9.43  ? 56  ALA A C   1 
ATOM   432  O O   . ALA A 1 56  ? 8.130   8.220   10.612  1.00 7.32  ? 56  ALA A O   1 
ATOM   433  C CB  . ALA A 1 56  ? 10.298  6.235   9.878   1.00 11.23 ? 56  ALA A CB  1 
ATOM   434  N N   . VAL A 1 57  ? 7.049   6.716   9.303   1.00 9.67  ? 57  VAL A N   1 
ATOM   435  C CA  . VAL A 1 57  ? 6.055   7.749   8.811   1.00 11.93 ? 57  VAL A CA  1 
ATOM   436  C C   . VAL A 1 57  ? 5.145   8.133   9.965   1.00 13.70 ? 57  VAL A C   1 
ATOM   437  O O   . VAL A 1 57  ? 4.679   9.329   9.963   1.00 15.99 ? 57  VAL A O   1 
ATOM   438  C CB  . VAL A 1 57  ? 5.308   7.367   7.529   1.00 10.14 ? 57  VAL A CB  1 
ATOM   439  C CG1 . VAL A 1 57  ? 4.022   8.221   7.394   1.00 9.99  ? 57  VAL A CG1 1 
ATOM   440  C CG2 . VAL A 1 57  ? 6.124   7.543   6.272   1.00 7.37  ? 57  VAL A CG2 1 
ATOM   441  N N   . CYS A 1 58  ? 4.931   7.224   10.913  1.00 12.22 ? 58  CYS A N   1 
ATOM   442  C CA  . CYS A 1 58  ? 4.073   7.527   12.048  1.00 14.35 ? 58  CYS A CA  1 
ATOM   443  C C   . CYS A 1 58  ? 4.624   8.546   13.022  1.00 13.79 ? 58  CYS A C   1 
ATOM   444  O O   . CYS A 1 58  ? 3.901   8.756   14.057  1.00 16.19 ? 58  CYS A O   1 
ATOM   445  C CB  . CYS A 1 58  ? 3.628   6.308   12.844  1.00 12.88 ? 58  CYS A CB  1 
ATOM   446  S SG  . CYS A 1 58  ? 2.811   5.081   11.886  1.00 12.16 ? 58  CYS A SG  1 
ATOM   447  N N   . SER A 1 59  ? 5.724   9.107   12.742  1.00 13.08 ? 59  SER A N   1 
ATOM   448  C CA  . SER A 1 59  ? 6.338   10.140  13.624  1.00 15.60 ? 59  SER A CA  1 
ATOM   449  C C   . SER A 1 59  ? 6.753   11.309  12.729  1.00 15.32 ? 59  SER A C   1 
ATOM   450  O O   . SER A 1 59  ? 7.622   12.146  13.059  1.00 16.59 ? 59  SER A O   1 
ATOM   451  C CB  . SER A 1 59  ? 7.444   9.513   14.426  1.00 15.11 ? 59  SER A CB  1 
ATOM   452  O OG  . SER A 1 59  ? 8.472   9.203   13.519  1.00 19.38 ? 59  SER A OG  1 
ATOM   453  N N   . GLN A 1 60  ? 6.066   11.346  11.572  1.00 14.25 ? 60  GLN A N   1 
ATOM   454  C CA  . GLN A 1 60  ? 6.254   12.391  10.563  1.00 12.90 ? 60  GLN A CA  1 
ATOM   455  C C   . GLN A 1 60  ? 5.103   13.410  10.655  1.00 16.67 ? 60  GLN A C   1 
ATOM   456  O O   . GLN A 1 60  ? 4.654   13.821  11.745  1.00 15.38 ? 60  GLN A O   1 
ATOM   457  C CB  . GLN A 1 60  ? 6.635   11.898  9.164   1.00 10.76 ? 60  GLN A CB  1 
ATOM   458  C CG  . GLN A 1 60  ? 8.133   11.405  9.216   1.00 8.48  ? 60  GLN A CG  1 
ATOM   459  C CD  . GLN A 1 60  ? 8.654   10.644  8.061   1.00 9.58  ? 60  GLN A CD  1 
ATOM   460  O OE1 . GLN A 1 60  ? 8.203   10.780  6.899   1.00 8.81  ? 60  GLN A OE1 1 
ATOM   461  N NE2 . GLN A 1 60  ? 9.673   9.744   8.214   1.00 8.52  ? 60  GLN A NE2 1 
ATOM   462  N N   . LYS A 1 61  ? 4.657   13.939  9.496   1.00 17.82 ? 61  LYS A N   1 
ATOM   463  C CA  . LYS A 1 61  ? 3.647   15.004  9.474   1.00 15.18 ? 61  LYS A CA  1 
ATOM   464  C C   . LYS A 1 61  ? 2.250   14.453  9.718   1.00 15.28 ? 61  LYS A C   1 
ATOM   465  O O   . LYS A 1 61  ? 1.713   13.663  8.971   1.00 15.07 ? 61  LYS A O   1 
ATOM   466  C CB  . LYS A 1 61  ? 3.746   15.825  8.240   1.00 15.59 ? 61  LYS A CB  1 
ATOM   467  C CG  . LYS A 1 61  ? 3.124   17.046  7.789   1.00 13.07 ? 61  LYS A CG  1 
ATOM   468  C CD  . LYS A 1 61  ? 3.003   18.339  8.442   1.00 10.72 ? 61  LYS A CD  1 
ATOM   469  C CE  . LYS A 1 61  ? 4.114   18.868  9.267   1.00 11.53 ? 61  LYS A CE  1 
ATOM   470  N NZ  . LYS A 1 61  ? 3.878   20.314  9.682   1.00 8.61  ? 61  LYS A NZ  1 
ATOM   471  N N   . ASN A 1 62  ? 1.729   14.981  10.831  1.00 16.21 ? 62  ASN A N   1 
ATOM   472  C CA  . ASN A 1 62  ? 0.373   14.609  11.280  1.00 15.45 ? 62  ASN A CA  1 
ATOM   473  C C   . ASN A 1 62  ? -0.644  15.466  10.466  1.00 16.03 ? 62  ASN A C   1 
ATOM   474  O O   . ASN A 1 62  ? -0.547  16.676  10.404  1.00 13.49 ? 62  ASN A O   1 
ATOM   475  C CB  . ASN A 1 62  ? 0.300   14.789  12.772  1.00 14.75 ? 62  ASN A CB  1 
ATOM   476  C CG  . ASN A 1 62  ? -1.104  14.449  13.285  1.00 15.68 ? 62  ASN A CG  1 
ATOM   477  O OD1 . ASN A 1 62  ? -1.584  15.255  14.090  1.00 16.79 ? 62  ASN A OD1 1 
ATOM   478  N ND2 . ASN A 1 62  ? -1.713  13.382  12.753  1.00 15.79 ? 62  ASN A ND2 1 
ATOM   479  N N   . VAL A 1 63  ? -1.593  14.735  9.897   1.00 18.03 ? 63  VAL A N   1 
ATOM   480  C CA  . VAL A 1 63  ? -2.674  15.297  9.087   1.00 17.38 ? 63  VAL A CA  1 
ATOM   481  C C   . VAL A 1 63  ? -3.970  14.508  9.304   1.00 20.86 ? 63  VAL A C   1 
ATOM   482  O O   . VAL A 1 63  ? -4.008  13.349  9.801   1.00 18.58 ? 63  VAL A O   1 
ATOM   483  C CB  . VAL A 1 63  ? -2.207  15.336  7.630   1.00 17.51 ? 63  VAL A CB  1 
ATOM   484  C CG1 . VAL A 1 63  ? -1.078  16.312  7.360   1.00 16.51 ? 63  VAL A CG1 1 
ATOM   485  C CG2 . VAL A 1 63  ? -1.864  13.945  7.135   1.00 16.57 ? 63  VAL A CG2 1 
ATOM   486  N N   . ALA A 1 64  ? -5.058  15.191  8.892   1.00 21.53 ? 64  ALA A N   1 
ATOM   487  C CA  . ALA A 1 64  ? -6.386  14.550  9.018   1.00 23.19 ? 64  ALA A CA  1 
ATOM   488  C C   . ALA A 1 64  ? -6.432  13.496  7.905   1.00 22.92 ? 64  ALA A C   1 
ATOM   489  O O   . ALA A 1 64  ? -5.786  13.647  6.833   1.00 23.31 ? 64  ALA A O   1 
ATOM   490  C CB  . ALA A 1 64  ? -7.565  15.478  8.995   1.00 23.64 ? 64  ALA A CB  1 
ATOM   491  N N   . CYS A 1 65  ? -7.175  12.472  8.245   1.00 21.04 ? 65  CYS A N   1 
ATOM   492  C CA  . CYS A 1 65  ? -7.358  11.340  7.327   1.00 21.43 ? 65  CYS A CA  1 
ATOM   493  C C   . CYS A 1 65  ? -8.579  11.743  6.496   1.00 22.71 ? 65  CYS A C   1 
ATOM   494  O O   . CYS A 1 65  ? -9.276  12.693  6.921   1.00 22.87 ? 65  CYS A O   1 
ATOM   495  C CB  . CYS A 1 65  ? -7.620  10.059  8.071   1.00 22.61 ? 65  CYS A CB  1 
ATOM   496  S SG  . CYS A 1 65  ? -6.459  9.493   9.338   1.00 22.99 ? 65  CYS A SG  1 
ATOM   497  N N   . LYS A 1 66  ? -8.799  11.044  5.439   1.00 25.13 ? 66  LYS A N   1 
ATOM   498  C CA  . LYS A 1 66  ? -9.951  11.265  4.553   1.00 29.75 ? 66  LYS A CA  1 
ATOM   499  C C   . LYS A 1 66  ? -11.086 10.462  5.227   1.00 31.91 ? 66  LYS A C   1 
ATOM   500  O O   . LYS A 1 66  ? -11.330 9.290   4.861   1.00 34.22 ? 66  LYS A O   1 
ATOM   501  C CB  . LYS A 1 66  ? -9.733  10.702  3.190   1.00 32.23 ? 66  LYS A CB  1 
ATOM   502  C CG  . LYS A 1 66  ? -10.511 11.258  2.024   1.00 33.81 ? 66  LYS A CG  1 
ATOM   503  C CD  . LYS A 1 66  ? -9.544  11.413  0.801   1.00 35.98 ? 66  LYS A CD  1 
ATOM   504  C CE  . LYS A 1 66  ? -8.743  10.134  0.558   1.00 36.60 ? 66  LYS A CE  1 
ATOM   505  N NZ  . LYS A 1 66  ? -7.664  9.963   1.599   1.00 34.89 ? 66  LYS A NZ  1 
ATOM   506  N N   . ASN A 1 67  ? -11.679 11.103  6.189   1.00 32.69 ? 67  ASN A N   1 
ATOM   507  C CA  . ASN A 1 67  ? -12.784 10.571  7.015   1.00 33.24 ? 67  ASN A CA  1 
ATOM   508  C C   . ASN A 1 67  ? -12.885 11.543  8.209   1.00 34.48 ? 67  ASN A C   1 
ATOM   509  O O   . ASN A 1 67  ? -13.981 11.686  8.786   1.00 36.54 ? 67  ASN A O   1 
ATOM   510  C CB  . ASN A 1 67  ? -12.685 9.126   7.415   1.00 31.95 ? 67  ASN A CB  1 
ATOM   511  C CG  . ASN A 1 67  ? -11.808 8.773   8.605   1.00 31.28 ? 67  ASN A CG  1 
ATOM   512  O OD1 . ASN A 1 67  ? -10.968 9.526   9.088   1.00 30.26 ? 67  ASN A OD1 1 
ATOM   513  N ND2 . ASN A 1 67  ? -11.991 7.557   9.157   1.00 29.85 ? 67  ASN A ND2 1 
ATOM   514  N N   . GLY A 1 68  ? -11.747 12.175  8.513   1.00 34.06 ? 68  GLY A N   1 
ATOM   515  C CA  . GLY A 1 68  ? -11.716 13.130  9.617   1.00 33.04 ? 68  GLY A CA  1 
ATOM   516  C C   . GLY A 1 68  ? -10.875 12.742  10.788  1.00 33.13 ? 68  GLY A C   1 
ATOM   517  O O   . GLY A 1 68  ? -10.605 13.652  11.646  1.00 33.74 ? 68  GLY A O   1 
ATOM   518  N N   . GLN A 1 69  ? -10.452 11.478  10.857  1.00 31.67 ? 69  GLN A N   1 
ATOM   519  C CA  . GLN A 1 69  ? -9.616  11.036  11.962  1.00 32.22 ? 69  GLN A CA  1 
ATOM   520  C C   . GLN A 1 69  ? -8.261  11.810  11.864  1.00 30.15 ? 69  GLN A C   1 
ATOM   521  O O   . GLN A 1 69  ? -7.778  12.193  10.829  1.00 32.23 ? 69  GLN A O   1 
ATOM   522  C CB  . GLN A 1 69  ? -9.247  9.577   12.130  1.00 33.76 ? 69  GLN A CB  1 
ATOM   523  C CG  . GLN A 1 69  ? -10.360 8.739   12.815  1.00 34.02 ? 69  GLN A CG  1 
ATOM   524  C CD  . GLN A 1 69  ? -11.276 8.354   11.688  1.00 35.34 ? 69  GLN A CD  1 
ATOM   525  O OE1 . GLN A 1 69  ? -12.225 9.100   11.425  1.00 39.15 ? 69  GLN A OE1 1 
ATOM   526  N NE2 . GLN A 1 69  ? -10.964 7.256   11.000  1.00 35.14 ? 69  GLN A NE2 1 
ATOM   527  N N   . THR A 1 70  ? -7.729  11.931  13.035  1.00 29.14 ? 70  THR A N   1 
ATOM   528  C CA  . THR A 1 70  ? -6.513  12.586  13.399  1.00 26.72 ? 70  THR A CA  1 
ATOM   529  C C   . THR A 1 70  ? -5.311  11.685  13.512  1.00 25.53 ? 70  THR A C   1 
ATOM   530  O O   . THR A 1 70  ? -4.289  12.201  14.050  1.00 24.20 ? 70  THR A O   1 
ATOM   531  C CB  . THR A 1 70  ? -6.821  13.226  14.842  1.00 26.63 ? 70  THR A CB  1 
ATOM   532  O OG1 . THR A 1 70  ? -5.997  14.418  14.884  1.00 29.19 ? 70  THR A OG1 1 
ATOM   533  C CG2 . THR A 1 70  ? -6.616  12.270  15.998  1.00 25.68 ? 70  THR A CG2 1 
ATOM   534  N N   . ASN A 1 71  ? -5.435  10.419  13.078  1.00 21.83 ? 71  ASN A N   1 
ATOM   535  C CA  . ASN A 1 71  ? -4.236  9.527   13.238  1.00 19.38 ? 71  ASN A CA  1 
ATOM   536  C C   . ASN A 1 71  ? -3.530  9.295   11.931  1.00 17.51 ? 71  ASN A C   1 
ATOM   537  O O   . ASN A 1 71  ? -3.022  8.195   11.780  1.00 16.47 ? 71  ASN A O   1 
ATOM   538  C CB  . ASN A 1 71  ? -4.668  8.211   13.928  1.00 19.88 ? 71  ASN A CB  1 
ATOM   539  C CG  . ASN A 1 71  ? -5.675  7.452   13.038  1.00 20.10 ? 71  ASN A CG  1 
ATOM   540  O OD1 . ASN A 1 71  ? -6.583  8.109   12.521  1.00 21.29 ? 71  ASN A OD1 1 
ATOM   541  N ND2 . ASN A 1 71  ? -5.509  6.158   12.857  1.00 18.69 ? 71  ASN A ND2 1 
ATOM   542  N N   . CYS A 1 72  ? -3.555  10.277  11.028  1.00 17.88 ? 72  CYS A N   1 
ATOM   543  C CA  . CYS A 1 72  ? -2.882  10.119  9.711   1.00 17.15 ? 72  CYS A CA  1 
ATOM   544  C C   . CYS A 1 72  ? -1.589  10.927  9.727   1.00 14.58 ? 72  CYS A C   1 
ATOM   545  O O   . CYS A 1 72  ? -1.626  11.989  10.351  1.00 15.45 ? 72  CYS A O   1 
ATOM   546  C CB  . CYS A 1 72  ? -3.756  10.464  8.527   1.00 17.36 ? 72  CYS A CB  1 
ATOM   547  S SG  . CYS A 1 72  ? -4.825  9.021   8.146   1.00 22.12 ? 72  CYS A SG  1 
ATOM   548  N N   . TYR A 1 73  ? -0.586  10.383  9.081   1.00 13.81 ? 73  TYR A N   1 
ATOM   549  C CA  . TYR A 1 73  ? 0.740   11.003  8.982   1.00 12.64 ? 73  TYR A CA  1 
ATOM   550  C C   . TYR A 1 73  ? 1.246   10.990  7.525   1.00 9.18  ? 73  TYR A C   1 
ATOM   551  O O   . TYR A 1 73  ? 1.108   9.948   6.902   1.00 10.00 ? 73  TYR A O   1 
ATOM   552  C CB  . TYR A 1 73  ? 1.797   10.293  9.869   1.00 11.37 ? 73  TYR A CB  1 
ATOM   553  C CG  . TYR A 1 73  ? 1.413   10.380  11.336  1.00 11.79 ? 73  TYR A CG  1 
ATOM   554  C CD1 . TYR A 1 73  ? 1.797   11.458  12.140  1.00 11.07 ? 73  TYR A CD1 1 
ATOM   555  C CD2 . TYR A 1 73  ? 0.610   9.394   11.870  1.00 13.93 ? 73  TYR A CD2 1 
ATOM   556  C CE1 . TYR A 1 73  ? 1.365   11.544  13.462  1.00 13.17 ? 73  TYR A CE1 1 
ATOM   557  C CE2 . TYR A 1 73  ? 0.219   9.453   13.249  1.00 12.91 ? 73  TYR A CE2 1 
ATOM   558  C CZ  . TYR A 1 73  ? 0.595   10.535  13.976  1.00 13.03 ? 73  TYR A CZ  1 
ATOM   559  O OH  . TYR A 1 73  ? 0.170   10.574  15.302  1.00 19.47 ? 73  TYR A OH  1 
ATOM   560  N N   . GLN A 1 74  ? 1.869   12.085  7.126   1.00 8.67  ? 74  GLN A N   1 
ATOM   561  C CA  . GLN A 1 74  ? 2.428   12.179  5.743   1.00 4.63  ? 74  GLN A CA  1 
ATOM   562  C C   . GLN A 1 74  ? 3.962   12.111  5.815   1.00 8.03  ? 74  GLN A C   1 
ATOM   563  O O   . GLN A 1 74  ? 4.619   12.817  6.647   1.00 7.45  ? 74  GLN A O   1 
ATOM   564  C CB  . GLN A 1 74  ? 1.878   13.378  4.992   1.00 7.50  ? 74  GLN A CB  1 
ATOM   565  C CG  . GLN A 1 74  ? 2.306   13.561  3.571   1.00 10.84 ? 74  GLN A CG  1 
ATOM   566  C CD  . GLN A 1 74  ? 1.688   14.575  2.683   1.00 14.11 ? 74  GLN A CD  1 
ATOM   567  O OE1 . GLN A 1 74  ? 2.189   15.014  1.594   1.00 17.39 ? 74  GLN A OE1 1 
ATOM   568  N NE2 . GLN A 1 74  ? 0.522   15.111  3.023   1.00 16.28 ? 74  GLN A NE2 1 
ATOM   569  N N   . SER A 1 75  ? 4.490   11.262  4.943   1.00 7.21  ? 75  SER A N   1 
ATOM   570  C CA  . SER A 1 75  ? 5.946   11.137  4.841   1.00 11.17 ? 75  SER A CA  1 
ATOM   571  C C   . SER A 1 75  ? 6.486   12.501  4.387   1.00 12.55 ? 75  SER A C   1 
ATOM   572  O O   . SER A 1 75  ? 5.967   13.274  3.556   1.00 13.52 ? 75  SER A O   1 
ATOM   573  C CB  . SER A 1 75  ? 6.456   10.056  3.952   1.00 10.18 ? 75  SER A CB  1 
ATOM   574  O OG  . SER A 1 75  ? 6.094   10.165  2.628   1.00 10.56 ? 75  SER A OG  1 
ATOM   575  N N   . TYR A 1 76  ? 7.601   12.844  5.030   1.00 12.03 ? 76  TYR A N   1 
ATOM   576  C CA  . TYR A 1 76  ? 8.305   14.080  4.706   1.00 12.73 ? 76  TYR A CA  1 
ATOM   577  C C   . TYR A 1 76  ? 8.767   14.009  3.247   1.00 13.74 ? 76  TYR A C   1 
ATOM   578  O O   . TYR A 1 76  ? 8.634   15.013  2.540   1.00 15.23 ? 76  TYR A O   1 
ATOM   579  C CB  . TYR A 1 76  ? 9.578   14.261  5.539   1.00 11.77 ? 76  TYR A CB  1 
ATOM   580  C CG  . TYR A 1 76  ? 9.270   14.610  6.967   1.00 11.01 ? 76  TYR A CG  1 
ATOM   581  C CD1 . TYR A 1 76  ? 8.252   15.557  7.212   1.00 10.03 ? 76  TYR A CD1 1 
ATOM   582  C CD2 . TYR A 1 76  ? 9.962   14.051  8.034   1.00 8.65  ? 76  TYR A CD2 1 
ATOM   583  C CE1 . TYR A 1 76  ? 7.935   15.914  8.529   1.00 10.08 ? 76  TYR A CE1 1 
ATOM   584  C CE2 . TYR A 1 76  ? 9.615   14.400  9.336   1.00 9.03  ? 76  TYR A CE2 1 
ATOM   585  C CZ  . TYR A 1 76  ? 8.644   15.324  9.582   1.00 9.48  ? 76  TYR A CZ  1 
ATOM   586  O OH  . TYR A 1 76  ? 8.334   15.698  10.867  1.00 10.87 ? 76  TYR A OH  1 
ATOM   587  N N   . SER A 1 77  ? 9.353   12.867  2.867   1.00 14.09 ? 77  SER A N   1 
ATOM   588  C CA  . SER A 1 77  ? 9.832   12.779  1.477   1.00 14.16 ? 77  SER A CA  1 
ATOM   589  C C   . SER A 1 77  ? 8.987   11.816  0.647   1.00 14.56 ? 77  SER A C   1 
ATOM   590  O O   . SER A 1 77  ? 7.997   11.203  1.140   1.00 12.96 ? 77  SER A O   1 
ATOM   591  C CB  . SER A 1 77  ? 11.299  12.557  1.371   1.00 14.93 ? 77  SER A CB  1 
ATOM   592  O OG  . SER A 1 77  ? 11.820  11.426  1.857   1.00 16.16 ? 77  SER A OG  1 
ATOM   593  N N   . THR A 1 78  ? 9.346   11.805  -0.626  1.00 12.66 ? 78  THR A N   1 
ATOM   594  C CA  . THR A 1 78  ? 8.631   10.916  -1.562  1.00 14.06 ? 78  THR A CA  1 
ATOM   595  C C   . THR A 1 78  ? 9.162   9.508   -1.361  1.00 14.01 ? 78  THR A C   1 
ATOM   596  O O   . THR A 1 78  ? 10.282  9.259   -0.822  1.00 17.45 ? 78  THR A O   1 
ATOM   597  C CB  . THR A 1 78  ? 8.617   11.424  -3.043  1.00 14.79 ? 78  THR A CB  1 
ATOM   598  O OG1 . THR A 1 78  ? 9.970   11.504  -3.538  1.00 14.61 ? 78  THR A OG1 1 
ATOM   599  C CG2 . THR A 1 78  ? 7.860   12.795  -3.104  1.00 14.71 ? 78  THR A CG2 1 
ATOM   600  N N   . MET A 1 79  ? 8.369   8.550   -1.794  1.00 11.73 ? 79  MET A N   1 
ATOM   601  C CA  . MET A 1 79  ? 8.675   7.135   -1.682  1.00 9.99  ? 79  MET A CA  1 
ATOM   602  C C   . MET A 1 79  ? 8.350   6.480   -3.011  1.00 9.85  ? 79  MET A C   1 
ATOM   603  O O   . MET A 1 79  ? 7.435   6.994   -3.625  1.00 8.44  ? 79  MET A O   1 
ATOM   604  C CB  . MET A 1 79  ? 7.841   6.527   -0.554  1.00 8.81  ? 79  MET A CB  1 
ATOM   605  C CG  . MET A 1 79  ? 8.318   7.065   0.746   1.00 12.55 ? 79  MET A CG  1 
ATOM   606  S SD  . MET A 1 79  ? 7.686   6.071   2.189   1.00 15.64 ? 79  MET A SD  1 
ATOM   607  C CE  . MET A 1 79  ? 8.502   6.967   3.458   1.00 14.91 ? 79  MET A CE  1 
ATOM   608  N N   . SER A 1 80  ? 9.122   5.456   -3.352  1.00 10.54 ? 80  SER A N   1 
ATOM   609  C CA  . SER A 1 80  ? 8.816   4.788   -4.657  1.00 8.36  ? 80  SER A CA  1 
ATOM   610  C C   . SER A 1 80  ? 7.553   4.029   -4.354  1.00 9.51  ? 80  SER A C   1 
ATOM   611  O O   . SER A 1 80  ? 7.664   3.414   -3.254  1.00 6.89  ? 80  SER A O   1 
ATOM   612  C CB  . SER A 1 80  ? 9.953   3.943   -5.087  1.00 7.64  ? 80  SER A CB  1 
ATOM   613  O OG  . SER A 1 80  ? 9.543   2.811   -5.815  1.00 8.23  ? 80  SER A OG  1 
ATOM   614  N N   . ILE A 1 81  ? 6.512   4.041   -5.169  1.00 8.00  ? 81  ILE A N   1 
ATOM   615  C CA  . ILE A 1 81  ? 5.282   3.292   -4.853  1.00 7.79  ? 81  ILE A CA  1 
ATOM   616  C C   . ILE A 1 81  ? 4.601   2.742   -6.103  1.00 9.00  ? 81  ILE A C   1 
ATOM   617  O O   . ILE A 1 81  ? 4.888   3.315   -7.229  1.00 8.93  ? 81  ILE A O   1 
ATOM   618  C CB  . ILE A 1 81  ? 4.229   4.167   -4.112  1.00 7.95  ? 81  ILE A CB  1 
ATOM   619  C CG1 . ILE A 1 81  ? 3.893   5.324   -5.125  1.00 9.02  ? 81  ILE A CG1 1 
ATOM   620  C CG2 . ILE A 1 81  ? 4.647   4.739   -2.765  1.00 5.94  ? 81  ILE A CG2 1 
ATOM   621  C CD1 . ILE A 1 81  ? 2.312   5.508   -5.121  1.00 11.70 ? 81  ILE A CD1 1 
ATOM   622  N N   . THR A 1 82  ? 3.793   1.688   -5.946  1.00 4.79  ? 82  THR A N   1 
ATOM   623  C CA  . THR A 1 82  ? 3.132   1.123   -7.135  1.00 3.94  ? 82  THR A CA  1 
ATOM   624  C C   . THR A 1 82  ? 1.612   1.024   -6.939  1.00 9.34  ? 82  THR A C   1 
ATOM   625  O O   . THR A 1 82  ? 1.102   0.362   -6.015  1.00 9.27  ? 82  THR A O   1 
ATOM   626  C CB  . THR A 1 82  ? 3.703   -0.231  -7.622  1.00 3.22  ? 82  THR A CB  1 
ATOM   627  O OG1 . THR A 1 82  ? 5.173   -0.094  -7.822  1.00 7.34  ? 82  THR A OG1 1 
ATOM   628  C CG2 . THR A 1 82  ? 2.980   -0.738  -8.862  1.00 2.00  ? 82  THR A CG2 1 
ATOM   629  N N   . ASP A 1 83  ? 0.910   1.689   -7.852  1.00 13.04 ? 83  ASP A N   1 
ATOM   630  C CA  . ASP A 1 83  ? -0.544  1.729   -7.805  1.00 15.94 ? 83  ASP A CA  1 
ATOM   631  C C   . ASP A 1 83  ? -1.088  0.556   -8.639  1.00 14.37 ? 83  ASP A C   1 
ATOM   632  O O   . ASP A 1 83  ? -0.819  0.549   -9.801  1.00 11.06 ? 83  ASP A O   1 
ATOM   633  C CB  . ASP A 1 83  ? -1.124  3.063   -8.173  1.00 18.26 ? 83  ASP A CB  1 
ATOM   634  C CG  . ASP A 1 83  ? -2.550  3.044   -8.664  1.00 23.89 ? 83  ASP A CG  1 
ATOM   635  O OD1 . ASP A 1 83  ? -3.503  2.845   -7.862  1.00 25.26 ? 83  ASP A OD1 1 
ATOM   636  O OD2 . ASP A 1 83  ? -2.743  3.271   -9.914  1.00 23.74 ? 83  ASP A OD2 1 
ATOM   637  N N   . CYS A 1 84  ? -1.791  -0.322  -7.909  1.00 12.06 ? 84  CYS A N   1 
ATOM   638  C CA  . CYS A 1 84  ? -2.403  -1.472  -8.578  1.00 14.24 ? 84  CYS A CA  1 
ATOM   639  C C   . CYS A 1 84  ? -3.928  -1.210  -8.599  1.00 15.53 ? 84  CYS A C   1 
ATOM   640  O O   . CYS A 1 84  ? -4.489  -1.021  -7.521  1.00 13.66 ? 84  CYS A O   1 
ATOM   641  C CB  . CYS A 1 84  ? -2.100  -2.801  -7.899  1.00 13.22 ? 84  CYS A CB  1 
ATOM   642  S SG  . CYS A 1 84  ? -0.366  -3.183  -7.963  1.00 14.09 ? 84  CYS A SG  1 
ATOM   643  N N   . ARG A 1 85  ? -4.455  -1.259  -9.823  1.00 17.84 ? 85  ARG A N   1 
ATOM   644  C CA  . ARG A 1 85  ? -5.929  -1.004  -10.010 1.00 17.09 ? 85  ARG A CA  1 
ATOM   645  C C   . ARG A 1 85  ? -6.530  -1.822  -11.105 1.00 19.80 ? 85  ARG A C   1 
ATOM   646  O O   . ARG A 1 85  ? -6.049  -2.043  -12.260 1.00 20.70 ? 85  ARG A O   1 
ATOM   647  C CB  . ARG A 1 85  ? -5.971  0.513   -10.158 1.00 20.48 ? 85  ARG A CB  1 
ATOM   648  C CG  . ARG A 1 85  ? -7.210  1.303   -10.154 1.00 23.03 ? 85  ARG A CG  1 
ATOM   649  C CD  . ARG A 1 85  ? -7.153  2.731   -10.065 1.00 22.03 ? 85  ARG A CD  1 
ATOM   650  N NE  . ARG A 1 85  ? -7.278  3.537   -8.939  1.00 24.33 ? 85  ARG A NE  1 
ATOM   651  C CZ  . ARG A 1 85  ? -8.330  3.923   -8.191  1.00 23.74 ? 85  ARG A CZ  1 
ATOM   652  N NH1 . ARG A 1 85  ? -9.569  3.538   -8.391  1.00 23.73 ? 85  ARG A NH1 1 
ATOM   653  N NH2 . ARG A 1 85  ? -8.117  4.769   -7.161  1.00 24.74 ? 85  ARG A NH2 1 
ATOM   654  N N   . GLU A 1 86  ? -7.721  -2.429  -10.841 1.00 20.65 ? 86  GLU A N   1 
ATOM   655  C CA  . GLU A 1 86  ? -8.451  -3.280  -11.750 1.00 20.18 ? 86  GLU A CA  1 
ATOM   656  C C   . GLU A 1 86  ? -8.837  -2.578  -13.064 1.00 21.38 ? 86  GLU A C   1 
ATOM   657  O O   . GLU A 1 86  ? -9.427  -1.487  -13.053 1.00 18.60 ? 86  GLU A O   1 
ATOM   658  C CB  . GLU A 1 86  ? -9.733  -3.869  -11.167 1.00 23.31 ? 86  GLU A CB  1 
ATOM   659  C CG  . GLU A 1 86  ? -9.710  -5.247  -10.527 1.00 26.00 ? 86  GLU A CG  1 
ATOM   660  C CD  . GLU A 1 86  ? -11.036 -5.943  -10.310 1.00 27.43 ? 86  GLU A CD  1 
ATOM   661  O OE1 . GLU A 1 86  ? -11.887 -5.316  -9.672  1.00 25.91 ? 86  GLU A OE1 1 
ATOM   662  O OE2 . GLU A 1 86  ? -11.248 -7.080  -10.765 1.00 28.30 ? 86  GLU A OE2 1 
ATOM   663  N N   . THR A 1 87  ? -8.522  -3.234  -14.160 1.00 22.61 ? 87  THR A N   1 
ATOM   664  C CA  . THR A 1 87  ? -8.839  -2.706  -15.492 1.00 27.81 ? 87  THR A CA  1 
ATOM   665  C C   . THR A 1 87  ? -10.288 -3.048  -15.854 1.00 30.32 ? 87  THR A C   1 
ATOM   666  O O   . THR A 1 87  ? -10.724 -4.201  -15.687 1.00 33.43 ? 87  THR A O   1 
ATOM   667  C CB  . THR A 1 87  ? -7.897  -3.207  -16.651 1.00 27.39 ? 87  THR A CB  1 
ATOM   668  O OG1 . THR A 1 87  ? -8.074  -4.663  -16.653 1.00 30.55 ? 87  THR A OG1 1 
ATOM   669  C CG2 . THR A 1 87  ? -6.446  -2.766  -16.583 1.00 25.87 ? 87  THR A CG2 1 
ATOM   670  N N   . GLY A 1 88  ? -10.961 -2.051  -16.378 1.00 33.50 ? 88  GLY A N   1 
ATOM   671  C CA  . GLY A 1 88  ? -12.381 -2.155  -16.791 1.00 34.63 ? 88  GLY A CA  1 
ATOM   672  C C   . GLY A 1 88  ? -12.759 -3.542  -17.260 1.00 35.51 ? 88  GLY A C   1 
ATOM   673  O O   . GLY A 1 88  ? -13.947 -3.961  -17.152 1.00 34.93 ? 88  GLY A O   1 
ATOM   674  N N   . SER A 1 89  ? -11.772 -4.252  -17.769 1.00 36.39 ? 89  SER A N   1 
ATOM   675  C CA  . SER A 1 89  ? -11.975 -5.615  -18.278 1.00 38.40 ? 89  SER A CA  1 
ATOM   676  C C   . SER A 1 89  ? -11.348 -6.644  -17.379 1.00 39.93 ? 89  SER A C   1 
ATOM   677  O O   . SER A 1 89  ? -10.413 -7.401  -17.787 1.00 43.19 ? 89  SER A O   1 
ATOM   678  C CB  . SER A 1 89  ? -11.413 -5.647  -19.700 1.00 40.00 ? 89  SER A CB  1 
ATOM   679  O OG  . SER A 1 89  ? -10.148 -4.940  -19.672 1.00 41.66 ? 89  SER A OG  1 
ATOM   680  N N   . SER A 1 90  ? -11.828 -6.711  -16.139 1.00 39.33 ? 90  SER A N   1 
ATOM   681  C CA  . SER A 1 90  ? -11.308 -7.694  -15.166 1.00 36.85 ? 90  SER A CA  1 
ATOM   682  C C   . SER A 1 90  ? -12.507 -8.329  -14.451 1.00 37.65 ? 90  SER A C   1 
ATOM   683  O O   . SER A 1 90  ? -13.373 -7.599  -13.924 1.00 37.99 ? 90  SER A O   1 
ATOM   684  C CB  . SER A 1 90  ? -10.324 -7.105  -14.189 1.00 35.53 ? 90  SER A CB  1 
ATOM   685  O OG  . SER A 1 90  ? -10.102 -7.957  -13.085 1.00 33.91 ? 90  SER A OG  1 
ATOM   686  N N   . LYS A 1 91  ? -12.515 -9.643  -14.460 1.00 37.72 ? 91  LYS A N   1 
ATOM   687  C CA  . LYS A 1 91  ? -13.567 -10.434 -13.818 1.00 38.76 ? 91  LYS A CA  1 
ATOM   688  C C   . LYS A 1 91  ? -12.972 -11.641 -13.094 1.00 38.73 ? 91  LYS A C   1 
ATOM   689  O O   . LYS A 1 91  ? -12.089 -12.360 -13.606 1.00 38.31 ? 91  LYS A O   1 
ATOM   690  C CB  . LYS A 1 91  ? -14.618 -10.860 -14.832 1.00 40.19 ? 91  LYS A CB  1 
ATOM   691  C CG  . LYS A 1 91  ? -15.679 -9.796  -15.133 1.00 41.30 ? 91  LYS A CG  1 
ATOM   692  C CD  . LYS A 1 91  ? -16.652 -9.583  -13.979 1.00 41.27 ? 91  LYS A CD  1 
ATOM   693  C CE  . LYS A 1 91  ? -17.797 -8.638  -14.383 1.00 41.25 ? 91  LYS A CE  1 
ATOM   694  N NZ  . LYS A 1 91  ? -18.561 -9.235  -15.522 1.00 40.80 ? 91  LYS A NZ  1 
ATOM   695  N N   . TYR A 1 92  ? -13.495 -11.855 -11.885 1.00 38.39 ? 92  TYR A N   1 
ATOM   696  C CA  . TYR A 1 92  ? -13.074 -12.949 -10.993 1.00 37.94 ? 92  TYR A CA  1 
ATOM   697  C C   . TYR A 1 92  ? -13.314 -14.306 -11.630 1.00 36.55 ? 92  TYR A C   1 
ATOM   698  O O   . TYR A 1 92  ? -14.337 -14.505 -12.277 1.00 36.14 ? 92  TYR A O   1 
ATOM   699  C CB  . TYR A 1 92  ? -13.773 -12.872 -9.610  1.00 38.64 ? 92  TYR A CB  1 
ATOM   700  C CG  . TYR A 1 92  ? -13.199 -13.890 -8.640  1.00 40.32 ? 92  TYR A CG  1 
ATOM   701  C CD1 . TYR A 1 92  ? -12.002 -13.653 -7.941  1.00 40.45 ? 92  TYR A CD1 1 
ATOM   702  C CD2 . TYR A 1 92  ? -13.841 -15.101 -8.427  1.00 40.72 ? 92  TYR A CD2 1 
ATOM   703  C CE1 . TYR A 1 92  ? -11.482 -14.596 -7.068  1.00 40.45 ? 92  TYR A CE1 1 
ATOM   704  C CE2 . TYR A 1 92  ? -13.340 -16.050 -7.536  1.00 41.04 ? 92  TYR A CE2 1 
ATOM   705  C CZ  . TYR A 1 92  ? -12.159 -15.797 -6.869  1.00 40.93 ? 92  TYR A CZ  1 
ATOM   706  O OH  . TYR A 1 92  ? -11.702 -16.767 -6.014  1.00 42.04 ? 92  TYR A OH  1 
ATOM   707  N N   . PRO A 1 93  ? -12.386 -15.224 -11.465 1.00 37.54 ? 93  PRO A N   1 
ATOM   708  C CA  . PRO A 1 93  ? -11.119 -15.141 -10.742 1.00 37.10 ? 93  PRO A CA  1 
ATOM   709  C C   . PRO A 1 93  ? -9.936  -14.930 -11.659 1.00 37.24 ? 93  PRO A C   1 
ATOM   710  O O   . PRO A 1 93  ? -8.839  -15.519 -11.487 1.00 37.65 ? 93  PRO A O   1 
ATOM   711  C CB  . PRO A 1 93  ? -11.036 -16.571 -10.142 1.00 37.08 ? 93  PRO A CB  1 
ATOM   712  C CG  . PRO A 1 93  ? -11.409 -17.383 -11.373 1.00 37.41 ? 93  PRO A CG  1 
ATOM   713  C CD  . PRO A 1 93  ? -12.532 -16.581 -12.058 1.00 36.88 ? 93  PRO A CD  1 
ATOM   714  N N   . ASN A 1 94  ? -10.167 -14.106 -12.675 1.00 36.79 ? 94  ASN A N   1 
ATOM   715  C CA  . ASN A 1 94  ? -9.081  -13.785 -13.651 1.00 33.96 ? 94  ASN A CA  1 
ATOM   716  C C   . ASN A 1 94  ? -8.989  -12.248 -13.621 1.00 31.60 ? 94  ASN A C   1 
ATOM   717  O O   . ASN A 1 94  ? -9.424  -11.553 -14.525 1.00 30.99 ? 94  ASN A O   1 
ATOM   718  C CB  . ASN A 1 94  ? -9.347  -14.387 -14.987 1.00 36.65 ? 94  ASN A CB  1 
ATOM   719  C CG  . ASN A 1 94  ? -9.115  -15.884 -15.079 1.00 37.77 ? 94  ASN A CG  1 
ATOM   720  O OD1 . ASN A 1 94  ? -10.032 -16.629 -15.503 1.00 37.02 ? 94  ASN A OD1 1 
ATOM   721  N ND2 . ASN A 1 94  ? -7.896  -16.314 -14.722 1.00 37.81 ? 94  ASN A ND2 1 
ATOM   722  N N   . CYS A 1 95  ? -8.443  -11.790 -12.530 1.00 28.77 ? 95  CYS A N   1 
ATOM   723  C CA  . CYS A 1 95  ? -8.200  -10.430 -12.144 1.00 25.65 ? 95  CYS A CA  1 
ATOM   724  C C   . CYS A 1 95  ? -7.045  -9.802  -12.915 1.00 25.77 ? 95  CYS A C   1 
ATOM   725  O O   . CYS A 1 95  ? -5.895  -10.299 -12.774 1.00 26.96 ? 95  CYS A O   1 
ATOM   726  C CB  . CYS A 1 95  ? -7.796  -10.461 -10.641 1.00 25.33 ? 95  CYS A CB  1 
ATOM   727  S SG  . CYS A 1 95  ? -8.934  -11.298 -9.540  1.00 23.08 ? 95  CYS A SG  1 
ATOM   728  N N   . ALA A 1 96  ? -7.316  -8.739  -13.656 1.00 23.51 ? 96  ALA A N   1 
ATOM   729  C CA  . ALA A 1 96  ? -6.254  -8.054  -14.410 1.00 21.59 ? 96  ALA A CA  1 
ATOM   730  C C   . ALA A 1 96  ? -5.988  -6.733  -13.697 1.00 19.78 ? 96  ALA A C   1 
ATOM   731  O O   . ALA A 1 96  ? -6.977  -6.239  -13.144 1.00 18.42 ? 96  ALA A O   1 
ATOM   732  C CB  . ALA A 1 96  ? -6.683  -7.912  -15.844 1.00 22.09 ? 96  ALA A CB  1 
ATOM   733  N N   . TYR A 1 97  ? -4.769  -6.228  -13.663 1.00 16.10 ? 97  TYR A N   1 
ATOM   734  C CA  . TYR A 1 97  ? -4.565  -4.923  -12.937 1.00 17.10 ? 97  TYR A CA  1 
ATOM   735  C C   . TYR A 1 97  ? -3.645  -4.054  -13.815 1.00 15.78 ? 97  TYR A C   1 
ATOM   736  O O   . TYR A 1 97  ? -2.909  -4.687  -14.574 1.00 14.84 ? 97  TYR A O   1 
ATOM   737  C CB  . TYR A 1 97  ? -4.003  -5.064  -11.519 1.00 16.03 ? 97  TYR A CB  1 
ATOM   738  C CG  . TYR A 1 97  ? -4.902  -5.699  -10.458 1.00 14.71 ? 97  TYR A CG  1 
ATOM   739  C CD1 . TYR A 1 97  ? -4.965  -7.077  -10.361 1.00 14.50 ? 97  TYR A CD1 1 
ATOM   740  C CD2 . TYR A 1 97  ? -5.635  -4.919  -9.560  1.00 13.62 ? 97  TYR A CD2 1 
ATOM   741  C CE1 . TYR A 1 97  ? -5.761  -7.699  -9.403  1.00 15.32 ? 97  TYR A CE1 1 
ATOM   742  C CE2 . TYR A 1 97  ? -6.456  -5.543  -8.603  1.00 15.21 ? 97  TYR A CE2 1 
ATOM   743  C CZ  . TYR A 1 97  ? -6.506  -6.936  -8.532  1.00 15.73 ? 97  TYR A CZ  1 
ATOM   744  O OH  . TYR A 1 97  ? -7.282  -7.587  -7.589  1.00 14.99 ? 97  TYR A OH  1 
ATOM   745  N N   . LYS A 1 98  ? -3.787  -2.771  -13.684 1.00 14.37 ? 98  LYS A N   1 
ATOM   746  C CA  . LYS A 1 98  ? -2.955  -1.825  -14.453 1.00 13.66 ? 98  LYS A CA  1 
ATOM   747  C C   . LYS A 1 98  ? -1.880  -1.361  -13.488 1.00 13.96 ? 98  LYS A C   1 
ATOM   748  O O   . LYS A 1 98  ? -2.240  -0.612  -12.543 1.00 15.61 ? 98  LYS A O   1 
ATOM   749  C CB  . LYS A 1 98  ? -3.699  -0.575  -14.906 1.00 13.22 ? 98  LYS A CB  1 
ATOM   750  C CG  . LYS A 1 98  ? -2.737  0.566   -15.336 1.00 13.56 ? 98  LYS A CG  1 
ATOM   751  C CD  . LYS A 1 98  ? -3.466  1.798   -15.768 1.00 16.15 ? 98  LYS A CD  1 
ATOM   752  C CE  . LYS A 1 98  ? -2.651  3.049   -16.057 1.00 17.34 ? 98  LYS A CE  1 
ATOM   753  N NZ  . LYS A 1 98  ? -1.559  2.689   -17.038 1.00 18.61 ? 98  LYS A NZ  1 
ATOM   754  N N   . THR A 1 99  ? -0.615  -1.774  -13.707 1.00 14.13 ? 99  THR A N   1 
ATOM   755  C CA  . THR A 1 99  ? 0.367   -1.265  -12.741 1.00 15.21 ? 99  THR A CA  1 
ATOM   756  C C   . THR A 1 99  ? 0.846   0.132   -13.072 1.00 15.62 ? 99  THR A C   1 
ATOM   757  O O   . THR A 1 99  ? 1.317   0.421   -14.196 1.00 15.63 ? 99  THR A O   1 
ATOM   758  C CB  . THR A 1 99  ? 1.483   -2.369  -12.513 1.00 15.28 ? 99  THR A CB  1 
ATOM   759  O OG1 . THR A 1 99  ? 2.728   -1.673  -12.706 1.00 14.62 ? 99  THR A OG1 1 
ATOM   760  C CG2 . THR A 1 99  ? 1.317   -3.643  -13.298 1.00 15.00 ? 99  THR A CG2 1 
ATOM   761  N N   . THR A 1 100 ? 0.794   1.087   -12.123 1.00 14.77 ? 100 THR A N   1 
ATOM   762  C CA  . THR A 1 100 ? 1.269   2.452   -12.304 1.00 15.06 ? 100 THR A CA  1 
ATOM   763  C C   . THR A 1 100 ? 2.373   2.778   -11.267 1.00 14.53 ? 100 THR A C   1 
ATOM   764  O O   . THR A 1 100 ? 1.986   2.932   -10.086 1.00 16.14 ? 100 THR A O   1 
ATOM   765  C CB  . THR A 1 100 ? 0.158   3.578   -12.189 1.00 15.38 ? 100 THR A CB  1 
ATOM   766  O OG1 . THR A 1 100 ? -0.688  3.473   -13.330 1.00 17.25 ? 100 THR A OG1 1 
ATOM   767  C CG2 . THR A 1 100 ? 0.691   5.015   -11.990 1.00 14.80 ? 100 THR A CG2 1 
ATOM   768  N N   . GLN A 1 101 ? 3.592   2.919   -11.715 1.00 15.01 ? 101 GLN A N   1 
ATOM   769  C CA  . GLN A 1 101 ? 4.733   3.261   -10.808 1.00 15.91 ? 101 GLN A CA  1 
ATOM   770  C C   . GLN A 1 101 ? 4.769   4.781   -10.634 1.00 17.13 ? 101 GLN A C   1 
ATOM   771  O O   . GLN A 1 101 ? 4.437   5.525   -11.589 1.00 17.92 ? 101 GLN A O   1 
ATOM   772  C CB  . GLN A 1 101 ? 6.071   2.776   -11.311 1.00 15.68 ? 101 GLN A CB  1 
ATOM   773  C CG  . GLN A 1 101 ? 7.303   3.358   -10.644 1.00 17.81 ? 101 GLN A CG  1 
ATOM   774  C CD  . GLN A 1 101 ? 7.670   2.811   -9.290  1.00 18.81 ? 101 GLN A CD  1 
ATOM   775  O OE1 . GLN A 1 101 ? 7.332   1.652   -8.992  1.00 19.93 ? 101 GLN A OE1 1 
ATOM   776  N NE2 . GLN A 1 101 ? 8.391   3.551   -8.441  1.00 17.13 ? 101 GLN A NE2 1 
ATOM   777  N N   . ALA A 1 102 ? 5.157   5.229   -9.468  1.00 16.47 ? 102 ALA A N   1 
ATOM   778  C CA  . ALA A 1 102 ? 5.281   6.612   -9.081  1.00 17.82 ? 102 ALA A CA  1 
ATOM   779  C C   . ALA A 1 102 ? 6.210   6.763   -7.870  1.00 18.88 ? 102 ALA A C   1 
ATOM   780  O O   . ALA A 1 102 ? 6.594   5.770   -7.226  1.00 19.96 ? 102 ALA A O   1 
ATOM   781  C CB  . ALA A 1 102 ? 3.947   7.250   -8.666  1.00 18.60 ? 102 ALA A CB  1 
ATOM   782  N N   . ASN A 1 103 ? 6.500   7.991   -7.585  1.00 18.78 ? 103 ASN A N   1 
ATOM   783  C CA  . ASN A 1 103 ? 7.348   8.484   -6.495  1.00 17.13 ? 103 ASN A CA  1 
ATOM   784  C C   . ASN A 1 103 ? 6.506   9.492   -5.743  1.00 18.45 ? 103 ASN A C   1 
ATOM   785  O O   . ASN A 1 103 ? 6.378   10.625  -6.214  1.00 20.85 ? 103 ASN A O   1 
ATOM   786  C CB  . ASN A 1 103 ? 8.612   9.076   -7.126  1.00 18.96 ? 103 ASN A CB  1 
ATOM   787  C CG  . ASN A 1 103 ? 9.761   8.135   -6.933  1.00 21.37 ? 103 ASN A CG  1 
ATOM   788  O OD1 . ASN A 1 103 ? 10.326  8.290   -5.818  1.00 26.09 ? 103 ASN A OD1 1 
ATOM   789  N ND2 . ASN A 1 103 ? 10.097  7.225   -7.803  1.00 22.18 ? 103 ASN A ND2 1 
ATOM   790  N N   . LYS A 1 104 ? 5.920   9.123   -4.629  1.00 16.74 ? 104 LYS A N   1 
ATOM   791  C CA  . LYS A 1 104 ? 5.053   9.997   -3.890  1.00 14.40 ? 104 LYS A CA  1 
ATOM   792  C C   . LYS A 1 104 ? 5.077   9.959   -2.392  1.00 17.16 ? 104 LYS A C   1 
ATOM   793  O O   . LYS A 1 104 ? 5.616   9.035   -1.733  1.00 17.72 ? 104 LYS A O   1 
ATOM   794  C CB  . LYS A 1 104 ? 3.671   9.521   -4.321  1.00 15.99 ? 104 LYS A CB  1 
ATOM   795  C CG  . LYS A 1 104 ? 3.255   10.006  -5.676  1.00 19.97 ? 104 LYS A CG  1 
ATOM   796  C CD  . LYS A 1 104 ? 1.731   9.612   -5.834  1.00 20.66 ? 104 LYS A CD  1 
ATOM   797  C CE  . LYS A 1 104 ? 1.300   9.987   -7.247  1.00 24.44 ? 104 LYS A CE  1 
ATOM   798  N NZ  . LYS A 1 104 ? -0.192  10.039  -7.309  1.00 24.30 ? 104 LYS A NZ  1 
ATOM   799  N N   . HIS A 1 105 ? 4.479   11.016  -1.856  1.00 14.74 ? 105 HIS A N   1 
ATOM   800  C CA  . HIS A 1 105 ? 4.365   11.181  -0.397  1.00 16.13 ? 105 HIS A CA  1 
ATOM   801  C C   . HIS A 1 105 ? 3.199   10.245  -0.012  1.00 16.44 ? 105 HIS A C   1 
ATOM   802  O O   . HIS A 1 105 ? 2.110   10.379  -0.586  1.00 14.29 ? 105 HIS A O   1 
ATOM   803  C CB  . HIS A 1 105 ? 4.102   12.607  0.064   1.00 16.60 ? 105 HIS A CB  1 
ATOM   804  C CG  . HIS A 1 105 ? 5.237   13.606  -0.055  1.00 18.09 ? 105 HIS A CG  1 
ATOM   805  N ND1 . HIS A 1 105 ? 5.299   14.591  -1.024  1.00 16.07 ? 105 HIS A ND1 1 
ATOM   806  C CD2 . HIS A 1 105 ? 6.332   13.765  0.694   1.00 16.69 ? 105 HIS A CD2 1 
ATOM   807  C CE1 . HIS A 1 105 ? 6.388   15.309  -0.836  1.00 17.60 ? 105 HIS A CE1 1 
ATOM   808  N NE2 . HIS A 1 105 ? 7.061   14.827  0.210   1.00 17.20 ? 105 HIS A NE2 1 
ATOM   809  N N   . ILE A 1 106 ? 3.489   9.327   0.913   1.00 15.09 ? 106 ILE A N   1 
ATOM   810  C CA  . ILE A 1 106 ? 2.384   8.387   1.338   1.00 13.49 ? 106 ILE A CA  1 
ATOM   811  C C   . ILE A 1 106 ? 1.765   8.939   2.608   1.00 10.87 ? 106 ILE A C   1 
ATOM   812  O O   . ILE A 1 106 ? 2.473   9.573   3.425   1.00 10.70 ? 106 ILE A O   1 
ATOM   813  C CB  . ILE A 1 106 ? 2.990   6.952   1.464   1.00 11.97 ? 106 ILE A CB  1 
ATOM   814  C CG1 . ILE A 1 106 ? 3.908   6.794   2.670   1.00 11.18 ? 106 ILE A CG1 1 
ATOM   815  C CG2 . ILE A 1 106 ? 3.863   6.562   0.197   1.00 14.36 ? 106 ILE A CG2 1 
ATOM   816  C CD1 . ILE A 1 106 ? 4.436   5.253   2.736   1.00 12.20 ? 106 ILE A CD1 1 
ATOM   817  N N   . ILE A 1 107 ? 0.492   8.708   2.807   1.00 11.17 ? 107 ILE A N   1 
ATOM   818  C CA  . ILE A 1 107 ? -0.304  9.107   3.991   1.00 8.65  ? 107 ILE A CA  1 
ATOM   819  C C   . ILE A 1 107 ? -0.816  7.757   4.525   1.00 9.53  ? 107 ILE A C   1 
ATOM   820  O O   . ILE A 1 107 ? -1.429  7.013   3.763   1.00 9.72  ? 107 ILE A O   1 
ATOM   821  C CB  . ILE A 1 107 ? -1.509  10.081  3.733   1.00 8.35  ? 107 ILE A CB  1 
ATOM   822  C CG1 . ILE A 1 107 ? -1.083  11.159  2.715   1.00 6.29  ? 107 ILE A CG1 1 
ATOM   823  C CG2 . ILE A 1 107 ? -2.083  10.645  5.047   1.00 3.68  ? 107 ILE A CG2 1 
ATOM   824  C CD1 . ILE A 1 107 ? -1.334  12.639  3.096   1.00 8.15  ? 107 ILE A CD1 1 
ATOM   825  N N   . VAL A 1 108 ? -0.486  7.506   5.779   1.00 9.97  ? 108 VAL A N   1 
ATOM   826  C CA  . VAL A 1 108 ? -0.847  6.249   6.452   1.00 10.28 ? 108 VAL A CA  1 
ATOM   827  C C   . VAL A 1 108 ? -1.597  6.609   7.743   1.00 10.29 ? 108 VAL A C   1 
ATOM   828  O O   . VAL A 1 108 ? -1.445  7.694   8.301   1.00 11.18 ? 108 VAL A O   1 
ATOM   829  C CB  . VAL A 1 108 ? 0.319   5.311   6.770   1.00 9.17  ? 108 VAL A CB  1 
ATOM   830  C CG1 . VAL A 1 108 ? 0.876   4.492   5.645   1.00 8.19  ? 108 VAL A CG1 1 
ATOM   831  C CG2 . VAL A 1 108 ? 1.494   6.116   7.407   1.00 10.30 ? 108 VAL A CG2 1 
ATOM   832  N N   . ALA A 1 109 ? -2.394  5.629   8.125   1.00 9.51  ? 109 ALA A N   1 
ATOM   833  C CA  . ALA A 1 109 ? -3.163  5.793   9.409   1.00 9.43  ? 109 ALA A CA  1 
ATOM   834  C C   . ALA A 1 109 ? -2.341  4.961   10.447  1.00 9.06  ? 109 ALA A C   1 
ATOM   835  O O   . ALA A 1 109 ? -2.052  3.826   10.105  1.00 8.71  ? 109 ALA A O   1 
ATOM   836  C CB  . ALA A 1 109 ? -4.550  5.251   9.194   1.00 6.14  ? 109 ALA A CB  1 
ATOM   837  N N   . CYS A 1 110 ? -2.004  5.460   11.599  1.00 10.07 ? 110 CYS A N   1 
ATOM   838  C CA  . CYS A 1 110 ? -1.251  4.721   12.630  1.00 13.60 ? 110 CYS A CA  1 
ATOM   839  C C   . CYS A 1 110 ? -2.026  4.574   13.945  1.00 14.55 ? 110 CYS A C   1 
ATOM   840  O O   . CYS A 1 110 ? -2.840  5.409   14.271  1.00 16.20 ? 110 CYS A O   1 
ATOM   841  C CB  . CYS A 1 110 ? 0.077   5.407   12.982  1.00 11.10 ? 110 CYS A CB  1 
ATOM   842  S SG  . CYS A 1 110 ? 0.950   5.862   11.381  1.00 12.41 ? 110 CYS A SG  1 
ATOM   843  N N   . GLU A 1 111 ? -1.755  3.536   14.645  1.00 18.72 ? 111 GLU A N   1 
ATOM   844  C CA  . GLU A 1 111 ? -2.311  3.113   15.915  1.00 25.26 ? 111 GLU A CA  1 
ATOM   845  C C   . GLU A 1 111 ? -1.191  2.396   16.671  1.00 27.72 ? 111 GLU A C   1 
ATOM   846  O O   . GLU A 1 111 ? -0.229  2.052   15.947  1.00 27.54 ? 111 GLU A O   1 
ATOM   847  C CB  . GLU A 1 111 ? -3.390  2.030   15.704  1.00 26.73 ? 111 GLU A CB  1 
ATOM   848  C CG  . GLU A 1 111 ? -4.795  2.449   15.466  1.00 29.94 ? 111 GLU A CG  1 
ATOM   849  C CD  . GLU A 1 111 ? -5.754  1.639   14.690  1.00 31.52 ? 111 GLU A CD  1 
ATOM   850  O OE1 . GLU A 1 111 ? -5.862  0.395   14.928  1.00 32.03 ? 111 GLU A OE1 1 
ATOM   851  O OE2 . GLU A 1 111 ? -6.439  2.209   13.827  1.00 32.87 ? 111 GLU A OE2 1 
ATOM   852  N N   . GLY A 1 112 ? -1.320  2.193   17.958  1.00 30.84 ? 112 GLY A N   1 
ATOM   853  C CA  . GLY A 1 112 ? -0.165  1.427   18.633  1.00 35.21 ? 112 GLY A CA  1 
ATOM   854  C C   . GLY A 1 112 ? -0.586  -0.024  18.326  1.00 37.98 ? 112 GLY A C   1 
ATOM   855  O O   . GLY A 1 112 ? -1.803  -0.312  18.614  1.00 42.25 ? 112 GLY A O   1 
ATOM   856  N N   . ASN A 1 113 ? 0.248   -0.848  17.779  1.00 38.09 ? 113 ASN A N   1 
ATOM   857  C CA  . ASN A 1 113 ? -0.158  -2.252  17.465  1.00 38.02 ? 113 ASN A CA  1 
ATOM   858  C C   . ASN A 1 113 ? 0.456   -3.163  18.566  1.00 37.41 ? 113 ASN A C   1 
ATOM   859  O O   . ASN A 1 113 ? 0.101   -2.790  19.717  1.00 35.78 ? 113 ASN A O   1 
ATOM   860  C CB  . ASN A 1 113 ? 0.151   -2.655  16.067  1.00 38.52 ? 113 ASN A CB  1 
ATOM   861  C CG  . ASN A 1 113 ? 0.055   -4.121  15.706  1.00 40.15 ? 113 ASN A CG  1 
ATOM   862  O OD1 . ASN A 1 113 ? -0.985  -4.692  15.281  1.00 39.20 ? 113 ASN A OD1 1 
ATOM   863  N ND2 . ASN A 1 113 ? 1.199   -4.824  15.828  1.00 39.84 ? 113 ASN A ND2 1 
ATOM   864  N N   . PRO B 2 1   ? 6.197   3.233   19.633  1.00 35.17 ? 114 PRO B N   1 
ATOM   865  C CA  . PRO B 2 1   ? 5.810   2.462   18.454  1.00 34.39 ? 114 PRO B CA  1 
ATOM   866  C C   . PRO B 2 1   ? 4.333   2.275   18.177  1.00 35.17 ? 114 PRO B C   1 
ATOM   867  O O   . PRO B 2 1   ? 3.494   1.449   18.578  1.00 35.06 ? 114 PRO B O   1 
ATOM   868  C CB  . PRO B 2 1   ? 6.628   1.181   18.586  1.00 34.00 ? 114 PRO B CB  1 
ATOM   869  C CG  . PRO B 2 1   ? 7.961   1.713   19.058  1.00 32.97 ? 114 PRO B CG  1 
ATOM   870  C CD  . PRO B 2 1   ? 7.722   3.100   19.682  1.00 34.08 ? 114 PRO B CD  1 
ATOM   871  N N   . TYR B 2 2   ? 4.023   3.187   17.286  1.00 33.24 ? 115 TYR B N   1 
ATOM   872  C CA  . TYR B 2 2   ? 2.701   3.399   16.620  1.00 29.37 ? 115 TYR B CA  1 
ATOM   873  C C   . TYR B 2 2   ? 3.148   2.812   15.279  1.00 26.93 ? 115 TYR B C   1 
ATOM   874  O O   . TYR B 2 2   ? 4.310   3.180   14.958  1.00 24.99 ? 115 TYR B O   1 
ATOM   875  C CB  . TYR B 2 2   ? 2.491   4.857   16.704  1.00 31.77 ? 115 TYR B CB  1 
ATOM   876  C CG  . TYR B 2 2   ? 1.261   5.677   16.612  1.00 32.34 ? 115 TYR B CG  1 
ATOM   877  C CD1 . TYR B 2 2   ? 0.068   5.339   17.223  1.00 31.73 ? 115 TYR B CD1 1 
ATOM   878  C CD2 . TYR B 2 2   ? 1.312   6.894   15.894  1.00 32.38 ? 115 TYR B CD2 1 
ATOM   879  C CE1 . TYR B 2 2   ? -1.054  6.164   17.110  1.00 34.24 ? 115 TYR B CE1 1 
ATOM   880  C CE2 . TYR B 2 2   ? 0.196   7.729   15.781  1.00 33.41 ? 115 TYR B CE2 1 
ATOM   881  C CZ  . TYR B 2 2   ? -0.983  7.365   16.385  1.00 33.96 ? 115 TYR B CZ  1 
ATOM   882  O OH  . TYR B 2 2   ? -2.074  8.181   16.283  1.00 34.87 ? 115 TYR B OH  1 
ATOM   883  N N   . VAL B 2 3   ? 2.407   1.970   14.647  1.00 24.67 ? 116 VAL B N   1 
ATOM   884  C CA  . VAL B 2 3   ? 2.804   1.393   13.360  1.00 22.93 ? 116 VAL B CA  1 
ATOM   885  C C   . VAL B 2 3   ? 1.660   1.667   12.382  1.00 21.20 ? 116 VAL B C   1 
ATOM   886  O O   . VAL B 2 3   ? 0.580   2.003   12.821  1.00 19.16 ? 116 VAL B O   1 
ATOM   887  C CB  . VAL B 2 3   ? 3.270   -0.032  13.482  1.00 24.63 ? 116 VAL B CB  1 
ATOM   888  C CG1 . VAL B 2 3   ? 4.436   -0.105  14.522  1.00 23.78 ? 116 VAL B CG1 1 
ATOM   889  C CG2 . VAL B 2 3   ? 2.192   -1.038  13.725  1.00 24.46 ? 116 VAL B CG2 1 
ATOM   890  N N   . PRO B 2 4   ? 2.002   1.586   11.106  1.00 21.36 ? 117 PRO B N   1 
ATOM   891  C CA  . PRO B 2 4   ? 1.046   1.826   10.030  1.00 19.81 ? 117 PRO B CA  1 
ATOM   892  C C   . PRO B 2 4   ? 0.053   0.654   10.061  1.00 17.30 ? 117 PRO B C   1 
ATOM   893  O O   . PRO B 2 4   ? 0.467   -0.501  10.108  1.00 15.48 ? 117 PRO B O   1 
ATOM   894  C CB  . PRO B 2 4   ? 1.832   1.870   8.759   1.00 20.29 ? 117 PRO B CB  1 
ATOM   895  C CG  . PRO B 2 4   ? 3.271   2.029   9.229   1.00 21.68 ? 117 PRO B CG  1 
ATOM   896  C CD  . PRO B 2 4   ? 3.312   1.199   10.520  1.00 20.98 ? 117 PRO B CD  1 
ATOM   897  N N   . VAL B 2 5   ? -1.200  1.073   9.998   1.00 17.48 ? 118 VAL B N   1 
ATOM   898  C CA  . VAL B 2 5   ? -2.322  0.135   9.996   1.00 16.53 ? 118 VAL B CA  1 
ATOM   899  C C   . VAL B 2 5   ? -3.188  0.251   8.772   1.00 17.74 ? 118 VAL B C   1 
ATOM   900  O O   . VAL B 2 5   ? -3.930  -0.685  8.477   1.00 18.72 ? 118 VAL B O   1 
ATOM   901  C CB  . VAL B 2 5   ? -3.003  0.342   11.376  1.00 15.85 ? 118 VAL B CB  1 
ATOM   902  C CG1 . VAL B 2 5   ? -4.269  1.146   11.259  1.00 17.82 ? 118 VAL B CG1 1 
ATOM   903  C CG2 . VAL B 2 5   ? -3.117  -0.950  12.085  1.00 14.85 ? 118 VAL B CG2 1 
ATOM   904  N N   . HIS B 2 6   ? -3.137  1.393   8.050   1.00 18.02 ? 119 HIS B N   1 
ATOM   905  C CA  . HIS B 2 6   ? -3.895  1.650   6.847   1.00 14.96 ? 119 HIS B CA  1 
ATOM   906  C C   . HIS B 2 6   ? -3.104  2.594   5.923   1.00 15.85 ? 119 HIS B C   1 
ATOM   907  O O   . HIS B 2 6   ? -2.360  3.489   6.396   1.00 13.90 ? 119 HIS B O   1 
ATOM   908  C CB  . HIS B 2 6   ? -5.290  2.271   7.058   1.00 16.33 ? 119 HIS B CB  1 
ATOM   909  C CG  . HIS B 2 6   ? -6.159  1.418   7.945   1.00 17.67 ? 119 HIS B CG  1 
ATOM   910  N ND1 . HIS B 2 6   ? -6.578  0.147   7.628   1.00 18.13 ? 119 HIS B ND1 1 
ATOM   911  C CD2 . HIS B 2 6   ? -6.675  1.748   9.153   1.00 18.43 ? 119 HIS B CD2 1 
ATOM   912  C CE1 . HIS B 2 6   ? -7.331  -0.296  8.616   1.00 19.29 ? 119 HIS B CE1 1 
ATOM   913  N NE2 . HIS B 2 6   ? -7.391  0.653   9.571   1.00 20.72 ? 119 HIS B NE2 1 
ATOM   914  N N   . PHE B 2 7   ? -3.321  2.308   4.663   1.00 16.47 ? 120 PHE B N   1 
ATOM   915  C CA  . PHE B 2 7   ? -2.675  3.093   3.556   1.00 19.94 ? 120 PHE B CA  1 
ATOM   916  C C   . PHE B 2 7   ? -3.780  4.017   2.978   1.00 20.29 ? 120 PHE B C   1 
ATOM   917  O O   . PHE B 2 7   ? -4.505  3.680   2.064   1.00 21.39 ? 120 PHE B O   1 
ATOM   918  C CB  . PHE B 2 7   ? -2.018  2.277   2.473   1.00 18.59 ? 120 PHE B CB  1 
ATOM   919  C CG  . PHE B 2 7   ? -1.214  3.111   1.522   1.00 19.62 ? 120 PHE B CG  1 
ATOM   920  C CD1 . PHE B 2 7   ? -1.832  3.827   0.515   1.00 19.07 ? 120 PHE B CD1 1 
ATOM   921  C CD2 . PHE B 2 7   ? 0.178   3.174   1.685   1.00 19.75 ? 120 PHE B CD2 1 
ATOM   922  C CE1 . PHE B 2 7   ? -1.078  4.618   -0.361  1.00 20.62 ? 120 PHE B CE1 1 
ATOM   923  C CE2 . PHE B 2 7   ? 0.954   3.963   0.829   1.00 20.46 ? 120 PHE B CE2 1 
ATOM   924  C CZ  . PHE B 2 7   ? 0.326   4.670   -0.180  1.00 20.62 ? 120 PHE B CZ  1 
ATOM   925  N N   . ASN B 2 8   ? -3.840  5.169   3.554   1.00 23.00 ? 121 ASN B N   1 
ATOM   926  C CA  . ASN B 2 8   ? -4.777  6.239   3.293   1.00 26.44 ? 121 ASN B CA  1 
ATOM   927  C C   . ASN B 2 8   ? -4.643  6.868   1.916   1.00 26.74 ? 121 ASN B C   1 
ATOM   928  O O   . ASN B 2 8   ? -5.699  6.850   1.226   1.00 28.19 ? 121 ASN B O   1 
ATOM   929  C CB  . ASN B 2 8   ? -4.741  7.254   4.465   1.00 25.82 ? 121 ASN B CB  1 
ATOM   930  C CG  . ASN B 2 8   ? -6.095  7.867   4.714   1.00 26.65 ? 121 ASN B CG  1 
ATOM   931  O OD1 . ASN B 2 8   ? -6.333  9.078   4.685   1.00 27.19 ? 121 ASN B OD1 1 
ATOM   932  N ND2 . ASN B 2 8   ? -7.031  6.949   4.944   1.00 26.97 ? 121 ASN B ND2 1 
ATOM   933  N N   . ALA B 2 9   ? -3.484  7.371   1.527   1.00 26.34 ? 122 ALA B N   1 
ATOM   934  C CA  . ALA B 2 9   ? -3.349  8.006   0.201   1.00 26.53 ? 122 ALA B CA  1 
ATOM   935  C C   . ALA B 2 9   ? -1.915  8.228   -0.229  1.00 27.53 ? 122 ALA B C   1 
ATOM   936  O O   . ALA B 2 9   ? -0.931  7.935   0.482   1.00 25.54 ? 122 ALA B O   1 
ATOM   937  C CB  . ALA B 2 9   ? -4.050  9.380   0.254   1.00 26.12 ? 122 ALA B CB  1 
ATOM   938  N N   . SER B 2 10  ? -1.818  8.793   -1.425  1.00 27.30 ? 123 SER B N   1 
ATOM   939  C CA  . SER B 2 10  ? -0.469  9.105   -1.996  1.00 28.83 ? 123 SER B CA  1 
ATOM   940  C C   . SER B 2 10  ? -0.480  10.591  -2.378  1.00 29.90 ? 123 SER B C   1 
ATOM   941  O O   . SER B 2 10  ? -1.363  11.085  -3.061  1.00 29.47 ? 123 SER B O   1 
ATOM   942  C CB  . SER B 2 10  ? -0.137  8.179   -3.118  1.00 28.49 ? 123 SER B CB  1 
ATOM   943  O OG  . SER B 2 10  ? 1.180   8.149   -3.541  1.00 28.62 ? 123 SER B OG  1 
ATOM   944  N N   . VAL B 2 11  ? 0.481   11.317  -1.951  1.00 31.90 ? 124 VAL B N   1 
ATOM   945  C CA  . VAL B 2 11  ? 1.030   12.601  -1.949  1.00 34.13 ? 124 VAL B CA  1 
ATOM   946  C C   . VAL B 2 11  ? 0.307   13.791  -1.338  1.00 35.33 ? 124 VAL B C   1 
ATOM   947  O O   . VAL B 2 11  ? 0.290   13.917  -0.114  1.00 35.45 ? 124 VAL B O   1 
ATOM   948  C CB  . VAL B 2 11  ? 1.611   13.023  -3.347  1.00 30.96 ? 124 VAL B CB  1 
ATOM   949  C CG1 . VAL B 2 11  ? 1.277   14.392  -3.829  1.00 32.27 ? 124 VAL B CG1 1 
ATOM   950  C CG2 . VAL B 2 11  ? 3.116   12.874  -3.325  1.00 31.69 ? 124 VAL B CG2 1 
ATOM   951  O OXT . VAL B 2 11  ? -0.162  14.650  -2.164  1.00 40.70 ? 124 VAL B OXT 1 
HETATM 952  S S   . SO4 C 3 .   ? -6.161  -0.543  3.940   1.00 29.84 ? 125 SO4 B S   1 
HETATM 953  O O1  . SO4 C 3 .   ? -7.143  -0.232  2.797   1.00 30.22 ? 125 SO4 B O1  1 
HETATM 954  O O2  . SO4 C 3 .   ? -6.041  0.682   4.766   1.00 29.25 ? 125 SO4 B O2  1 
HETATM 955  O O3  . SO4 C 3 .   ? -6.753  -1.651  4.715   1.00 30.50 ? 125 SO4 B O3  1 
HETATM 956  O O4  . SO4 C 3 .   ? -4.872  -0.915  3.345   1.00 27.99 ? 125 SO4 B O4  1 
HETATM 957  O O   . HOH D 4 .   ? -7.173  4.065   11.197  0.73 63.87 ? 126 HOH A O   1 
HETATM 958  O O   . HOH D 4 .   ? -8.266  6.406   10.533  1.00 58.88 ? 127 HOH A O   1 
HETATM 959  O O   . HOH D 4 .   ? -6.962  -14.721 -9.385  1.00 30.78 ? 128 HOH A O   1 
HETATM 960  O O   . HOH D 4 .   ? -3.592  -10.984 -10.546 0.97 20.76 ? 129 HOH A O   1 
HETATM 961  O O   . HOH D 4 .   ? 6.675   -8.271  -11.700 1.00 21.53 ? 130 HOH A O   1 
HETATM 962  O O   . HOH D 4 .   ? -0.901  -5.773  -13.188 0.86 18.81 ? 131 HOH A O   1 
HETATM 963  O O   . HOH D 4 .   ? -0.519  -5.281  -15.007 0.88 18.30 ? 132 HOH A O   1 
HETATM 964  O O   . HOH D 4 .   ? -2.637  -14.735 2.919   0.98 44.16 ? 133 HOH A O   1 
HETATM 965  O O   . HOH D 4 .   ? 8.268   -8.102  -5.890  1.00 38.03 ? 134 HOH A O   1 
HETATM 966  O O   . HOH D 4 .   ? 0.140   -2.305  -16.447 0.90 13.12 ? 135 HOH A O   1 
HETATM 967  O O   . HOH D 4 .   ? -6.039  -16.584 11.778  1.00 51.66 ? 136 HOH A O   1 
HETATM 968  O O   . HOH D 4 .   ? 4.075   -0.767  -11.468 0.74 26.20 ? 137 HOH A O   1 
HETATM 969  O O   . HOH D 4 .   ? -3.533  -2.876  5.426   1.00 17.58 ? 138 HOH A O   1 
HETATM 970  O O   . HOH D 4 .   ? 2.009   -10.308 7.125   1.00 32.27 ? 139 HOH A O   1 
HETATM 971  O O   . HOH D 4 .   ? -2.472  1.686   -11.454 1.00 9.35  ? 140 HOH A O   1 
HETATM 972  O O   . HOH D 4 .   ? 3.414   -9.729  9.074   0.92 32.26 ? 142 HOH A O   1 
HETATM 973  O O   . HOH D 4 .   ? -8.865  -1.042  -2.177  0.92 36.42 ? 143 HOH A O   1 
HETATM 974  O O   . HOH D 4 .   ? 12.813  -3.562  5.093   0.98 24.61 ? 144 HOH A O   1 
HETATM 975  O O   . HOH D 4 .   ? -6.453  -7.979  10.306  1.00 25.70 ? 145 HOH A O   1 
HETATM 976  O O   . HOH D 4 .   ? 4.751   -2.948  11.221  1.00 3.57  ? 146 HOH A O   1 
HETATM 977  O O   . HOH D 4 .   ? -4.375  0.982   -0.737  0.97 12.78 ? 147 HOH A O   1 
HETATM 978  O O   . HOH D 4 .   ? 8.885   -6.763  1.554   1.00 38.52 ? 148 HOH A O   1 
HETATM 979  O O   . HOH D 4 .   ? 13.408  -2.103  7.379   1.00 27.08 ? 149 HOH A O   1 
HETATM 980  O O   . HOH D 4 .   ? 2.007   -3.191  9.456   1.00 13.62 ? 151 HOH A O   1 
HETATM 981  O O   . HOH D 4 .   ? 14.194  1.507   1.182   0.83 16.89 ? 152 HOH A O   1 
HETATM 982  O O   . HOH D 4 .   ? -6.132  -0.777  0.305   0.95 45.68 ? 153 HOH A O   1 
HETATM 983  O O   . HOH D 4 .   ? 13.662  2.801   2.290   0.96 8.14  ? 155 HOH A O   1 
HETATM 984  O O   . HOH D 4 .   ? 0.733   7.529   -6.549  0.97 25.21 ? 156 HOH A O   1 
HETATM 985  O O   . HOH D 4 .   ? -2.143  -2.609  19.151  0.91 19.94 ? 157 HOH A O   1 
HETATM 986  O O   . HOH D 4 .   ? 10.328  7.638   6.676   0.90 11.46 ? 158 HOH A O   1 
HETATM 987  O O   . HOH D 4 .   ? -10.307 8.053   6.387   1.00 30.93 ? 159 HOH A O   1 
HETATM 988  O O   . HOH D 4 .   ? 9.952   10.630  4.530   1.00 28.42 ? 160 HOH A O   1 
HETATM 989  O O   . HOH D 4 .   ? 6.769   5.376   14.107  0.91 11.34 ? 161 HOH A O   1 
HETATM 990  O O   . HOH D 4 .   ? 4.639   15.587  3.599   1.00 45.05 ? 162 HOH A O   1 
HETATM 991  O O   . HOH D 4 .   ? 8.949   14.306  12.867  1.00 21.38 ? 163 HOH A O   1 
HETATM 992  O O   . HOH D 4 .   ? 2.999   16.620  12.851  0.87 20.22 ? 164 HOH A O   1 
HETATM 993  O O   . HOH D 4 .   ? 4.620   20.803  6.183   1.00 13.83 ? 165 HOH A O   1 
HETATM 994  O O   . HOH D 4 .   ? 2.723   20.935  12.456  0.94 37.20 ? 166 HOH A O   1 
HETATM 995  O O   . HOH D 4 .   ? 10.521  -7.942  -4.152  1.00 34.15 ? 167 HOH A O   1 
HETATM 996  O O   . HOH D 4 .   ? 0.575   5.283   -8.216  1.00 42.86 ? 168 HOH A O   1 
HETATM 997  O O   . HOH D 4 .   ? 16.176  1.502   6.633   0.92 18.48 ? 170 HOH A O   1 
HETATM 998  O O   . HOH D 4 .   ? 2.981   -1.331  18.292  1.00 38.63 ? 171 HOH A O   1 
HETATM 999  O O   . HOH D 4 .   ? 7.507   9.342   0.899   0.72 14.47 ? 172 HOH A O   1 
HETATM 1000 O O   . HOH D 4 .   ? -10.605 6.218   12.971  0.99 26.03 ? 173 HOH A O   1 
HETATM 1001 O O   . HOH D 4 .   ? -13.301 6.735   12.384  0.91 24.88 ? 174 HOH A O   1 
HETATM 1002 O O   . HOH D 4 .   ? -12.219 12.215  4.473   1.00 21.10 ? 175 HOH A O   1 
HETATM 1003 O O   . HOH D 4 .   ? 10.642  9.946   11.517  1.00 24.75 ? 176 HOH A O   1 
HETATM 1004 O O   . HOH D 4 .   ? -10.606 -19.789 -7.800  0.96 36.02 ? 178 HOH A O   1 
HETATM 1005 O O   . HOH D 4 .   ? 0.981   -12.755 -14.084 0.82 51.38 ? 179 HOH A O   1 
HETATM 1006 O O   . HOH D 4 .   ? -14.247 -7.435  -16.522 0.91 47.68 ? 180 HOH A O   1 
HETATM 1007 O O   . HOH D 4 .   ? -5.066  -13.768 4.662   0.94 29.92 ? 181 HOH A O   1 
HETATM 1008 O O   . HOH D 4 .   ? -1.703  -13.524 6.238   1.00 24.79 ? 182 HOH A O   1 
HETATM 1009 O O   . HOH D 4 .   ? -7.207  -8.825  1.397   1.00 39.18 ? 183 HOH A O   1 
HETATM 1010 O O   . HOH D 4 .   ? -7.919  -12.712 12.931  0.83 24.24 ? 184 HOH A O   1 
HETATM 1011 O O   . HOH D 4 .   ? -6.375  1.775   -1.874  1.00 21.36 ? 185 HOH A O   1 
HETATM 1012 O O   . HOH D 4 .   ? -4.169  2.157   -2.524  0.97 15.28 ? 186 HOH A O   1 
HETATM 1013 O O   . HOH D 4 .   ? -4.998  -6.289  16.060  1.00 36.01 ? 187 HOH A O   1 
HETATM 1014 O O   . HOH D 4 .   ? 12.575  6.325   -2.448  1.00 27.69 ? 188 HOH A O   1 
HETATM 1015 O O   . HOH D 4 .   ? 15.207  5.526   -0.727  0.81 19.91 ? 189 HOH A O   1 
HETATM 1016 O O   . HOH D 4 .   ? -6.254  -2.596  14.807  0.99 29.45 ? 190 HOH A O   1 
HETATM 1017 O O   . HOH D 4 .   ? 12.634  7.918   -0.327  1.00 26.18 ? 193 HOH A O   1 
HETATM 1018 O O   . HOH D 4 .   ? 10.716  12.570  -6.203  0.80 45.87 ? 194 HOH A O   1 
HETATM 1019 O O   . HOH D 4 .   ? -4.934  -0.485  17.474  0.98 40.50 ? 195 HOH A O   1 
HETATM 1020 O O   . HOH D 4 .   ? 6.465   2.902   13.141  0.91 24.04 ? 196 HOH A O   1 
HETATM 1021 O O   . HOH D 4 .   ? -13.714 8.803   13.702  0.88 27.89 ? 197 HOH A O   1 
HETATM 1022 O O   . HOH D 4 .   ? 7.746   17.357  1.774   1.00 28.25 ? 198 HOH A O   1 
HETATM 1023 O O   . HOH D 4 .   ? 4.053   10.659  15.620  1.00 27.73 ? 199 HOH A O   1 
HETATM 1024 O O   . HOH D 4 .   ? 0.890   18.655  12.890  1.00 40.75 ? 200 HOH A O   1 
HETATM 1025 O O   . HOH D 4 .   ? -0.799  16.982  15.669  1.00 43.23 ? 201 HOH A O   1 
HETATM 1026 O O   . HOH D 4 .   ? 4.862   -3.794  13.370  0.97 23.25 ? 202 HOH A O   1 
HETATM 1027 O O   . HOH D 4 .   ? -2.397  15.166  1.914   0.98 36.61 ? 203 HOH A O   1 
HETATM 1028 O O   . HOH D 4 .   ? -16.255 -14.396 -10.746 0.92 25.41 ? 204 HOH A O   1 
HETATM 1029 O O   . HOH D 4 .   ? 5.571   -9.613  -17.810 0.80 38.35 ? 205 HOH A O   1 
HETATM 1030 O O   . HOH D 4 .   ? -5.711  3.655   -7.751  0.89 54.91 ? 206 HOH A O   1 
HETATM 1031 O O   . HOH D 4 .   ? -7.911  -8.572  15.620  0.89 43.88 ? 207 HOH A O   1 
HETATM 1032 O O   . HOH D 4 .   ? 14.536  8.093   -1.906  0.92 30.68 ? 208 HOH A O   1 
HETATM 1033 O O   . HOH D 4 .   ? -17.769 -13.001 -11.999 0.84 17.49 ? 209 HOH A O   1 
HETATM 1034 O O   . HOH D 4 .   ? -5.348  -12.405 -9.482  1.00 37.18 ? 210 HOH A O   1 
HETATM 1035 O O   . HOH D 4 .   ? -15.914 -13.180 -6.633  1.00 39.45 ? 211 HOH A O   1 
HETATM 1036 O O   . HOH D 4 .   ? -0.641  5.811   -16.506 0.76 17.74 ? 212 HOH A O   1 
HETATM 1037 O O   . HOH D 4 .   ? 9.754   5.316   -9.159  0.97 22.74 ? 213 HOH A O   1 
HETATM 1038 O O   . HOH D 4 .   ? 1.508   -7.111  15.794  1.00 22.00 ? 214 HOH A O   1 
HETATM 1039 O O   . HOH D 4 .   ? 8.472   4.298   13.905  1.00 25.39 ? 217 HOH A O   1 
HETATM 1040 O O   . HOH D 4 .   ? -5.663  -16.069 -16.638 0.78 25.68 ? 219 HOH A O   1 
HETATM 1041 O O   . HOH D 4 .   ? 6.890   -11.223 -2.122  0.88 21.44 ? 221 HOH A O   1 
HETATM 1042 O O   . HOH D 4 .   ? 2.411   5.768   -7.697  1.00 48.19 ? 222 HOH A O   1 
HETATM 1043 O O   . HOH D 4 .   ? 10.586  15.396  -6.170  0.86 56.71 ? 224 HOH A O   1 
HETATM 1044 O O   . HOH D 4 .   ? 1.714   23.001  9.737   1.00 58.00 ? 225 HOH A O   1 
HETATM 1045 O O   . HOH D 4 .   ? -8.719  -14.790 -17.646 1.00 52.39 ? 226 HOH A O   1 
HETATM 1046 O O   . HOH D 4 .   ? 4.813   -12.011 -6.703  1.00 41.71 ? 227 HOH A O   1 
HETATM 1047 O O   . HOH D 4 .   ? -8.967  -18.865 -4.735  0.98 28.98 ? 228 HOH A O   1 
HETATM 1048 O O   . HOH D 4 .   ? 6.816   0.819   -10.422 0.85 25.69 ? 229 HOH A O   1 
HETATM 1049 O O   . HOH D 4 .   ? -0.499  -3.328  21.843  1.00 45.13 ? 231 HOH A O   1 
HETATM 1050 O O   . HOH D 4 .   ? -13.726 6.033   7.098   0.90 46.72 ? 232 HOH A O   1 
HETATM 1051 O O   . HOH D 4 .   ? -8.334  14.694  13.707  0.75 30.00 ? 233 HOH A O   1 
HETATM 1052 O O   . HOH D 4 .   ? -12.346 -18.169 -16.531 0.90 44.97 ? 234 HOH A O   1 
HETATM 1053 O O   . HOH D 4 .   ? 0.191   -6.529  -18.848 1.00 36.09 ? 236 HOH A O   1 
HETATM 1054 O O   . HOH D 4 .   ? 4.472   -11.648 -2.747  0.93 33.31 ? 241 HOH A O   1 
HETATM 1055 O O   . HOH D 4 .   ? 12.732  -6.748  -9.067  0.78 41.67 ? 242 HOH A O   1 
HETATM 1056 O O   . HOH D 4 .   ? -7.358  -1.324  12.550  1.00 50.59 ? 255 HOH A O   1 
HETATM 1057 O O   . HOH D 4 .   ? 12.130  0.621   13.181  0.95 36.67 ? 259 HOH A O   1 
HETATM 1058 O O   . HOH D 4 .   ? 2.201   9.066   16.206  0.91 38.94 ? 264 HOH A O   1 
HETATM 1059 O O   . HOH D 4 .   ? -0.433  18.980  10.710  0.89 42.51 ? 266 HOH A O   1 
HETATM 1060 O O   . HOH D 4 .   ? 5.266   -13.684 -1.629  1.00 34.46 ? 269 HOH A O   1 
HETATM 1061 O O   . HOH D 4 .   ? -11.055 -8.983  -1.974  1.00 44.39 ? 276 HOH A O   1 
HETATM 1062 O O   . HOH D 4 .   ? -1.871  -12.502 1.613   0.93 48.56 ? 277 HOH A O   1 
HETATM 1063 O O   . HOH D 4 .   ? 2.013   -2.618  -6.929  0.69 57.37 ? 280 HOH A O   1 
HETATM 1064 O O   . HOH D 4 .   ? -8.749  -6.559  3.492   0.61 37.11 ? 283 HOH A O   1 
HETATM 1065 O O   . HOH D 4 .   ? 7.939   2.012   -4.369  0.71 19.63 ? 288 HOH A O   1 
HETATM 1066 O O   . HOH D 4 .   ? -12.777 3.774   6.736   0.76 27.21 ? 297 HOH A O   1 
HETATM 1067 O O   . HOH D 4 .   ? 8.724   19.880  -9.330  0.94 49.65 ? 302 HOH A O   1 
HETATM 1068 O O   . HOH D 4 .   ? -0.132  18.579  7.030   0.95 60.08 ? 306 HOH A O   1 
HETATM 1069 O O   . HOH D 4 .   ? -8.117  -3.397  -20.304 0.83 36.39 ? 311 HOH A O   1 
HETATM 1070 O O   . HOH D 4 .   ? -9.121  -10.484 -2.419  0.90 28.82 ? 314 HOH A O   1 
HETATM 1071 O O   . HOH D 4 .   ? 6.010   -0.709  -13.932 0.88 37.41 ? 315 HOH A O   1 
HETATM 1072 O O   . HOH D 4 .   ? -8.712  -9.253  3.544   0.43 9.98  ? 316 HOH A O   1 
HETATM 1073 O O   . HOH D 4 .   ? 15.865  -1.447  7.297   0.81 45.75 ? 332 HOH A O   1 
HETATM 1074 O O   . HOH D 4 .   ? 16.887  1.581   1.113   1.00 50.25 ? 333 HOH A O   1 
HETATM 1075 O O   . HOH D 4 .   ? 11.130  3.666   2.626   1.00 25.70 ? 335 HOH A O   1 
HETATM 1076 O O   . HOH D 4 .   ? -15.337 2.594   5.939   0.86 41.28 ? 339 HOH A O   1 
HETATM 1077 O O   . HOH D 4 .   ? 1.129   -1.102  20.364  1.00 38.55 ? 347 HOH A O   1 
HETATM 1078 O O   . HOH D 4 .   ? 10.231  23.110  -9.440  0.95 36.48 ? 350 HOH A O   1 
HETATM 1079 O O   . HOH D 4 .   ? -4.596  -17.603 -15.606 0.75 3.25  ? 351 HOH A O   1 
HETATM 1080 O O   . HOH D 4 .   ? -17.460 -14.738 -13.037 1.00 50.52 ? 352 HOH A O   1 
HETATM 1081 O O   . HOH E 4 .   ? -4.448  -2.998  8.620   0.94 6.90  ? 150 HOH B O   1 
HETATM 1082 O O   . HOH E 4 .   ? 2.627   -2.070  10.318  0.92 11.45 ? 154 HOH B O   1 
HETATM 1083 O O   . HOH E 4 .   ? -6.946  4.142   5.249   1.00 38.72 ? 191 HOH B O   1 
HETATM 1084 O O   . HOH E 4 .   ? 1.764   10.114  -3.290  0.67 16.88 ? 216 HOH B O   1 
HETATM 1085 O O   . HOH E 4 .   ? -2.850  10.112  15.597  0.90 45.20 ? 218 HOH B O   1 
HETATM 1086 O O   . HOH E 4 .   ? -7.412  2.384   3.460   1.00 45.53 ? 223 HOH B O   1 
HETATM 1087 O O   . HOH E 4 .   ? -4.252  4.166   -1.124  0.89 46.90 ? 293 HOH B O   1 
HETATM 1088 O O   . HOH E 4 .   ? 6.503   3.570   14.903  0.78 28.64 ? 301 HOH B O   1 
HETATM 1089 O O   . HOH E 4 .   ? 1.734   0.102   15.939  0.96 50.89 ? 346 HOH B O   1 
# 
